data_4D44
#
_entry.id   4D44
#
_cell.length_a   89.970
_cell.length_b   94.740
_cell.length_c   94.800
_cell.angle_alpha   98.06
_cell.angle_beta   97.38
_cell.angle_gamma   112.18
#
_symmetry.space_group_name_H-M   'P 1'
#
loop_
_entity.id
_entity.type
_entity.pdbx_description
1 polymer 'ENOYL-[ACYL-CARRIER-PROTEIN] REDUCTASE [NADPH]'
2 non-polymer 'NADP NICOTINAMIDE-ADENINE-DINUCLEOTIDE PHOSPHATE'
3 non-polymer (4R)-2-METHYLPENTANE-2,4-DIOL
4 non-polymer 5-ethyl-4-fluoro-2-[(2-fluoropyridin-3-yl)oxy]phenol
5 non-polymer 'GLUTAMIC ACID'
6 water water
#
_entity_poly.entity_id   1
_entity_poly.type   'polypeptide(L)'
_entity_poly.pdbx_seq_one_letter_code
;MKHHHHHHPMSDYDIPTTENLYFQGAMVNLENKTYVIMGIANKRSIAFGVAKVLDQLGAKLVFTYRKERSRKELEKLLEQ
LNQPEAHLYQIDVQSDEEVINGFEQIGKDVGNIDGVYHSIAFANMEDLRGRFSETSREGFLLAQDISSYSLTIVAHEAKK
LMPEGGSIVATTYLGGEFAVQNYNVMGVAKASLEANVKYLALDLGPDNIRVNAISAGPIRTLSAKGVGGFNTILKEIEER
APLKRNVDQVEVGKTAAYLLSDLSSGVTGENIHVDSGFHAIK
;
_entity_poly.pdbx_strand_id   A,B,C,D,E,F,G,H
#
# COMPACT_ATOMS: atom_id res chain seq x y z
N ASN A 29 26.90 6.48 26.28
CA ASN A 29 27.98 5.74 25.56
C ASN A 29 27.84 4.21 25.62
N LEU A 30 27.77 3.58 24.46
CA LEU A 30 27.47 2.17 24.39
C LEU A 30 28.64 1.34 23.83
N GLU A 31 29.86 1.83 23.96
CA GLU A 31 31.00 1.02 23.57
C GLU A 31 31.00 -0.23 24.43
N ASN A 32 31.46 -1.34 23.86
CA ASN A 32 31.42 -2.62 24.57
C ASN A 32 30.03 -3.16 24.89
N LYS A 33 28.97 -2.51 24.39
CA LYS A 33 27.64 -3.12 24.38
C LYS A 33 27.35 -3.78 23.03
N THR A 34 26.48 -4.80 23.02
CA THR A 34 26.04 -5.45 21.79
C THR A 34 24.54 -5.56 21.82
N TYR A 35 23.91 -5.15 20.70
CA TYR A 35 22.44 -5.20 20.59
C TYR A 35 22.04 -5.93 19.33
N VAL A 36 20.96 -6.69 19.41
CA VAL A 36 20.37 -7.29 18.21
C VAL A 36 19.20 -6.43 17.77
N ILE A 37 19.20 -5.99 16.51
CA ILE A 37 18.13 -5.19 15.94
C ILE A 37 17.38 -6.06 14.95
N MET A 38 16.07 -6.25 15.19
CA MET A 38 15.26 -7.10 14.33
C MET A 38 14.24 -6.27 13.59
N GLY A 39 14.22 -6.38 12.27
CA GLY A 39 13.19 -5.71 11.47
C GLY A 39 13.63 -4.52 10.63
N ILE A 40 14.90 -4.45 10.22
CA ILE A 40 15.20 -3.48 9.15
C ILE A 40 14.82 -4.09 7.80
N ALA A 41 14.02 -3.37 7.01
CA ALA A 41 13.78 -3.72 5.60
C ALA A 41 14.50 -2.77 4.63
N ASN A 42 14.56 -1.47 4.97
CA ASN A 42 15.16 -0.50 4.06
C ASN A 42 15.52 0.75 4.86
N LYS A 43 15.92 1.82 4.17
CA LYS A 43 16.49 2.97 4.88
C LYS A 43 15.40 3.70 5.69
N ARG A 44 14.11 3.49 5.35
CA ARG A 44 13.05 4.17 6.10
CA ARG A 44 13.02 4.14 6.05
C ARG A 44 12.58 3.34 7.29
N SER A 45 13.03 2.11 7.42
CA SER A 45 12.59 1.34 8.58
C SER A 45 12.85 2.08 9.90
N ILE A 46 11.90 2.00 10.84
CA ILE A 46 12.13 2.56 12.19
C ILE A 46 13.41 1.95 12.76
N ALA A 47 13.57 0.64 12.53
CA ALA A 47 14.75 -0.03 13.13
C ALA A 47 16.08 0.50 12.59
N PHE A 48 16.10 1.06 11.36
CA PHE A 48 17.33 1.68 10.88
C PHE A 48 17.61 3.02 11.57
N GLY A 49 16.58 3.74 12.01
CA GLY A 49 16.81 4.92 12.86
C GLY A 49 17.43 4.49 14.18
N VAL A 50 16.94 3.39 14.73
CA VAL A 50 17.51 2.84 15.94
C VAL A 50 18.97 2.44 15.66
N ALA A 51 19.22 1.70 14.58
CA ALA A 51 20.61 1.31 14.23
C ALA A 51 21.55 2.52 14.16
N LYS A 52 21.15 3.58 13.45
CA LYS A 52 22.05 4.71 13.28
C LYS A 52 22.45 5.33 14.61
N VAL A 53 21.47 5.44 15.52
CA VAL A 53 21.76 6.07 16.81
C VAL A 53 22.71 5.20 17.62
N LEU A 54 22.38 3.92 17.75
CA LEU A 54 23.18 3.00 18.55
C LEU A 54 24.59 2.94 17.97
N ASP A 55 24.70 2.90 16.65
CA ASP A 55 25.99 2.83 15.99
C ASP A 55 26.80 4.09 16.34
N GLN A 56 26.14 5.24 16.31
CA GLN A 56 26.79 6.53 16.59
C GLN A 56 27.31 6.55 18.01
N LEU A 57 26.62 5.83 18.89
CA LEU A 57 26.96 5.76 20.30
C LEU A 57 27.97 4.66 20.62
N GLY A 58 28.44 3.95 19.59
CA GLY A 58 29.58 3.03 19.76
C GLY A 58 29.22 1.55 19.94
N ALA A 59 27.93 1.21 19.90
CA ALA A 59 27.49 -0.16 20.10
C ALA A 59 27.93 -1.03 18.94
N LYS A 60 28.18 -2.31 19.23
CA LYS A 60 28.26 -3.37 18.23
C LYS A 60 26.86 -3.89 17.95
N LEU A 61 26.51 -3.96 16.66
CA LEU A 61 25.15 -4.32 16.26
C LEU A 61 25.08 -5.64 15.45
N VAL A 62 24.02 -6.42 15.69
CA VAL A 62 23.72 -7.62 14.95
C VAL A 62 22.32 -7.39 14.40
N PHE A 63 22.07 -7.80 13.16
CA PHE A 63 20.79 -7.52 12.50
C PHE A 63 20.12 -8.80 12.13
N THR A 64 18.78 -8.84 12.26
CA THR A 64 18.08 -10.00 11.75
C THR A 64 17.06 -9.54 10.72
N TYR A 65 16.79 -10.40 9.74
CA TYR A 65 15.85 -10.07 8.66
C TYR A 65 15.03 -11.29 8.26
N ARG A 66 13.99 -11.08 7.47
CA ARG A 66 13.18 -12.17 6.95
C ARG A 66 13.47 -12.32 5.45
N LYS A 67 13.15 -11.30 4.66
CA LYS A 67 13.23 -11.46 3.21
C LYS A 67 14.65 -11.29 2.69
N GLU A 68 14.99 -11.99 1.60
CA GLU A 68 16.27 -11.81 0.94
CA GLU A 68 16.32 -11.79 1.05
C GLU A 68 16.51 -10.33 0.63
N ARG A 69 15.46 -9.65 0.18
CA ARG A 69 15.63 -8.25 -0.28
C ARG A 69 16.06 -7.40 0.91
N SER A 70 15.55 -7.75 2.10
CA SER A 70 15.95 -7.03 3.31
C SER A 70 17.43 -7.22 3.67
N ARG A 71 17.94 -8.43 3.51
CA ARG A 71 19.38 -8.65 3.70
C ARG A 71 20.19 -7.78 2.75
N LYS A 72 19.77 -7.74 1.48
CA LYS A 72 20.46 -6.90 0.48
C LYS A 72 20.44 -5.42 0.88
N GLU A 73 19.30 -4.92 1.37
CA GLU A 73 19.29 -3.54 1.84
C GLU A 73 20.23 -3.33 3.03
N LEU A 74 20.18 -4.25 3.99
CA LEU A 74 21.09 -4.24 5.12
C LEU A 74 22.53 -4.16 4.68
N GLU A 75 22.90 -4.95 3.68
CA GLU A 75 24.28 -4.91 3.21
C GLU A 75 24.65 -3.51 2.70
N LYS A 76 23.73 -2.87 1.99
CA LYS A 76 23.94 -1.52 1.47
C LYS A 76 23.96 -0.51 2.63
N LEU A 77 23.10 -0.71 3.63
CA LEU A 77 22.94 0.29 4.67
C LEU A 77 24.11 0.25 5.68
N LEU A 78 24.76 -0.90 5.79
CA LEU A 78 25.90 -1.02 6.69
C LEU A 78 27.09 -0.16 6.26
N GLU A 79 27.16 0.19 4.99
CA GLU A 79 28.18 1.15 4.52
C GLU A 79 28.05 2.56 5.11
N GLN A 80 26.86 2.95 5.55
CA GLN A 80 26.69 4.21 6.30
C GLN A 80 26.97 4.10 7.79
N LEU A 81 27.13 2.89 8.32
CA LEU A 81 27.40 2.72 9.76
C LEU A 81 28.89 2.52 10.02
N ASN A 82 29.25 2.57 11.30
CA ASN A 82 30.63 2.38 11.70
C ASN A 82 30.86 0.96 12.16
N GLN A 83 30.08 0.00 11.67
CA GLN A 83 30.25 -1.34 12.16
C GLN A 83 31.39 -1.96 11.38
N PRO A 84 32.42 -2.52 12.05
CA PRO A 84 33.52 -3.07 11.26
C PRO A 84 33.22 -4.44 10.64
N GLU A 85 32.19 -5.13 11.15
CA GLU A 85 31.73 -6.42 10.60
C GLU A 85 30.23 -6.44 10.40
N ALA A 86 29.77 -7.07 9.32
CA ALA A 86 28.34 -7.31 9.09
C ALA A 86 27.93 -8.58 9.83
N HIS A 87 27.07 -8.47 10.85
CA HIS A 87 26.54 -9.68 11.51
C HIS A 87 25.08 -9.82 11.16
N LEU A 88 24.74 -10.57 10.11
CA LEU A 88 23.36 -10.59 9.58
C LEU A 88 22.80 -12.01 9.68
N TYR A 89 21.56 -12.16 10.17
CA TYR A 89 20.96 -13.48 10.37
C TYR A 89 19.53 -13.45 9.88
N GLN A 90 19.14 -14.49 9.14
CA GLN A 90 17.78 -14.58 8.66
C GLN A 90 16.95 -15.23 9.77
N ILE A 91 15.96 -14.49 10.28
CA ILE A 91 15.04 -15.05 11.25
C ILE A 91 13.64 -14.63 10.89
N ASP A 92 12.87 -15.59 10.42
CA ASP A 92 11.42 -15.41 10.28
C ASP A 92 10.80 -15.83 11.61
N VAL A 93 10.25 -14.85 12.32
CA VAL A 93 9.75 -15.09 13.66
C VAL A 93 8.51 -15.99 13.70
N GLN A 94 7.93 -16.33 12.54
CA GLN A 94 6.91 -17.39 12.49
C GLN A 94 7.46 -18.78 12.82
N SER A 95 8.79 -18.94 12.74
CA SER A 95 9.39 -20.26 12.96
C SER A 95 10.14 -20.30 14.29
N ASP A 96 9.74 -21.17 15.21
CA ASP A 96 10.45 -21.35 16.47
C ASP A 96 11.89 -21.76 16.15
N GLU A 97 12.08 -22.74 15.27
CA GLU A 97 13.44 -23.22 14.95
C GLU A 97 14.32 -22.06 14.47
N GLU A 98 13.78 -21.16 13.66
CA GLU A 98 14.61 -20.05 13.17
C GLU A 98 15.01 -19.09 14.30
N VAL A 99 14.09 -18.81 15.22
CA VAL A 99 14.42 -17.91 16.31
C VAL A 99 15.42 -18.58 17.24
N ILE A 100 15.15 -19.84 17.58
CA ILE A 100 16.03 -20.60 18.48
C ILE A 100 17.42 -20.70 17.84
N ASN A 101 17.49 -21.15 16.60
CA ASN A 101 18.82 -21.37 16.00
C ASN A 101 19.51 -20.05 15.66
N GLY A 102 18.73 -19.02 15.35
CA GLY A 102 19.28 -17.69 15.08
C GLY A 102 19.99 -17.09 16.28
N PHE A 103 19.29 -17.06 17.41
CA PHE A 103 19.91 -16.56 18.63
C PHE A 103 21.04 -17.48 19.08
N GLU A 104 20.86 -18.79 18.94
CA GLU A 104 21.98 -19.65 19.31
C GLU A 104 23.21 -19.22 18.52
N GLN A 105 23.04 -19.05 17.20
CA GLN A 105 24.19 -18.71 16.35
C GLN A 105 24.76 -17.32 16.67
N ILE A 106 23.90 -16.35 16.97
CA ILE A 106 24.39 -15.05 17.42
C ILE A 106 25.31 -15.18 18.64
N GLY A 107 24.90 -15.95 19.63
CA GLY A 107 25.74 -16.13 20.84
C GLY A 107 27.05 -16.81 20.49
N LYS A 108 27.05 -17.75 19.56
CA LYS A 108 28.32 -18.35 19.16
C LYS A 108 29.24 -17.35 18.43
N ASP A 109 28.64 -16.47 17.64
CA ASP A 109 29.38 -15.53 16.80
C ASP A 109 29.84 -14.30 17.57
N VAL A 110 28.99 -13.74 18.42
CA VAL A 110 29.37 -12.48 19.09
C VAL A 110 29.43 -12.58 20.62
N GLY A 111 28.95 -13.65 21.20
CA GLY A 111 28.91 -13.74 22.67
C GLY A 111 27.63 -13.19 23.28
N ASN A 112 27.70 -12.91 24.57
CA ASN A 112 26.54 -12.39 25.27
C ASN A 112 26.13 -11.01 24.73
N ILE A 113 24.85 -10.71 24.79
CA ILE A 113 24.40 -9.42 24.26
C ILE A 113 23.83 -8.58 25.38
N ASP A 114 23.55 -7.30 25.11
CA ASP A 114 23.01 -6.46 26.15
C ASP A 114 21.57 -6.12 25.92
N GLY A 115 21.07 -6.36 24.71
CA GLY A 115 19.64 -6.09 24.50
C GLY A 115 19.18 -6.38 23.09
N VAL A 116 17.87 -6.28 22.90
CA VAL A 116 17.20 -6.60 21.63
C VAL A 116 16.28 -5.44 21.33
N TYR A 117 16.33 -4.96 20.08
CA TYR A 117 15.27 -4.05 19.61
C TYR A 117 14.38 -4.82 18.64
N HIS A 118 13.11 -4.94 18.98
CA HIS A 118 12.12 -5.68 18.17
C HIS A 118 11.29 -4.66 17.39
N SER A 119 11.35 -4.75 16.06
CA SER A 119 10.67 -3.80 15.20
C SER A 119 9.92 -4.57 14.10
N ILE A 120 9.10 -5.53 14.53
CA ILE A 120 8.48 -6.49 13.57
C ILE A 120 6.96 -6.52 13.77
N ALA A 121 6.23 -6.35 12.67
CA ALA A 121 4.79 -6.60 12.71
C ALA A 121 4.36 -6.97 11.32
N PHE A 122 3.18 -7.54 11.20
CA PHE A 122 2.67 -7.82 9.86
C PHE A 122 1.15 -8.00 9.98
N ALA A 123 0.45 -7.63 8.93
CA ALA A 123 -0.97 -8.04 8.82
C ALA A 123 -1.26 -8.06 7.33
N ASN A 124 -2.27 -8.83 6.91
CA ASN A 124 -2.67 -8.80 5.50
C ASN A 124 -3.31 -7.48 5.20
N MET A 125 -3.10 -7.00 3.97
N MET A 125 -3.02 -7.01 3.99
CA MET A 125 -3.52 -5.66 3.57
CA MET A 125 -3.78 -5.93 3.38
C MET A 125 -4.98 -5.33 3.87
C MET A 125 -5.25 -6.26 3.46
N GLU A 126 -5.85 -6.26 3.56
N GLU A 126 -5.53 -7.48 3.03
CA GLU A 126 -7.28 -6.02 3.65
CA GLU A 126 -6.84 -8.07 2.99
C GLU A 126 -7.74 -5.91 5.12
C GLU A 126 -7.69 -7.89 4.27
N ASP A 127 -6.82 -6.11 6.07
N ASP A 127 -7.14 -8.19 5.43
CA ASP A 127 -7.15 -6.00 7.49
CA ASP A 127 -7.86 -7.90 6.66
C ASP A 127 -6.69 -4.66 8.10
C ASP A 127 -7.74 -6.43 7.08
N LEU A 128 -6.29 -3.74 7.22
N LEU A 128 -6.54 -5.85 6.98
CA LEU A 128 -5.82 -2.40 7.58
CA LEU A 128 -6.39 -4.42 7.33
C LEU A 128 -6.62 -1.25 6.97
C LEU A 128 -7.38 -3.49 6.59
N ARG A 129 -7.89 -1.55 6.67
N ARG A 129 -7.51 -3.72 5.30
CA ARG A 129 -8.86 -0.64 6.06
CA ARG A 129 -8.33 -2.89 4.41
C ARG A 129 -10.24 -1.28 6.18
C ARG A 129 -9.72 -3.49 4.23
N GLY A 130 -11.30 -0.57 5.83
N GLY A 130 -10.35 -3.78 5.35
CA GLY A 130 -12.67 -1.09 5.98
CA GLY A 130 -11.71 -4.29 5.42
C GLY A 130 -13.03 -1.53 7.40
C GLY A 130 -12.18 -3.90 6.80
N ARG A 131 -13.90 -2.54 7.49
N ARG A 131 -13.48 -4.02 7.05
CA ARG A 131 -14.60 -2.89 8.72
CA ARG A 131 -14.11 -3.52 8.27
C ARG A 131 -13.90 -4.04 9.44
C ARG A 131 -13.55 -4.30 9.43
N PHE A 132 -13.43 -3.73 10.63
CA PHE A 132 -12.79 -4.65 11.59
C PHE A 132 -13.64 -5.92 11.84
N SER A 133 -14.96 -5.75 11.92
CA SER A 133 -15.86 -6.89 12.23
C SER A 133 -15.77 -8.00 11.15
N GLU A 134 -15.21 -7.69 9.97
CA GLU A 134 -15.09 -8.67 8.89
C GLU A 134 -13.71 -9.38 8.89
N THR A 135 -12.85 -9.08 9.88
CA THR A 135 -11.53 -9.71 10.00
C THR A 135 -11.64 -11.26 10.01
N SER A 136 -10.82 -11.92 9.20
CA SER A 136 -10.78 -13.39 9.13
C SER A 136 -10.04 -13.93 10.33
N ARG A 137 -10.37 -15.16 10.71
CA ARG A 137 -9.64 -15.80 11.81
C ARG A 137 -8.15 -15.92 11.47
N GLU A 138 -7.85 -16.31 10.25
CA GLU A 138 -6.45 -16.59 9.90
C GLU A 138 -5.66 -15.26 9.86
N GLY A 139 -6.32 -14.19 9.45
CA GLY A 139 -5.65 -12.89 9.46
C GLY A 139 -5.41 -12.34 10.85
N PHE A 140 -6.37 -12.57 11.74
CA PHE A 140 -6.26 -12.11 13.13
C PHE A 140 -5.11 -12.85 13.79
N LEU A 141 -5.06 -14.16 13.57
CA LEU A 141 -4.04 -14.97 14.25
C LEU A 141 -2.66 -14.74 13.63
N LEU A 142 -2.60 -14.50 12.31
CA LEU A 142 -1.33 -14.16 11.65
C LEU A 142 -0.74 -12.90 12.30
N ALA A 143 -1.56 -11.86 12.45
CA ALA A 143 -1.07 -10.61 13.02
C ALA A 143 -0.64 -10.80 14.48
N GLN A 144 -1.36 -11.62 15.24
CA GLN A 144 -0.95 -11.91 16.65
C GLN A 144 0.38 -12.65 16.70
N ASP A 145 0.53 -13.64 15.82
CA ASP A 145 1.72 -14.49 15.80
C ASP A 145 2.99 -13.64 15.52
N ILE A 146 2.97 -12.86 14.43
CA ILE A 146 4.15 -12.13 14.01
C ILE A 146 4.35 -10.90 14.89
N SER A 147 3.25 -10.24 15.27
CA SER A 147 3.40 -8.92 15.87
C SER A 147 3.42 -8.94 17.39
N SER A 148 2.94 -10.04 17.98
CA SER A 148 2.90 -10.13 19.44
C SER A 148 3.62 -11.35 19.99
N TYR A 149 3.24 -12.54 19.54
CA TYR A 149 3.88 -13.72 20.10
C TYR A 149 5.36 -13.71 19.82
N SER A 150 5.76 -13.17 18.66
CA SER A 150 7.20 -13.13 18.35
C SER A 150 8.03 -12.49 19.46
N LEU A 151 7.52 -11.46 20.12
CA LEU A 151 8.32 -10.91 21.22
C LEU A 151 8.62 -11.93 22.34
N THR A 152 7.63 -12.77 22.66
CA THR A 152 7.76 -13.74 23.76
C THR A 152 8.89 -14.74 23.49
N ILE A 153 8.81 -15.36 22.33
CA ILE A 153 9.82 -16.36 21.96
C ILE A 153 11.20 -15.68 21.80
N VAL A 154 11.23 -14.49 21.21
CA VAL A 154 12.50 -13.76 21.10
C VAL A 154 13.08 -13.49 22.49
N ALA A 155 12.22 -13.08 23.43
CA ALA A 155 12.69 -12.81 24.77
C ALA A 155 13.25 -14.08 25.43
N HIS A 156 12.52 -15.18 25.27
CA HIS A 156 12.96 -16.47 25.78
C HIS A 156 14.34 -16.88 25.28
N GLU A 157 14.57 -16.72 23.98
CA GLU A 157 15.85 -17.12 23.39
C GLU A 157 16.96 -16.12 23.72
N ALA A 158 16.60 -14.84 23.71
CA ALA A 158 17.61 -13.78 23.95
C ALA A 158 18.07 -13.76 25.40
N LYS A 159 17.18 -14.14 26.32
CA LYS A 159 17.55 -14.23 27.75
C LYS A 159 18.75 -15.19 27.93
N LYS A 160 18.90 -16.19 27.07
CA LYS A 160 20.05 -17.11 27.20
C LYS A 160 21.42 -16.43 27.01
N LEU A 161 21.42 -15.33 26.27
CA LEU A 161 22.59 -14.52 25.97
C LEU A 161 22.71 -13.32 26.90
N MET A 162 21.84 -13.22 27.90
CA MET A 162 21.89 -12.07 28.80
C MET A 162 21.99 -12.55 30.26
N PRO A 163 23.03 -13.31 30.60
CA PRO A 163 23.05 -13.81 31.97
C PRO A 163 23.23 -12.76 33.08
N GLU A 164 23.84 -11.61 32.80
CA GLU A 164 23.85 -10.55 33.79
C GLU A 164 22.74 -9.51 33.64
N GLY A 165 21.79 -9.79 32.75
CA GLY A 165 20.66 -8.86 32.55
C GLY A 165 20.79 -8.15 31.21
N GLY A 166 19.81 -7.32 30.91
CA GLY A 166 19.77 -6.66 29.63
C GLY A 166 18.43 -5.95 29.44
N SER A 167 18.18 -5.53 28.21
CA SER A 167 17.06 -4.63 27.99
C SER A 167 16.42 -5.02 26.66
N ILE A 168 15.09 -5.16 26.61
CA ILE A 168 14.44 -5.54 25.38
C ILE A 168 13.35 -4.49 25.10
N VAL A 169 13.31 -3.98 23.87
CA VAL A 169 12.37 -2.93 23.53
C VAL A 169 11.59 -3.36 22.29
N ALA A 170 10.26 -3.20 22.32
CA ALA A 170 9.42 -3.45 21.14
C ALA A 170 8.72 -2.17 20.68
N THR A 171 8.22 -2.16 19.45
CA THR A 171 7.75 -0.92 18.83
C THR A 171 6.24 -1.07 18.66
N THR A 172 5.52 -0.16 19.30
CA THR A 172 4.06 -0.24 19.26
C THR A 172 3.49 1.07 18.70
N TYR A 173 2.16 1.18 18.66
CA TYR A 173 1.48 2.36 18.13
C TYR A 173 0.25 2.58 19.00
N LEU A 174 -0.17 3.85 19.09
CA LEU A 174 -1.31 4.30 19.90
C LEU A 174 -2.60 3.55 19.57
N GLY A 175 -2.68 2.98 18.36
CA GLY A 175 -3.80 2.11 17.99
C GLY A 175 -3.92 0.87 18.91
N GLY A 176 -2.89 0.51 19.67
CA GLY A 176 -3.03 -0.61 20.66
C GLY A 176 -3.76 -0.15 21.90
N GLU A 177 -3.88 1.16 22.11
CA GLU A 177 -4.54 1.76 23.28
C GLU A 177 -5.95 2.30 23.04
N PHE A 178 -6.24 2.72 21.81
CA PHE A 178 -7.48 3.37 21.42
C PHE A 178 -7.84 2.80 20.09
N ALA A 179 -9.12 2.78 19.71
CA ALA A 179 -9.44 2.36 18.38
C ALA A 179 -9.16 3.52 17.42
N VAL A 180 -8.30 3.28 16.43
CA VAL A 180 -7.97 4.28 15.41
C VAL A 180 -8.57 3.80 14.11
N GLN A 181 -9.19 4.64 13.27
CA GLN A 181 -9.77 4.11 12.02
CA GLN A 181 -9.70 4.24 11.96
C GLN A 181 -8.68 3.43 11.16
N ASN A 182 -9.08 2.32 10.55
CA ASN A 182 -8.32 1.55 9.57
C ASN A 182 -7.23 0.66 10.19
N TYR A 183 -6.78 0.93 11.40
CA TYR A 183 -5.62 0.18 11.92
C TYR A 183 -6.07 -1.22 12.31
N ASN A 184 -7.36 -1.33 12.66
CA ASN A 184 -8.11 -2.59 12.73
C ASN A 184 -7.32 -3.76 13.36
N VAL A 185 -7.05 -4.85 12.63
CA VAL A 185 -6.47 -6.04 13.22
C VAL A 185 -5.13 -5.72 13.86
N MET A 186 -4.41 -4.71 13.38
CA MET A 186 -3.10 -4.43 14.02
C MET A 186 -3.26 -3.71 15.38
N GLY A 187 -4.37 -3.02 15.57
CA GLY A 187 -4.54 -2.34 16.87
C GLY A 187 -4.73 -3.44 17.89
N VAL A 188 -5.43 -4.52 17.56
CA VAL A 188 -5.65 -5.57 18.57
C VAL A 188 -4.32 -6.30 18.76
N ALA A 189 -3.56 -6.49 17.68
CA ALA A 189 -2.20 -7.06 17.84
C ALA A 189 -1.28 -6.17 18.66
N LYS A 190 -1.41 -4.86 18.55
CA LYS A 190 -0.54 -4.03 19.40
C LYS A 190 -0.99 -4.03 20.89
N ALA A 191 -2.28 -4.10 21.12
CA ALA A 191 -2.73 -4.22 22.51
C ALA A 191 -2.17 -5.50 23.10
N SER A 192 -2.19 -6.58 22.31
CA SER A 192 -1.60 -7.84 22.74
C SER A 192 -0.09 -7.66 23.00
N LEU A 193 0.63 -6.98 22.09
CA LEU A 193 2.08 -6.73 22.26
C LEU A 193 2.33 -5.94 23.53
N GLU A 194 1.54 -4.87 23.77
CA GLU A 194 1.76 -4.06 24.96
C GLU A 194 1.53 -4.87 26.26
N ALA A 195 0.53 -5.75 26.27
CA ALA A 195 0.39 -6.62 27.47
C ALA A 195 1.57 -7.57 27.57
N ASN A 196 2.00 -8.11 26.42
CA ASN A 196 3.18 -9.02 26.36
C ASN A 196 4.42 -8.39 27.01
N VAL A 197 4.61 -7.10 26.73
CA VAL A 197 5.71 -6.35 27.33
C VAL A 197 5.58 -6.33 28.86
N LYS A 198 4.39 -6.10 29.39
CA LYS A 198 4.20 -6.06 30.85
C LYS A 198 4.40 -7.43 31.46
N TYR A 199 3.81 -8.47 30.86
CA TYR A 199 4.02 -9.84 31.36
C TYR A 199 5.48 -10.32 31.30
N LEU A 200 6.17 -10.02 30.19
CA LEU A 200 7.62 -10.27 30.15
C LEU A 200 8.34 -9.46 31.20
N ALA A 201 7.96 -8.19 31.37
CA ALA A 201 8.69 -7.40 32.38
C ALA A 201 8.65 -8.05 33.78
N LEU A 202 7.47 -8.50 34.15
CA LEU A 202 7.23 -9.14 35.43
C LEU A 202 8.02 -10.46 35.50
N ASP A 203 7.99 -11.25 34.44
CA ASP A 203 8.63 -12.58 34.45
C ASP A 203 10.17 -12.45 34.53
N LEU A 204 10.70 -11.52 33.72
CA LEU A 204 12.17 -11.47 33.47
C LEU A 204 12.88 -10.46 34.36
N GLY A 205 12.09 -9.64 35.04
CA GLY A 205 12.58 -8.66 36.03
C GLY A 205 13.55 -9.23 37.07
N PRO A 206 13.25 -10.41 37.66
CA PRO A 206 14.21 -10.96 38.66
C PRO A 206 15.51 -11.39 38.01
N ASP A 207 15.49 -11.57 36.70
CA ASP A 207 16.71 -11.89 35.94
C ASP A 207 17.45 -10.62 35.50
N ASN A 208 16.98 -9.46 35.97
CA ASN A 208 17.51 -8.16 35.56
C ASN A 208 17.40 -7.87 34.07
N ILE A 209 16.33 -8.35 33.44
CA ILE A 209 16.05 -8.02 32.04
C ILE A 209 14.86 -7.10 32.07
N ARG A 210 15.03 -5.89 31.57
CA ARG A 210 13.93 -4.94 31.50
C ARG A 210 13.23 -5.09 30.16
N VAL A 211 11.92 -4.87 30.11
CA VAL A 211 11.24 -4.99 28.83
C VAL A 211 10.28 -3.80 28.72
N ASN A 212 10.32 -3.09 27.60
CA ASN A 212 9.58 -1.83 27.47
C ASN A 212 9.11 -1.71 26.03
N ALA A 213 8.28 -0.70 25.75
CA ALA A 213 7.78 -0.44 24.41
C ALA A 213 8.01 1.03 24.13
N ILE A 214 8.21 1.30 22.84
CA ILE A 214 8.16 2.67 22.35
C ILE A 214 6.91 2.74 21.47
N SER A 215 6.03 3.68 21.78
CA SER A 215 4.83 3.93 20.96
C SER A 215 5.18 5.07 20.01
N ALA A 216 5.59 4.69 18.81
CA ALA A 216 6.05 5.69 17.84
C ALA A 216 4.83 6.38 17.19
N GLY A 217 4.92 7.67 16.92
CA GLY A 217 3.96 8.37 16.05
C GLY A 217 4.14 7.87 14.60
N PRO A 218 3.18 8.22 13.72
CA PRO A 218 3.22 7.77 12.30
C PRO A 218 4.47 8.28 11.61
N ILE A 219 5.12 7.37 10.87
CA ILE A 219 6.31 7.65 10.10
C ILE A 219 6.18 6.95 8.75
N ARG A 220 6.53 7.62 7.64
CA ARG A 220 6.43 6.99 6.33
C ARG A 220 7.42 5.85 6.20
N THR A 221 6.93 4.60 6.12
CA THR A 221 7.84 3.45 5.96
C THR A 221 7.10 2.52 5.01
N LEU A 222 7.75 1.44 4.58
CA LEU A 222 7.10 0.48 3.71
C LEU A 222 5.81 -0.09 4.33
N SER A 223 5.83 -0.39 5.64
CA SER A 223 4.63 -0.93 6.28
C SER A 223 3.51 0.08 6.44
N ALA A 224 3.83 1.37 6.45
CA ALA A 224 2.76 2.36 6.48
C ALA A 224 1.88 2.36 5.22
N LYS A 225 2.39 1.87 4.10
CA LYS A 225 1.57 1.77 2.88
C LYS A 225 0.39 0.83 3.12
N GLY A 226 0.53 -0.07 4.07
CA GLY A 226 -0.60 -0.89 4.49
C GLY A 226 -1.77 -0.24 5.22
N VAL A 227 -1.54 0.90 5.84
CA VAL A 227 -2.56 1.43 6.73
C VAL A 227 -3.43 2.40 5.92
N GLY A 228 -4.73 2.13 5.74
CA GLY A 228 -5.57 3.12 5.09
C GLY A 228 -5.54 4.49 5.75
N GLY A 229 -5.64 5.52 4.94
CA GLY A 229 -5.79 6.88 5.46
C GLY A 229 -4.50 7.35 6.11
N PHE A 230 -3.38 6.73 5.78
CA PHE A 230 -2.14 7.13 6.44
C PHE A 230 -1.79 8.62 6.31
N ASN A 231 -1.94 9.20 5.13
CA ASN A 231 -1.59 10.61 4.99
C ASN A 231 -2.45 11.52 5.88
N THR A 232 -3.72 11.16 6.05
CA THR A 232 -4.60 11.90 6.95
C THR A 232 -4.15 11.81 8.39
N ILE A 233 -3.63 10.63 8.77
CA ILE A 233 -3.08 10.44 10.12
C ILE A 233 -1.91 11.39 10.35
N LEU A 234 -0.98 11.43 9.40
CA LEU A 234 0.14 12.34 9.52
C LEU A 234 -0.28 13.80 9.64
N LYS A 235 -1.17 14.26 8.77
CA LYS A 235 -1.63 15.64 8.84
C LYS A 235 -2.26 15.94 10.20
N GLU A 236 -2.94 14.98 10.82
CA GLU A 236 -3.58 15.30 12.06
C GLU A 236 -2.55 15.54 13.18
N ILE A 237 -1.39 14.86 13.16
CA ILE A 237 -0.36 15.10 14.15
C ILE A 237 0.11 16.54 14.01
N GLU A 238 0.40 16.95 12.78
CA GLU A 238 0.95 18.29 12.56
C GLU A 238 -0.03 19.32 13.04
N GLU A 239 -1.31 19.07 12.74
CA GLU A 239 -2.33 20.03 13.15
C GLU A 239 -2.68 20.01 14.63
N ARG A 240 -2.52 18.86 15.32
CA ARG A 240 -3.14 18.75 16.64
C ARG A 240 -2.21 18.35 17.77
N ALA A 241 -1.13 17.65 17.45
CA ALA A 241 -0.21 17.23 18.52
C ALA A 241 0.48 18.46 19.12
N PRO A 242 0.76 18.42 20.44
CA PRO A 242 1.47 19.49 21.14
C PRO A 242 2.67 20.06 20.35
N LEU A 243 3.56 19.21 19.82
CA LEU A 243 4.70 19.76 19.10
C LEU A 243 4.32 20.26 17.70
N LYS A 244 3.09 20.02 17.25
CA LYS A 244 2.69 20.46 15.91
C LYS A 244 3.64 20.06 14.78
N ARG A 245 4.14 18.83 14.83
CA ARG A 245 5.04 18.29 13.82
C ARG A 245 5.08 16.79 13.98
N ASN A 246 5.53 16.09 12.96
CA ASN A 246 5.64 14.64 13.04
C ASN A 246 7.04 14.28 13.56
N VAL A 247 7.21 13.04 14.03
CA VAL A 247 8.50 12.56 14.53
C VAL A 247 9.21 11.80 13.40
N ASP A 248 10.47 11.43 13.60
CA ASP A 248 11.09 10.55 12.60
C ASP A 248 11.80 9.40 13.28
N GLN A 249 12.43 8.56 12.47
CA GLN A 249 12.94 7.28 12.90
C GLN A 249 14.09 7.50 13.90
N VAL A 250 14.85 8.56 13.67
CA VAL A 250 15.98 8.89 14.57
C VAL A 250 15.50 9.30 15.96
N GLU A 251 14.34 9.93 16.05
CA GLU A 251 13.84 10.26 17.37
C GLU A 251 13.41 9.01 18.09
N VAL A 252 12.80 8.06 17.38
CA VAL A 252 12.56 6.75 17.99
C VAL A 252 13.86 6.17 18.48
N GLY A 253 14.86 6.19 17.60
CA GLY A 253 16.19 5.64 17.89
C GLY A 253 16.87 6.29 19.08
N LYS A 254 16.63 7.58 19.32
CA LYS A 254 17.16 8.20 20.58
C LYS A 254 16.50 7.68 21.85
N THR A 255 15.17 7.52 21.83
CA THR A 255 14.52 6.94 22.99
C THR A 255 14.85 5.44 23.14
N ALA A 256 15.08 4.76 22.02
CA ALA A 256 15.60 3.39 22.14
C ALA A 256 16.95 3.36 22.85
N ALA A 257 17.87 4.27 22.53
CA ALA A 257 19.16 4.28 23.19
C ALA A 257 18.96 4.47 24.70
N TYR A 258 18.08 5.38 25.08
CA TYR A 258 17.74 5.52 26.51
C TYR A 258 17.25 4.18 27.11
N LEU A 259 16.24 3.57 26.51
CA LEU A 259 15.68 2.30 27.03
C LEU A 259 16.71 1.13 27.06
N LEU A 260 17.62 1.09 26.08
CA LEU A 260 18.53 -0.03 25.94
C LEU A 260 19.72 0.12 26.87
N SER A 261 19.89 1.32 27.44
CA SER A 261 21.11 1.63 28.21
C SER A 261 20.83 1.68 29.72
N ASP A 262 21.90 1.80 30.53
CA ASP A 262 21.75 2.02 31.97
C ASP A 262 21.04 3.31 32.37
N LEU A 263 20.80 4.26 31.45
CA LEU A 263 20.09 5.48 31.80
C LEU A 263 18.66 5.17 32.24
N SER A 264 18.06 4.13 31.69
CA SER A 264 16.71 3.76 32.09
C SER A 264 16.73 2.64 33.14
N SER A 265 17.79 2.45 33.95
N SER A 265 17.77 2.56 33.99
CA SER A 265 17.86 1.17 34.70
CA SER A 265 17.68 1.64 35.10
C SER A 265 16.67 0.89 35.64
C SER A 265 16.48 2.03 35.97
N GLY A 266 15.82 1.89 35.87
N GLY A 266 15.76 1.02 36.44
CA GLY A 266 14.73 1.82 36.86
CA GLY A 266 14.50 1.26 37.15
C GLY A 266 13.39 1.44 36.28
C GLY A 266 13.27 1.41 36.27
N VAL A 267 13.39 1.33 34.95
CA VAL A 267 12.22 1.49 34.10
C VAL A 267 11.96 0.17 33.41
N THR A 268 10.79 -0.41 33.64
CA THR A 268 10.44 -1.66 32.98
C THR A 268 8.92 -1.78 32.93
N GLY A 269 8.43 -2.51 31.94
CA GLY A 269 6.99 -2.55 31.80
C GLY A 269 6.40 -1.23 31.32
N GLU A 270 7.22 -0.31 30.84
CA GLU A 270 6.77 1.02 30.42
C GLU A 270 6.53 1.15 28.89
N ASN A 271 5.73 2.13 28.48
CA ASN A 271 5.44 2.39 27.06
C ASN A 271 5.69 3.88 26.89
N ILE A 272 6.77 4.25 26.18
CA ILE A 272 7.08 5.69 26.06
C ILE A 272 6.65 6.16 24.68
N HIS A 273 5.75 7.14 24.68
CA HIS A 273 5.25 7.66 23.44
C HIS A 273 6.25 8.64 22.83
N VAL A 274 6.76 8.34 21.64
CA VAL A 274 7.57 9.25 20.87
C VAL A 274 6.68 9.67 19.71
N ASP A 275 5.87 10.70 19.97
CA ASP A 275 4.74 10.95 19.10
C ASP A 275 4.32 12.41 19.15
N SER A 276 5.23 13.31 19.51
CA SER A 276 4.93 14.76 19.54
C SER A 276 3.87 15.16 20.57
N GLY A 277 3.61 14.25 21.51
CA GLY A 277 2.64 14.46 22.59
C GLY A 277 1.21 14.10 22.18
N PHE A 278 1.04 13.48 21.01
CA PHE A 278 -0.33 13.20 20.49
C PHE A 278 -1.14 12.31 21.46
N HIS A 279 -0.47 11.39 22.14
CA HIS A 279 -1.14 10.45 23.06
C HIS A 279 -1.84 11.18 24.22
N ALA A 280 -1.35 12.38 24.54
CA ALA A 280 -1.81 13.09 25.76
C ALA A 280 -3.01 14.00 25.49
N ILE A 281 -3.43 14.13 24.23
CA ILE A 281 -4.51 15.06 23.90
C ILE A 281 -5.75 14.35 23.39
N LYS A 282 -6.85 15.09 23.34
CA LYS A 282 -8.09 14.61 22.75
C LYS A 282 -8.88 15.83 22.23
N ASN B 29 -36.51 -3.23 32.73
CA ASN B 29 -37.60 -4.10 32.19
C ASN B 29 -37.25 -4.63 30.82
N LEU B 30 -36.98 -5.93 30.74
CA LEU B 30 -36.48 -6.51 29.49
C LEU B 30 -37.52 -7.42 28.83
N GLU B 31 -38.80 -7.20 29.11
CA GLU B 31 -39.82 -8.00 28.45
C GLU B 31 -39.77 -7.69 26.96
N ASN B 32 -40.03 -8.71 26.16
CA ASN B 32 -39.94 -8.60 24.72
C ASN B 32 -38.55 -8.37 24.16
N LYS B 33 -37.52 -8.40 25.00
CA LYS B 33 -36.12 -8.45 24.51
C LYS B 33 -35.66 -9.91 24.42
N THR B 34 -34.69 -10.19 23.55
CA THR B 34 -34.12 -11.53 23.50
C THR B 34 -32.61 -11.40 23.49
N TYR B 35 -31.95 -12.18 24.35
CA TYR B 35 -30.49 -12.14 24.42
C TYR B 35 -29.91 -13.55 24.26
N VAL B 36 -28.74 -13.64 23.61
CA VAL B 36 -27.98 -14.88 23.48
C VAL B 36 -26.86 -14.85 24.54
N ILE B 37 -26.81 -15.87 25.39
CA ILE B 37 -25.77 -15.98 26.42
C ILE B 37 -24.85 -17.14 26.05
N MET B 38 -23.55 -16.84 25.91
CA MET B 38 -22.58 -17.83 25.45
C MET B 38 -21.64 -18.10 26.59
N GLY B 39 -21.51 -19.36 26.99
CA GLY B 39 -20.47 -19.74 27.93
C GLY B 39 -21.00 -20.15 29.31
N ILE B 40 -22.23 -20.69 29.43
CA ILE B 40 -22.56 -21.40 30.68
C ILE B 40 -22.02 -22.82 30.60
N ALA B 41 -21.27 -23.19 31.63
CA ALA B 41 -20.86 -24.59 31.81
C ALA B 41 -21.59 -25.25 32.98
N ASN B 42 -21.83 -24.48 34.04
CA ASN B 42 -22.53 -25.03 35.21
C ASN B 42 -23.05 -23.90 36.09
N LYS B 43 -23.52 -24.21 37.30
CA LYS B 43 -24.22 -23.23 38.12
C LYS B 43 -23.32 -22.08 38.61
N ARG B 44 -22.00 -22.31 38.62
CA ARG B 44 -21.05 -21.29 39.05
C ARG B 44 -20.58 -20.41 37.88
N SER B 45 -20.88 -20.75 36.64
CA SER B 45 -20.43 -19.88 35.55
C SER B 45 -20.90 -18.44 35.78
N ILE B 46 -20.03 -17.47 35.45
CA ILE B 46 -20.40 -16.04 35.45
C ILE B 46 -21.62 -15.87 34.57
N ALA B 47 -21.63 -16.57 33.43
CA ALA B 47 -22.75 -16.40 32.52
C ALA B 47 -24.09 -16.85 33.12
N PHE B 48 -24.11 -17.77 34.09
CA PHE B 48 -25.38 -18.15 34.70
C PHE B 48 -25.86 -17.06 35.68
N GLY B 49 -24.94 -16.30 36.27
CA GLY B 49 -25.36 -15.12 37.04
C GLY B 49 -26.01 -14.07 36.13
N VAL B 50 -25.50 -13.92 34.92
CA VAL B 50 -26.11 -13.05 33.93
C VAL B 50 -27.51 -13.60 33.54
N ALA B 51 -27.56 -14.89 33.22
CA ALA B 51 -28.86 -15.49 32.91
C ALA B 51 -29.94 -15.26 33.97
N LYS B 52 -29.64 -15.55 35.25
CA LYS B 52 -30.61 -15.37 36.32
C LYS B 52 -31.12 -13.95 36.38
N VAL B 53 -30.21 -12.98 36.22
CA VAL B 53 -30.65 -11.59 36.28
C VAL B 53 -31.56 -11.26 35.09
N LEU B 54 -31.13 -11.55 33.86
CA LEU B 54 -31.93 -11.21 32.67
C LEU B 54 -33.29 -11.92 32.68
N ASP B 55 -33.25 -13.17 33.12
CA ASP B 55 -34.48 -13.94 33.30
C ASP B 55 -35.44 -13.29 34.31
N GLN B 56 -34.92 -12.86 35.46
CA GLN B 56 -35.75 -12.22 36.48
C GLN B 56 -36.38 -10.95 35.91
N LEU B 57 -35.69 -10.34 34.94
CA LEU B 57 -36.10 -9.07 34.34
C LEU B 57 -37.01 -9.24 33.12
N GLY B 58 -37.36 -10.47 32.78
CA GLY B 58 -38.39 -10.65 31.75
C GLY B 58 -37.86 -11.01 30.36
N ALA B 59 -36.54 -11.10 30.17
CA ALA B 59 -35.99 -11.39 28.86
C ALA B 59 -36.24 -12.84 28.42
N LYS B 60 -36.25 -13.03 27.10
CA LYS B 60 -36.20 -14.36 26.50
C LYS B 60 -34.74 -14.63 26.25
N LEU B 61 -34.29 -15.83 26.56
CA LEU B 61 -32.87 -16.12 26.53
C LEU B 61 -32.59 -17.34 25.69
N VAL B 62 -31.43 -17.33 25.01
CA VAL B 62 -31.01 -18.39 24.12
C VAL B 62 -29.60 -18.63 24.62
N PHE B 63 -29.20 -19.89 24.69
CA PHE B 63 -27.94 -20.29 25.32
C PHE B 63 -27.08 -20.99 24.29
N THR B 64 -25.77 -20.75 24.33
CA THR B 64 -24.91 -21.57 23.50
C THR B 64 -23.82 -22.23 24.36
N TYR B 65 -23.35 -23.39 23.91
CA TYR B 65 -22.49 -24.21 24.76
C TYR B 65 -21.50 -24.93 23.83
N ARG B 66 -20.40 -25.42 24.39
CA ARG B 66 -19.50 -26.25 23.59
C ARG B 66 -19.62 -27.72 24.00
N LYS B 67 -19.36 -28.07 25.26
CA LYS B 67 -19.29 -29.50 25.63
C LYS B 67 -20.68 -30.08 25.89
N GLU B 68 -20.86 -31.37 25.57
CA GLU B 68 -22.14 -31.98 25.86
CA GLU B 68 -22.08 -32.10 25.89
C GLU B 68 -22.50 -31.87 27.34
N ARG B 69 -21.50 -31.95 28.23
CA ARG B 69 -21.76 -31.79 29.66
C ARG B 69 -22.36 -30.41 29.93
N SER B 70 -21.92 -29.38 29.20
CA SER B 70 -22.49 -28.06 29.43
C SER B 70 -23.97 -27.98 29.03
N ARG B 71 -24.36 -28.65 27.93
CA ARG B 71 -25.77 -28.74 27.59
CA ARG B 71 -25.77 -28.75 27.58
C ARG B 71 -26.56 -29.44 28.70
N LYS B 72 -26.03 -30.54 29.24
CA LYS B 72 -26.73 -31.25 30.33
C LYS B 72 -26.95 -30.30 31.51
N GLU B 73 -25.95 -29.48 31.86
CA GLU B 73 -26.14 -28.58 33.00
C GLU B 73 -27.18 -27.49 32.69
N LEU B 74 -27.12 -26.96 31.47
CA LEU B 74 -28.07 -25.96 30.99
C LEU B 74 -29.48 -26.51 31.18
N GLU B 75 -29.70 -27.72 30.70
CA GLU B 75 -31.05 -28.28 30.73
C GLU B 75 -31.55 -28.33 32.19
N LYS B 76 -30.67 -28.68 33.12
CA LYS B 76 -31.03 -28.74 34.53
C LYS B 76 -31.15 -27.34 35.13
N LEU B 77 -30.29 -26.41 34.70
CA LEU B 77 -30.35 -25.05 35.23
C LEU B 77 -31.57 -24.24 34.76
N LEU B 78 -32.08 -24.57 33.58
CA LEU B 78 -33.27 -23.93 33.02
C LEU B 78 -34.48 -24.10 33.92
N GLU B 79 -34.48 -25.16 34.69
CA GLU B 79 -35.55 -25.39 35.67
C GLU B 79 -35.66 -24.31 36.75
N GLN B 80 -34.54 -23.70 37.14
CA GLN B 80 -34.54 -22.54 38.04
C GLN B 80 -35.00 -21.25 37.39
N LEU B 81 -35.13 -21.24 36.07
CA LEU B 81 -35.41 -20.01 35.36
C LEU B 81 -36.90 -19.94 34.98
N ASN B 82 -37.37 -18.74 34.66
CA ASN B 82 -38.72 -18.61 34.15
C ASN B 82 -38.82 -18.77 32.64
N GLN B 83 -37.80 -19.30 31.98
CA GLN B 83 -37.88 -19.47 30.53
C GLN B 83 -38.87 -20.58 30.20
N PRO B 84 -39.92 -20.27 29.41
CA PRO B 84 -40.91 -21.32 29.09
C PRO B 84 -40.41 -22.33 28.06
N GLU B 85 -39.28 -22.05 27.41
CA GLU B 85 -38.78 -22.84 26.28
C GLU B 85 -37.25 -22.88 26.31
N ALA B 86 -36.68 -24.07 26.13
CA ALA B 86 -35.23 -24.21 26.04
C ALA B 86 -34.76 -23.84 24.62
N HIS B 87 -33.98 -22.79 24.46
CA HIS B 87 -33.30 -22.56 23.18
C HIS B 87 -31.79 -22.77 23.34
N LEU B 88 -31.32 -23.98 23.04
CA LEU B 88 -29.94 -24.35 23.27
C LEU B 88 -29.26 -24.69 21.95
N TYR B 89 -28.06 -24.14 21.72
CA TYR B 89 -27.33 -24.34 20.48
C TYR B 89 -25.86 -24.68 20.77
N GLN B 90 -25.36 -25.75 20.16
CA GLN B 90 -23.93 -26.02 20.31
C GLN B 90 -23.14 -25.10 19.38
N ILE B 91 -22.25 -24.30 19.95
CA ILE B 91 -21.32 -23.48 19.17
C ILE B 91 -19.94 -23.56 19.82
N ASP B 92 -19.04 -24.24 19.12
CA ASP B 92 -17.63 -24.14 19.48
C ASP B 92 -17.08 -22.96 18.70
N VAL B 93 -16.66 -21.92 19.41
CA VAL B 93 -16.24 -20.70 18.70
C VAL B 93 -14.89 -20.83 17.98
N GLN B 94 -14.22 -21.99 18.06
CA GLN B 94 -13.09 -22.25 17.13
C GLN B 94 -13.47 -22.48 15.67
N SER B 95 -14.74 -22.80 15.45
CA SER B 95 -15.27 -23.16 14.12
C SER B 95 -16.10 -22.00 13.59
N ASP B 96 -15.69 -21.44 12.46
CA ASP B 96 -16.46 -20.36 11.84
C ASP B 96 -17.83 -20.94 11.46
N GLU B 97 -17.83 -22.13 10.86
CA GLU B 97 -19.11 -22.71 10.46
CA GLU B 97 -19.06 -22.84 10.49
C GLU B 97 -20.08 -22.89 11.64
N GLU B 98 -19.60 -23.32 12.80
CA GLU B 98 -20.51 -23.39 13.95
C GLU B 98 -21.09 -22.06 14.43
N VAL B 99 -20.29 -21.01 14.37
CA VAL B 99 -20.77 -19.70 14.80
C VAL B 99 -21.76 -19.17 13.76
N ILE B 100 -21.39 -19.27 12.49
CA ILE B 100 -22.27 -18.83 11.42
C ILE B 100 -23.61 -19.60 11.42
N ASN B 101 -23.55 -20.93 11.43
CA ASN B 101 -24.75 -21.75 11.32
C ASN B 101 -25.56 -21.61 12.59
N GLY B 102 -24.87 -21.41 13.72
CA GLY B 102 -25.51 -21.32 15.03
C GLY B 102 -26.38 -20.08 15.12
N PHE B 103 -25.78 -18.94 14.82
CA PHE B 103 -26.54 -17.69 14.81
C PHE B 103 -27.61 -17.68 13.74
N GLU B 104 -27.31 -18.23 12.58
CA GLU B 104 -28.37 -18.31 11.56
C GLU B 104 -29.55 -19.12 12.06
N GLN B 105 -29.30 -20.23 12.74
CA GLN B 105 -30.43 -21.02 13.26
C GLN B 105 -31.19 -20.25 14.36
N ILE B 106 -30.46 -19.58 15.24
CA ILE B 106 -31.09 -18.76 16.28
C ILE B 106 -32.06 -17.74 15.69
N GLY B 107 -31.64 -17.10 14.60
CA GLY B 107 -32.52 -16.13 13.93
C GLY B 107 -33.78 -16.78 13.34
N LYS B 108 -33.63 -17.99 12.80
CA LYS B 108 -34.78 -18.74 12.27
C LYS B 108 -35.73 -19.15 13.38
N ASP B 109 -35.19 -19.51 14.53
CA ASP B 109 -35.94 -20.00 15.67
C ASP B 109 -36.59 -18.92 16.53
N VAL B 110 -35.88 -17.82 16.82
CA VAL B 110 -36.41 -16.80 17.73
C VAL B 110 -36.61 -15.44 17.08
N GLY B 111 -36.13 -15.26 15.86
CA GLY B 111 -36.18 -13.93 15.24
C GLY B 111 -34.97 -13.06 15.58
N ASN B 112 -35.15 -11.76 15.48
CA ASN B 112 -34.11 -10.80 15.84
C ASN B 112 -33.83 -10.76 17.35
N ILE B 113 -32.56 -10.47 17.69
CA ILE B 113 -32.14 -10.44 19.08
C ILE B 113 -31.73 -9.00 19.41
N ASP B 114 -31.67 -8.72 20.71
CA ASP B 114 -31.25 -7.44 21.21
C ASP B 114 -29.79 -7.36 21.68
N GLY B 115 -29.15 -8.49 21.89
CA GLY B 115 -27.80 -8.41 22.40
C GLY B 115 -27.22 -9.80 22.58
N VAL B 116 -25.95 -9.86 22.96
CA VAL B 116 -25.21 -11.11 23.15
C VAL B 116 -24.35 -10.86 24.38
N TYR B 117 -24.34 -11.80 25.33
CA TYR B 117 -23.37 -11.82 26.39
C TYR B 117 -22.32 -12.90 26.05
N HIS B 118 -21.04 -12.51 26.05
CA HIS B 118 -19.92 -13.41 25.68
C HIS B 118 -19.13 -13.69 26.94
N SER B 119 -19.06 -14.95 27.35
CA SER B 119 -18.43 -15.33 28.60
C SER B 119 -17.54 -16.54 28.31
N ILE B 120 -16.69 -16.37 27.31
CA ILE B 120 -15.91 -17.51 26.78
C ILE B 120 -14.43 -17.19 26.82
N ALA B 121 -13.63 -18.11 27.36
CA ALA B 121 -12.18 -18.01 27.26
C ALA B 121 -11.60 -19.38 27.51
N PHE B 122 -10.36 -19.56 27.07
CA PHE B 122 -9.70 -20.85 27.30
C PHE B 122 -8.19 -20.68 27.13
N ALA B 123 -7.41 -21.35 27.98
CA ALA B 123 -5.97 -21.49 27.72
C ALA B 123 -5.60 -22.84 28.30
N ASN B 124 -4.54 -23.46 27.78
CA ASN B 124 -4.04 -24.70 28.37
C ASN B 124 -3.49 -24.45 29.77
N MET B 125 -3.75 -25.38 30.69
N MET B 125 -3.77 -25.39 30.68
CA MET B 125 -3.37 -25.28 32.11
CA MET B 125 -3.02 -25.48 31.91
C MET B 125 -1.95 -24.79 32.40
C MET B 125 -1.53 -25.42 31.66
N GLU B 126 -0.97 -25.35 31.71
N GLU B 126 -1.05 -26.11 30.60
CA GLU B 126 0.43 -25.00 31.96
CA GLU B 126 0.37 -26.26 30.31
C GLU B 126 0.71 -23.54 31.60
C GLU B 126 1.09 -24.94 30.10
N ASP B 127 -0.29 -22.86 31.03
N ASP B 127 0.46 -24.00 29.40
CA ASP B 127 -0.11 -21.47 30.63
CA ASP B 127 1.08 -22.68 29.27
C ASP B 127 -0.71 -20.47 31.64
C ASP B 127 0.79 -21.82 30.50
N LEU B 128 -1.01 -20.95 32.86
N LEU B 128 -0.41 -21.91 31.06
CA LEU B 128 -1.72 -20.17 33.89
CA LEU B 128 -0.75 -21.08 32.24
C LEU B 128 -1.02 -20.24 35.26
C LEU B 128 0.15 -21.32 33.46
N ARG B 129 0.26 -20.59 35.18
N ARG B 129 0.38 -22.59 33.77
CA ARG B 129 1.16 -20.65 36.32
CA ARG B 129 1.21 -23.02 34.89
C ARG B 129 2.57 -20.63 35.75
C ARG B 129 2.67 -23.28 34.46
N GLY B 130 3.55 -20.48 36.62
N GLY B 130 3.24 -22.31 33.75
CA GLY B 130 4.95 -20.42 36.22
CA GLY B 130 4.65 -22.21 33.37
C GLY B 130 5.27 -19.24 35.31
C GLY B 130 4.95 -20.70 33.33
N ARG B 131 6.23 -19.46 34.41
N ARG B 131 6.22 -20.31 33.33
CA ARG B 131 6.89 -18.38 33.67
CA ARG B 131 6.65 -18.89 33.29
C ARG B 131 6.27 -18.14 32.30
C ARG B 131 6.09 -18.23 32.05
N PHE B 132 5.71 -16.95 32.11
CA PHE B 132 5.12 -16.46 30.86
C PHE B 132 6.11 -16.50 29.69
N SER B 133 7.41 -16.30 29.92
CA SER B 133 8.35 -16.28 28.77
C SER B 133 8.47 -17.67 28.13
N GLU B 134 7.95 -18.72 28.80
CA GLU B 134 8.01 -20.08 28.23
C GLU B 134 6.74 -20.48 27.47
N THR B 135 5.76 -19.58 27.34
CA THR B 135 4.50 -19.85 26.64
C THR B 135 4.77 -20.38 25.20
N SER B 136 4.17 -21.50 24.82
CA SER B 136 4.27 -22.03 23.48
C SER B 136 3.52 -21.16 22.47
N ARG B 137 3.97 -21.13 21.22
CA ARG B 137 3.18 -20.46 20.16
C ARG B 137 1.74 -21.01 20.04
N GLU B 138 1.64 -22.34 20.05
CA GLU B 138 0.34 -22.98 19.91
C GLU B 138 -0.59 -22.57 21.09
N GLY B 139 -0.08 -22.51 22.30
CA GLY B 139 -0.94 -22.12 23.45
C GLY B 139 -1.35 -20.63 23.44
N PHE B 140 -0.43 -19.79 22.98
CA PHE B 140 -0.68 -18.33 22.87
C PHE B 140 -1.77 -18.13 21.85
N LEU B 141 -1.65 -18.74 20.68
CA LEU B 141 -2.60 -18.49 19.60
C LEU B 141 -3.93 -19.16 19.93
N LEU B 142 -3.90 -20.29 20.65
CA LEU B 142 -5.15 -20.93 21.09
C LEU B 142 -5.98 -19.99 21.99
N ALA B 143 -5.29 -19.38 22.95
CA ALA B 143 -5.96 -18.49 23.89
C ALA B 143 -6.47 -17.25 23.15
N GLN B 144 -5.71 -16.72 22.18
CA GLN B 144 -6.23 -15.58 21.37
C GLN B 144 -7.48 -15.95 20.58
N ASP B 145 -7.45 -17.14 19.97
CA ASP B 145 -8.50 -17.55 19.05
C ASP B 145 -9.80 -17.67 19.86
N ILE B 146 -9.77 -18.43 20.96
CA ILE B 146 -11.00 -18.67 21.75
C ILE B 146 -11.44 -17.46 22.57
N SER B 147 -10.46 -16.74 23.12
CA SER B 147 -10.75 -15.73 24.13
C SER B 147 -10.88 -14.33 23.56
N SER B 148 -10.44 -14.13 22.32
CA SER B 148 -10.51 -12.78 21.76
C SER B 148 -11.10 -12.76 20.36
N TYR B 149 -10.52 -13.52 19.44
CA TYR B 149 -11.05 -13.54 18.08
C TYR B 149 -12.52 -13.97 18.08
N SER B 150 -12.86 -14.91 18.94
CA SER B 150 -14.28 -15.34 19.01
C SER B 150 -15.29 -14.19 19.13
N LEU B 151 -14.94 -13.12 19.83
CA LEU B 151 -15.85 -11.99 19.95
C LEU B 151 -16.10 -11.37 18.56
N THR B 152 -15.05 -11.27 17.76
CA THR B 152 -15.16 -10.57 16.45
C THR B 152 -16.15 -11.31 15.54
N ILE B 153 -15.91 -12.60 15.41
CA ILE B 153 -16.78 -13.37 14.53
C ILE B 153 -18.23 -13.48 15.08
N VAL B 154 -18.37 -13.61 16.40
CA VAL B 154 -19.70 -13.56 17.02
C VAL B 154 -20.38 -12.24 16.70
N ALA B 155 -19.67 -11.13 16.84
CA ALA B 155 -20.29 -9.84 16.53
C ALA B 155 -20.72 -9.79 15.09
N HIS B 156 -19.88 -10.30 14.20
CA HIS B 156 -20.18 -10.24 12.76
C HIS B 156 -21.48 -11.02 12.50
N GLU B 157 -21.64 -12.18 13.16
CA GLU B 157 -22.83 -13.01 12.85
C GLU B 157 -24.06 -12.47 13.57
N ALA B 158 -23.88 -11.98 14.79
CA ALA B 158 -24.98 -11.51 15.63
C ALA B 158 -25.57 -10.22 15.07
N LYS B 159 -24.74 -9.38 14.47
CA LYS B 159 -25.21 -8.16 13.82
C LYS B 159 -26.31 -8.41 12.80
N LYS B 160 -26.23 -9.53 12.10
CA LYS B 160 -27.26 -9.84 11.14
C LYS B 160 -28.63 -10.00 11.79
N LEU B 161 -28.66 -10.30 13.09
CA LEU B 161 -29.93 -10.42 13.82
C LEU B 161 -30.34 -9.13 14.57
N MET B 162 -29.58 -8.05 14.39
CA MET B 162 -29.80 -6.80 15.12
C MET B 162 -29.92 -5.64 14.12
N PRO B 163 -30.91 -5.71 13.25
CA PRO B 163 -30.97 -4.68 12.21
C PRO B 163 -31.27 -3.29 12.77
N GLU B 164 -32.01 -3.17 13.88
CA GLU B 164 -32.09 -1.83 14.48
C GLU B 164 -31.20 -1.51 15.68
N GLY B 165 -30.16 -2.32 15.90
CA GLY B 165 -29.14 -2.02 16.92
C GLY B 165 -29.26 -3.02 18.05
N GLY B 166 -28.34 -2.93 19.00
CA GLY B 166 -28.27 -3.94 20.03
C GLY B 166 -27.03 -3.69 20.84
N SER B 167 -26.72 -4.65 21.70
CA SER B 167 -25.68 -4.46 22.67
C SER B 167 -24.92 -5.79 22.80
N ILE B 168 -23.59 -5.73 22.77
CA ILE B 168 -22.76 -6.91 22.93
C ILE B 168 -21.79 -6.71 24.09
N VAL B 169 -21.76 -7.65 25.03
CA VAL B 169 -20.91 -7.49 26.21
C VAL B 169 -20.00 -8.71 26.31
N ALA B 170 -18.72 -8.50 26.62
CA ALA B 170 -17.78 -9.60 26.84
C ALA B 170 -17.22 -9.49 28.25
N THR B 171 -16.56 -10.55 28.73
CA THR B 171 -16.15 -10.60 30.14
C THR B 171 -14.64 -10.64 30.20
N THR B 172 -14.06 -9.67 30.89
CA THR B 172 -12.62 -9.61 30.94
C THR B 172 -12.15 -9.59 32.38
N TYR B 173 -10.86 -9.42 32.56
CA TYR B 173 -10.33 -9.42 33.94
C TYR B 173 -9.18 -8.41 33.89
N LEU B 174 -8.86 -7.83 35.05
CA LEU B 174 -7.84 -6.80 35.27
C LEU B 174 -6.44 -7.23 34.81
N GLY B 175 -6.20 -8.53 34.73
CA GLY B 175 -4.96 -9.08 34.13
C GLY B 175 -4.80 -8.70 32.67
N GLY B 176 -5.83 -8.19 31.99
CA GLY B 176 -5.70 -7.66 30.62
C GLY B 176 -5.06 -6.26 30.65
N GLU B 177 -5.12 -5.60 31.81
CA GLU B 177 -4.68 -4.18 31.92
C GLU B 177 -3.32 -4.07 32.61
N PHE B 178 -2.98 -5.06 33.45
CA PHE B 178 -1.77 -5.02 34.28
C PHE B 178 -1.24 -6.44 34.28
N ALA B 179 0.05 -6.65 34.54
CA ALA B 179 0.53 -8.00 34.60
C ALA B 179 0.24 -8.58 36.00
N VAL B 180 -0.55 -9.64 36.07
CA VAL B 180 -0.93 -10.24 37.34
C VAL B 180 -0.15 -11.56 37.43
N GLN B 181 0.42 -11.91 38.58
CA GLN B 181 1.11 -13.21 38.71
C GLN B 181 0.22 -14.35 38.21
N ASN B 182 0.79 -15.29 37.46
CA ASN B 182 0.14 -16.54 37.03
C ASN B 182 -0.90 -16.48 35.90
N TYR B 183 -1.49 -15.32 35.64
CA TYR B 183 -2.57 -15.22 34.66
C TYR B 183 -1.98 -15.28 33.26
N ASN B 184 -0.72 -14.86 33.17
CA ASN B 184 0.14 -15.19 32.05
C ASN B 184 -0.49 -15.06 30.65
N VAL B 185 -0.57 -16.17 29.91
CA VAL B 185 -1.07 -16.09 28.53
C VAL B 185 -2.51 -15.53 28.48
N MET B 186 -3.31 -15.71 29.53
CA MET B 186 -4.68 -15.19 29.42
C MET B 186 -4.72 -13.63 29.60
N GLY B 187 -3.73 -13.07 30.27
CA GLY B 187 -3.68 -11.60 30.41
C GLY B 187 -3.44 -10.98 29.06
N VAL B 188 -2.58 -11.59 28.24
CA VAL B 188 -2.36 -11.03 26.89
C VAL B 188 -3.60 -11.27 26.03
N ALA B 189 -4.28 -12.41 26.17
CA ALA B 189 -5.58 -12.62 25.48
C ALA B 189 -6.66 -11.62 25.94
N LYS B 190 -6.67 -11.24 27.23
CA LYS B 190 -7.64 -10.25 27.69
C LYS B 190 -7.32 -8.85 27.19
N ALA B 191 -6.03 -8.51 27.14
CA ALA B 191 -5.64 -7.22 26.52
C ALA B 191 -6.14 -7.15 25.08
N SER B 192 -5.99 -8.28 24.38
CA SER B 192 -6.45 -8.44 23.01
C SER B 192 -8.00 -8.28 22.94
N LEU B 193 -8.71 -8.93 23.87
CA LEU B 193 -10.19 -8.87 23.88
C LEU B 193 -10.65 -7.43 24.17
N GLU B 194 -9.98 -6.75 25.08
CA GLU B 194 -10.39 -5.38 25.43
C GLU B 194 -10.20 -4.43 24.26
N ALA B 195 -9.14 -4.61 23.49
CA ALA B 195 -8.96 -3.78 22.29
C ALA B 195 -10.01 -4.18 21.26
N ASN B 196 -10.29 -5.48 21.16
CA ASN B 196 -11.31 -5.99 20.22
C ASN B 196 -12.64 -5.26 20.51
N VAL B 197 -12.99 -5.16 21.78
CA VAL B 197 -14.20 -4.44 22.15
C VAL B 197 -14.18 -2.99 21.61
N LYS B 198 -13.06 -2.29 21.74
CA LYS B 198 -13.03 -0.88 21.28
C LYS B 198 -13.10 -0.82 19.76
N TYR B 199 -12.39 -1.72 19.06
CA TYR B 199 -12.47 -1.67 17.61
C TYR B 199 -13.87 -2.04 17.09
N LEU B 200 -14.49 -3.02 17.73
CA LEU B 200 -15.87 -3.39 17.36
C LEU B 200 -16.83 -2.25 17.69
N ALA B 201 -16.59 -1.57 18.80
CA ALA B 201 -17.46 -0.41 19.14
C ALA B 201 -17.38 0.65 18.03
N LEU B 202 -16.16 0.97 17.60
CA LEU B 202 -15.96 1.97 16.52
C LEU B 202 -16.63 1.49 15.24
N ASP B 203 -16.41 0.21 14.94
CA ASP B 203 -16.92 -0.32 13.62
C ASP B 203 -18.47 -0.39 13.58
N LEU B 204 -19.07 -0.89 14.67
CA LEU B 204 -20.52 -1.22 14.71
C LEU B 204 -21.34 -0.09 15.29
N GLY B 205 -20.71 0.94 15.87
CA GLY B 205 -21.51 2.08 16.40
C GLY B 205 -22.44 2.73 15.39
N PRO B 206 -21.99 2.86 14.12
CA PRO B 206 -22.90 3.43 13.12
C PRO B 206 -24.11 2.54 12.82
N ASP B 207 -24.06 1.27 13.19
CA ASP B 207 -25.26 0.41 13.09
C ASP B 207 -26.07 0.39 14.40
N ASN B 208 -25.78 1.30 15.32
CA ASN B 208 -26.45 1.31 16.62
C ASN B 208 -26.21 0.02 17.43
N ILE B 209 -25.05 -0.61 17.26
CA ILE B 209 -24.66 -1.71 18.12
C ILE B 209 -23.57 -1.24 19.04
N ARG B 210 -23.81 -1.40 20.34
CA ARG B 210 -22.81 -0.96 21.32
C ARG B 210 -22.04 -2.20 21.73
N VAL B 211 -20.77 -2.03 22.08
CA VAL B 211 -19.95 -3.18 22.46
C VAL B 211 -19.17 -2.71 23.65
N ASN B 212 -19.23 -3.51 24.74
CA ASN B 212 -18.63 -3.09 26.00
C ASN B 212 -18.09 -4.32 26.73
N ALA B 213 -17.22 -4.12 27.72
CA ALA B 213 -16.72 -5.23 28.55
C ALA B 213 -17.09 -5.03 30.01
N ILE B 214 -17.18 -6.15 30.74
CA ILE B 214 -17.24 -6.12 32.18
C ILE B 214 -15.98 -6.80 32.66
N SER B 215 -15.22 -6.08 33.49
CA SER B 215 -13.98 -6.61 34.05
C SER B 215 -14.38 -7.15 35.44
N ALA B 216 -14.64 -8.45 35.51
CA ALA B 216 -15.13 -9.03 36.75
C ALA B 216 -13.96 -9.25 37.71
N GLY B 217 -14.22 -9.12 39.03
CA GLY B 217 -13.24 -9.53 40.02
C GLY B 217 -13.24 -11.05 40.10
N PRO B 218 -12.26 -11.61 40.84
CA PRO B 218 -12.18 -13.08 40.87
C PRO B 218 -13.39 -13.74 41.49
N ILE B 219 -13.85 -14.80 40.82
CA ILE B 219 -15.01 -15.57 41.23
C ILE B 219 -14.69 -17.06 41.10
N ARG B 220 -14.98 -17.86 42.14
CA ARG B 220 -14.75 -19.28 42.08
C ARG B 220 -15.65 -19.91 40.99
N THR B 221 -15.01 -20.37 39.91
CA THR B 221 -15.74 -21.04 38.85
C THR B 221 -14.88 -22.22 38.39
N LEU B 222 -15.42 -23.06 37.52
CA LEU B 222 -14.59 -24.12 36.95
C LEU B 222 -13.26 -23.63 36.32
N SER B 223 -13.30 -22.50 35.59
CA SER B 223 -12.13 -21.99 34.89
C SER B 223 -11.11 -21.40 35.86
N ALA B 224 -11.57 -20.94 37.02
CA ALA B 224 -10.65 -20.38 38.01
C ALA B 224 -9.67 -21.44 38.51
N LYS B 225 -10.04 -22.71 38.42
CA LYS B 225 -9.12 -23.78 38.81
C LYS B 225 -7.87 -23.76 37.95
N GLY B 226 -7.95 -23.19 36.75
CA GLY B 226 -6.77 -23.00 35.94
C GLY B 226 -5.77 -21.96 36.40
N VAL B 227 -6.21 -20.97 37.17
CA VAL B 227 -5.30 -19.89 37.54
C VAL B 227 -4.50 -20.19 38.82
N GLY B 228 -3.18 -20.27 38.73
CA GLY B 228 -2.33 -20.51 39.90
C GLY B 228 -2.57 -19.42 40.93
N GLY B 229 -2.57 -19.81 42.19
CA GLY B 229 -2.64 -18.86 43.30
C GLY B 229 -4.00 -18.22 43.40
N PHE B 230 -5.02 -18.78 42.76
CA PHE B 230 -6.36 -18.21 42.81
C PHE B 230 -6.85 -17.86 44.23
N ASN B 231 -6.63 -18.71 45.24
CA ASN B 231 -7.10 -18.39 46.61
C ASN B 231 -6.44 -17.15 47.22
N THR B 232 -5.14 -16.99 46.96
CA THR B 232 -4.44 -15.76 47.28
C THR B 232 -5.01 -14.51 46.60
N ILE B 233 -5.52 -14.66 45.39
CA ILE B 233 -6.09 -13.51 44.67
C ILE B 233 -7.39 -13.11 45.34
N LEU B 234 -8.21 -14.10 45.67
CA LEU B 234 -9.44 -13.84 46.42
C LEU B 234 -9.22 -13.15 47.75
N LYS B 235 -8.23 -13.64 48.50
CA LYS B 235 -7.93 -13.08 49.81
C LYS B 235 -7.48 -11.62 49.67
N GLU B 236 -6.67 -11.31 48.64
CA GLU B 236 -6.19 -9.94 48.50
C GLU B 236 -7.34 -8.94 48.28
N ILE B 237 -8.36 -9.39 47.56
CA ILE B 237 -9.47 -8.51 47.31
C ILE B 237 -10.14 -8.18 48.65
N GLU B 238 -10.39 -9.19 49.47
CA GLU B 238 -11.06 -8.96 50.76
C GLU B 238 -10.23 -8.01 51.60
N GLU B 239 -8.92 -8.21 51.61
CA GLU B 239 -8.04 -7.37 52.42
C GLU B 239 -7.84 -5.95 51.90
N ARG B 240 -7.83 -5.79 50.59
CA ARG B 240 -7.38 -4.51 50.01
C ARG B 240 -8.36 -3.74 49.15
N ALA B 241 -9.35 -4.40 48.58
CA ALA B 241 -10.25 -3.66 47.69
C ALA B 241 -11.08 -2.69 48.51
N PRO B 242 -11.52 -1.57 47.92
CA PRO B 242 -12.31 -0.61 48.68
C PRO B 242 -13.52 -1.24 49.40
N LEU B 243 -14.21 -2.18 48.76
CA LEU B 243 -15.38 -2.75 49.43
C LEU B 243 -15.02 -3.88 50.39
N LYS B 244 -13.74 -4.25 50.49
CA LYS B 244 -13.31 -5.28 51.44
C LYS B 244 -14.12 -6.59 51.37
N ARG B 245 -14.49 -6.99 50.16
CA ARG B 245 -15.24 -8.21 49.93
C ARG B 245 -15.09 -8.56 48.47
N ASN B 246 -15.32 -9.82 48.15
CA ASN B 246 -15.34 -10.31 46.78
C ASN B 246 -16.73 -10.12 46.17
N VAL B 247 -16.82 -10.17 44.83
CA VAL B 247 -18.10 -9.94 44.14
C VAL B 247 -18.62 -11.30 43.74
N ASP B 248 -19.87 -11.38 43.27
CA ASP B 248 -20.31 -12.69 42.79
C ASP B 248 -20.89 -12.59 41.38
N GLN B 249 -21.33 -13.73 40.86
CA GLN B 249 -21.82 -13.86 39.49
C GLN B 249 -23.03 -12.97 39.23
N VAL B 250 -23.91 -12.88 40.21
CA VAL B 250 -25.10 -12.06 40.06
C VAL B 250 -24.74 -10.59 40.00
N GLU B 251 -23.69 -10.16 40.70
CA GLU B 251 -23.29 -8.75 40.54
C GLU B 251 -22.79 -8.44 39.15
N VAL B 252 -22.04 -9.37 38.57
CA VAL B 252 -21.72 -9.27 37.15
C VAL B 252 -23.00 -9.19 36.31
N GLY B 253 -23.94 -10.11 36.56
CA GLY B 253 -25.23 -10.09 35.86
C GLY B 253 -26.00 -8.78 35.97
N LYS B 254 -25.96 -8.13 37.12
CA LYS B 254 -26.63 -6.83 37.24
C LYS B 254 -26.01 -5.74 36.33
N THR B 255 -24.68 -5.62 36.31
CA THR B 255 -24.02 -4.72 35.38
C THR B 255 -24.25 -5.17 33.92
N ALA B 256 -24.36 -6.48 33.64
CA ALA B 256 -24.71 -6.90 32.27
C ALA B 256 -26.10 -6.42 31.87
N ALA B 257 -27.05 -6.44 32.79
CA ALA B 257 -28.42 -6.00 32.47
C ALA B 257 -28.36 -4.50 32.13
N TYR B 258 -27.56 -3.77 32.90
CA TYR B 258 -27.41 -2.33 32.60
C TYR B 258 -26.85 -2.21 31.17
N LEU B 259 -25.72 -2.87 30.88
CA LEU B 259 -25.06 -2.72 29.56
C LEU B 259 -25.92 -3.21 28.38
N LEU B 260 -26.70 -4.28 28.62
CA LEU B 260 -27.52 -4.88 27.56
C LEU B 260 -28.82 -4.14 27.31
N SER B 261 -29.14 -3.18 28.16
CA SER B 261 -30.43 -2.49 28.05
C SER B 261 -30.28 -1.03 27.65
N ASP B 262 -31.41 -0.38 27.36
CA ASP B 262 -31.43 1.06 27.05
C ASP B 262 -30.85 1.95 28.15
N LEU B 263 -30.70 1.46 29.38
CA LEU B 263 -30.12 2.30 30.42
C LEU B 263 -28.71 2.80 30.06
N SER B 264 -27.96 2.04 29.28
CA SER B 264 -26.60 2.42 28.98
C SER B 264 -26.51 2.92 27.53
N SER B 265 -27.63 3.46 27.05
N SER B 265 -27.58 3.48 26.96
CA SER B 265 -27.59 4.23 25.82
CA SER B 265 -27.56 3.80 25.52
C SER B 265 -26.51 5.31 25.97
C SER B 265 -26.43 4.72 25.02
N GLY B 266 -25.74 5.46 24.89
N GLY B 266 -25.78 5.44 25.93
CA GLY B 266 -24.59 6.35 24.89
CA GLY B 266 -24.79 6.44 25.57
C GLY B 266 -23.29 5.75 25.39
C GLY B 266 -23.39 5.84 25.65
N VAL B 267 -23.30 4.54 25.96
CA VAL B 267 -22.05 3.94 26.52
C VAL B 267 -21.58 2.85 25.55
N THR B 268 -20.41 3.03 24.96
CA THR B 268 -19.87 1.97 24.09
C THR B 268 -18.35 2.05 24.15
N GLY B 269 -17.68 0.92 23.91
CA GLY B 269 -16.26 0.91 23.98
C GLY B 269 -15.75 1.02 25.41
N GLU B 270 -16.62 0.73 26.39
CA GLU B 270 -16.27 0.92 27.81
C GLU B 270 -15.97 -0.39 28.53
N ASN B 271 -15.17 -0.31 29.60
CA ASN B 271 -14.86 -1.52 30.36
C ASN B 271 -15.33 -1.20 31.79
N ILE B 272 -16.39 -1.82 32.30
CA ILE B 272 -16.85 -1.50 33.69
C ILE B 272 -16.34 -2.54 34.62
N HIS B 273 -15.54 -2.12 35.62
CA HIS B 273 -15.00 -3.07 36.59
C HIS B 273 -16.02 -3.37 37.67
N VAL B 274 -16.39 -4.65 37.76
CA VAL B 274 -17.27 -5.13 38.83
C VAL B 274 -16.37 -5.94 39.76
N ASP B 275 -15.64 -5.25 40.62
CA ASP B 275 -14.49 -5.88 41.26
C ASP B 275 -14.25 -5.28 42.63
N SER B 276 -15.28 -4.71 43.24
CA SER B 276 -15.15 -4.16 44.60
C SER B 276 -14.24 -2.93 44.66
N GLY B 277 -13.95 -2.32 43.49
CA GLY B 277 -13.07 -1.13 43.41
C GLY B 277 -11.58 -1.47 43.29
N PHE B 278 -11.23 -2.76 43.24
CA PHE B 278 -9.81 -3.14 43.22
C PHE B 278 -9.01 -2.52 42.08
N HIS B 279 -9.58 -2.34 40.90
CA HIS B 279 -8.89 -1.71 39.78
C HIS B 279 -8.36 -0.31 40.16
N ALA B 280 -8.97 0.34 41.15
CA ALA B 280 -8.71 1.77 41.35
C ALA B 280 -7.61 2.00 42.40
N ILE B 281 -7.11 0.94 43.03
CA ILE B 281 -6.16 1.09 44.10
C ILE B 281 -4.80 0.48 43.75
N LYS B 282 -3.78 0.93 44.46
CA LYS B 282 -2.46 0.26 44.41
C LYS B 282 -1.86 0.28 45.80
N ASN C 29 -36.01 0.28 39.85
CA ASN C 29 -37.09 0.76 40.75
C ASN C 29 -36.59 1.37 42.05
N LEU C 30 -36.79 2.68 42.19
CA LEU C 30 -36.18 3.40 43.28
C LEU C 30 -37.24 3.92 44.24
N GLU C 31 -38.39 3.24 44.33
CA GLU C 31 -39.36 3.66 45.35
C GLU C 31 -38.73 3.47 46.73
N ASN C 32 -39.05 4.37 47.63
CA ASN C 32 -38.49 4.28 48.97
C ASN C 32 -36.99 4.60 49.03
N LYS C 33 -36.39 5.03 47.93
CA LYS C 33 -35.05 5.63 47.99
C LYS C 33 -35.17 7.17 48.06
N THR C 34 -34.10 7.81 48.55
CA THR C 34 -34.02 9.28 48.55
C THR C 34 -32.63 9.71 48.10
N TYR C 35 -32.56 10.64 47.13
CA TYR C 35 -31.28 11.11 46.61
C TYR C 35 -31.20 12.64 46.68
N VAL C 36 -30.03 13.13 47.01
CA VAL C 36 -29.77 14.55 46.98
C VAL C 36 -29.09 14.87 45.63
N ILE C 37 -29.69 15.77 44.86
CA ILE C 37 -29.13 16.17 43.57
C ILE C 37 -28.63 17.60 43.69
N MET C 38 -27.31 17.79 43.56
CA MET C 38 -26.69 19.10 43.69
C MET C 38 -26.30 19.67 42.31
N GLY C 39 -26.72 20.89 41.99
CA GLY C 39 -26.30 21.50 40.72
C GLY C 39 -27.31 21.65 39.60
N ILE C 40 -28.60 21.73 39.91
CA ILE C 40 -29.54 22.13 38.89
C ILE C 40 -29.57 23.66 38.85
N ALA C 41 -29.34 24.24 37.68
CA ALA C 41 -29.51 25.68 37.43
C ALA C 41 -30.73 25.94 36.56
N ASN C 42 -30.96 25.06 35.58
CA ASN C 42 -32.11 25.27 34.70
C ASN C 42 -32.48 23.98 33.97
N LYS C 43 -33.39 24.07 33.00
CA LYS C 43 -33.89 22.87 32.33
C LYS C 43 -32.85 22.13 31.48
N ARG C 44 -31.73 22.78 31.15
CA ARG C 44 -30.70 22.11 30.36
CA ARG C 44 -30.67 22.13 30.38
C ARG C 44 -29.59 21.52 31.27
N SER C 45 -29.71 21.72 32.58
CA SER C 45 -28.66 21.24 33.49
C SER C 45 -28.56 19.73 33.38
N ILE C 46 -27.34 19.19 33.41
CA ILE C 46 -27.19 17.73 33.44
C ILE C 46 -27.95 17.14 34.63
N ALA C 47 -27.88 17.82 35.77
CA ALA C 47 -28.51 17.30 36.98
C ALA C 47 -30.02 17.24 36.79
N PHE C 48 -30.59 18.03 35.90
CA PHE C 48 -32.03 17.91 35.63
C PHE C 48 -32.37 16.68 34.75
N GLY C 49 -31.47 16.23 33.88
CA GLY C 49 -31.69 14.91 33.27
C GLY C 49 -31.69 13.81 34.32
N VAL C 50 -30.73 13.88 35.24
CA VAL C 50 -30.66 12.94 36.36
C VAL C 50 -31.99 12.97 37.16
N ALA C 51 -32.43 14.18 37.53
CA ALA C 51 -33.66 14.30 38.32
C ALA C 51 -34.84 13.65 37.57
N LYS C 52 -34.95 13.91 36.26
CA LYS C 52 -36.12 13.39 35.53
C LYS C 52 -36.14 11.87 35.60
N VAL C 53 -34.96 11.26 35.42
CA VAL C 53 -34.86 9.79 35.38
C VAL C 53 -35.17 9.22 36.77
N LEU C 54 -34.57 9.79 37.82
CA LEU C 54 -34.73 9.25 39.16
C LEU C 54 -36.16 9.45 39.60
N ASP C 55 -36.76 10.57 39.19
CA ASP C 55 -38.17 10.86 39.49
C ASP C 55 -39.10 9.84 38.83
N GLN C 56 -38.84 9.52 37.56
CA GLN C 56 -39.61 8.56 36.80
C GLN C 56 -39.54 7.17 37.45
N LEU C 57 -38.44 6.93 38.15
CA LEU C 57 -38.19 5.64 38.79
C LEU C 57 -38.73 5.54 40.22
N GLY C 58 -39.43 6.57 40.67
CA GLY C 58 -40.06 6.53 42.01
C GLY C 58 -39.26 7.10 43.17
N ALA C 59 -38.05 7.62 42.95
CA ALA C 59 -37.22 8.13 44.04
C ALA C 59 -37.84 9.39 44.63
N LYS C 60 -37.56 9.64 45.91
CA LYS C 60 -37.76 10.95 46.49
C LYS C 60 -36.46 11.74 46.30
N LEU C 61 -36.58 13.00 45.90
CA LEU C 61 -35.46 13.86 45.54
C LEU C 61 -35.39 15.13 46.39
N VAL C 62 -34.16 15.46 46.78
CA VAL C 62 -33.82 16.67 47.51
C VAL C 62 -32.85 17.40 46.58
N PHE C 63 -33.02 18.71 46.45
CA PHE C 63 -32.21 19.54 45.54
C PHE C 63 -31.45 20.64 46.28
N THR C 64 -30.19 20.79 45.88
CA THR C 64 -29.42 21.93 46.40
C THR C 64 -29.05 22.87 45.28
N TYR C 65 -28.96 24.15 45.64
CA TYR C 65 -28.67 25.20 44.66
C TYR C 65 -27.75 26.25 45.28
N ARG C 66 -27.15 27.09 44.43
CA ARG C 66 -26.38 28.23 44.95
C ARG C 66 -27.15 29.52 44.73
N LYS C 67 -27.49 29.83 43.48
CA LYS C 67 -28.03 31.18 43.19
C LYS C 67 -29.54 31.16 43.46
N GLU C 68 -30.05 32.28 43.91
CA GLU C 68 -31.48 32.41 44.06
C GLU C 68 -32.19 32.11 42.74
N ARG C 69 -31.60 32.47 41.60
CA ARG C 69 -32.25 32.24 40.31
C ARG C 69 -32.40 30.74 40.08
N SER C 70 -31.41 29.97 40.53
CA SER C 70 -31.50 28.53 40.39
C SER C 70 -32.65 27.97 41.25
N ARG C 71 -32.89 28.56 42.41
CA ARG C 71 -34.04 28.11 43.21
C ARG C 71 -35.32 28.40 42.43
N LYS C 72 -35.42 29.58 41.81
CA LYS C 72 -36.62 29.90 41.04
C LYS C 72 -36.85 28.91 39.89
N GLU C 73 -35.77 28.46 39.26
CA GLU C 73 -35.93 27.49 38.18
C GLU C 73 -36.33 26.12 38.72
N LEU C 74 -35.71 25.69 39.81
CA LEU C 74 -36.14 24.48 40.52
C LEU C 74 -37.64 24.51 40.84
N GLU C 75 -38.14 25.63 41.35
CA GLU C 75 -39.56 25.74 41.61
C GLU C 75 -40.39 25.46 40.34
N LYS C 76 -40.00 26.04 39.21
CA LYS C 76 -40.72 25.88 37.95
C LYS C 76 -40.56 24.43 37.45
N LEU C 77 -39.37 23.86 37.57
CA LEU C 77 -39.10 22.53 37.01
C LEU C 77 -39.75 21.41 37.82
N LEU C 78 -39.92 21.61 39.13
CA LEU C 78 -40.59 20.61 39.96
C LEU C 78 -42.05 20.34 39.52
N GLU C 79 -42.66 21.31 38.87
CA GLU C 79 -43.99 21.11 38.27
C GLU C 79 -44.02 20.01 37.20
N GLN C 80 -42.88 19.74 36.58
CA GLN C 80 -42.77 18.63 35.62
C GLN C 80 -42.46 17.29 36.25
N LEU C 81 -42.14 17.27 37.54
CA LEU C 81 -41.76 16.03 38.20
C LEU C 81 -42.93 15.48 39.01
N ASN C 82 -42.79 14.25 39.48
CA ASN C 82 -43.81 13.61 40.31
C ASN C 82 -43.59 13.81 41.79
N GLN C 83 -42.65 14.67 42.18
CA GLN C 83 -42.36 14.89 43.59
C GLN C 83 -43.50 15.61 44.27
N PRO C 84 -44.11 14.98 45.30
CA PRO C 84 -45.26 15.62 45.95
C PRO C 84 -44.83 16.79 46.82
N GLU C 85 -43.54 16.89 47.14
CA GLU C 85 -43.08 18.12 47.77
C GLU C 85 -41.69 18.55 47.37
N ALA C 86 -41.54 19.87 47.41
CA ALA C 86 -40.28 20.55 47.12
C ALA C 86 -39.35 20.45 48.32
N HIS C 87 -38.23 19.75 48.18
CA HIS C 87 -37.21 19.83 49.22
C HIS C 87 -36.02 20.59 48.65
N LEU C 88 -35.94 21.91 48.89
CA LEU C 88 -34.88 22.74 48.26
C LEU C 88 -33.95 23.33 49.30
N TYR C 89 -32.64 23.26 49.09
CA TYR C 89 -31.71 23.80 50.07
C TYR C 89 -30.61 24.61 49.39
N GLN C 90 -30.33 25.81 49.90
CA GLN C 90 -29.24 26.59 49.32
C GLN C 90 -27.96 26.05 49.92
N ILE C 91 -27.04 25.57 49.08
CA ILE C 91 -25.72 25.17 49.54
C ILE C 91 -24.71 25.74 48.55
N ASP C 92 -23.96 26.73 49.00
CA ASP C 92 -22.79 27.13 48.22
C ASP C 92 -21.62 26.28 48.71
N VAL C 93 -21.04 25.45 47.84
CA VAL C 93 -20.04 24.48 48.29
C VAL C 93 -18.67 25.11 48.63
N GLN C 94 -18.52 26.41 48.38
CA GLN C 94 -17.38 27.15 48.92
C GLN C 94 -17.41 27.31 50.43
N SER C 95 -18.56 27.15 51.06
CA SER C 95 -18.69 27.38 52.50
C SER C 95 -18.82 26.06 53.24
N ASP C 96 -17.85 25.75 54.10
CA ASP C 96 -17.99 24.57 54.96
C ASP C 96 -19.31 24.59 55.74
N GLU C 97 -19.62 25.75 56.33
CA GLU C 97 -20.82 25.89 57.16
CA GLU C 97 -20.80 25.79 57.19
C GLU C 97 -22.07 25.53 56.35
N GLU C 98 -22.10 25.97 55.10
CA GLU C 98 -23.31 25.75 54.30
C GLU C 98 -23.49 24.29 53.90
N VAL C 99 -22.40 23.62 53.59
CA VAL C 99 -22.46 22.18 53.30
C VAL C 99 -22.84 21.45 54.61
N ILE C 100 -22.17 21.81 55.70
CA ILE C 100 -22.41 21.10 56.95
C ILE C 100 -23.87 21.27 57.39
N ASN C 101 -24.30 22.53 57.47
CA ASN C 101 -25.67 22.82 57.93
C ASN C 101 -26.75 22.39 56.95
N GLY C 102 -26.45 22.43 55.64
CA GLY C 102 -27.38 21.95 54.63
C GLY C 102 -27.64 20.46 54.70
N PHE C 103 -26.59 19.64 54.80
CA PHE C 103 -26.84 18.21 54.93
C PHE C 103 -27.48 17.89 56.28
N GLU C 104 -27.10 18.62 57.32
CA GLU C 104 -27.72 18.43 58.65
C GLU C 104 -29.22 18.70 58.57
N GLN C 105 -29.60 19.80 57.94
CA GLN C 105 -31.00 20.13 57.74
C GLN C 105 -31.71 19.08 56.85
N ILE C 106 -31.09 18.65 55.74
CA ILE C 106 -31.66 17.58 54.93
C ILE C 106 -32.03 16.33 55.77
N GLY C 107 -31.13 15.91 56.65
CA GLY C 107 -31.35 14.75 57.49
C GLY C 107 -32.49 14.93 58.47
N LYS C 108 -32.69 16.15 58.95
CA LYS C 108 -33.81 16.41 59.84
C LYS C 108 -35.12 16.38 59.10
N ASP C 109 -35.09 16.85 57.86
CA ASP C 109 -36.32 17.04 57.09
C ASP C 109 -36.78 15.75 56.41
N VAL C 110 -35.86 14.96 55.86
CA VAL C 110 -36.28 13.78 55.10
C VAL C 110 -35.72 12.49 55.68
N GLY C 111 -34.79 12.60 56.61
CA GLY C 111 -34.18 11.40 57.20
C GLY C 111 -32.93 10.97 56.43
N ASN C 112 -32.58 9.70 56.56
CA ASN C 112 -31.44 9.10 55.87
C ASN C 112 -31.65 8.98 54.36
N ILE C 113 -30.54 9.14 53.63
CA ILE C 113 -30.56 9.19 52.18
C ILE C 113 -29.80 7.99 51.64
N ASP C 114 -30.02 7.73 50.36
CA ASP C 114 -29.38 6.60 49.72
C ASP C 114 -28.25 7.06 48.81
N GLY C 115 -28.18 8.34 48.45
CA GLY C 115 -27.08 8.71 47.59
C GLY C 115 -27.07 10.21 47.30
N VAL C 116 -26.04 10.66 46.60
CA VAL C 116 -25.87 12.09 46.25
C VAL C 116 -25.42 12.10 44.79
N TYR C 117 -26.03 12.95 43.97
CA TYR C 117 -25.53 13.18 42.64
C TYR C 117 -24.90 14.60 42.66
N HIS C 118 -23.60 14.69 42.37
CA HIS C 118 -22.85 15.94 42.40
C HIS C 118 -22.61 16.42 40.95
N SER C 119 -23.20 17.58 40.64
CA SER C 119 -23.13 18.10 39.29
C SER C 119 -22.69 19.57 39.36
N ILE C 120 -21.55 19.79 40.01
CA ILE C 120 -21.13 21.16 40.35
C ILE C 120 -19.73 21.42 39.83
N ALA C 121 -19.52 22.50 39.06
CA ALA C 121 -18.18 22.93 38.74
C ALA C 121 -18.21 24.42 38.43
N PHE C 122 -17.06 25.07 38.54
CA PHE C 122 -17.00 26.47 38.17
C PHE C 122 -15.56 26.84 37.83
N ALA C 123 -15.41 27.72 36.85
CA ALA C 123 -14.13 28.38 36.58
C ALA C 123 -14.46 29.74 35.99
N ASN C 124 -13.60 30.73 36.23
CA ASN C 124 -13.73 32.04 35.59
C ASN C 124 -13.62 31.89 34.09
N MET C 125 -14.38 32.64 33.29
N MET C 125 -14.43 32.66 33.35
CA MET C 125 -14.42 32.36 31.84
CA MET C 125 -14.26 32.87 31.91
C MET C 125 -13.07 32.52 31.14
C MET C 125 -12.84 33.33 31.69
N GLU C 126 -12.23 33.41 31.65
N GLU C 126 -12.38 34.00 32.73
CA GLU C 126 -10.95 33.64 30.99
CA GLU C 126 -11.19 34.81 32.74
C GLU C 126 -10.01 32.44 31.16
C GLU C 126 -9.89 33.98 32.70
N ASP C 127 -10.42 31.47 31.96
N ASP C 127 -9.83 32.90 33.47
CA ASP C 127 -9.61 30.27 32.17
CA ASP C 127 -8.74 31.95 33.24
C ASP C 127 -10.13 29.08 31.35
C ASP C 127 -9.07 30.97 32.11
N LEU C 128 -11.00 29.34 30.39
N LEU C 128 -10.33 30.62 31.92
CA LEU C 128 -11.67 28.30 29.57
CA LEU C 128 -10.68 29.66 30.85
C LEU C 128 -11.45 28.57 28.07
C LEU C 128 -10.31 30.19 29.47
N ARG C 129 -10.37 29.30 27.82
N ARG C 129 -10.69 31.44 29.19
CA ARG C 129 -9.93 29.69 26.49
CA ARG C 129 -10.35 32.14 27.94
C ARG C 129 -8.49 30.19 26.58
C ARG C 129 -9.01 32.85 28.02
N GLY C 130 -7.87 30.44 25.43
N GLY C 130 -7.96 32.03 28.01
CA GLY C 130 -6.50 30.96 25.38
CA GLY C 130 -6.58 32.48 28.21
C GLY C 130 -5.48 30.00 26.00
C GLY C 130 -5.78 31.20 28.07
N ARG C 131 -4.39 30.57 26.52
N ARG C 131 -4.53 31.31 27.61
CA ARG C 131 -3.25 29.76 26.98
CA ARG C 131 -3.64 30.16 27.44
C ARG C 131 -3.34 29.39 28.47
C ARG C 131 -3.55 29.42 28.75
N PHE C 132 -3.36 28.09 28.75
CA PHE C 132 -3.34 27.50 30.10
C PHE C 132 -2.15 28.00 30.94
N SER C 133 -0.99 28.20 30.33
CA SER C 133 0.17 28.60 31.16
C SER C 133 -0.04 29.98 31.80
N GLU C 134 -1.03 30.75 31.32
CA GLU C 134 -1.33 32.08 31.86
C GLU C 134 -2.37 32.07 33.01
N THR C 135 -2.80 30.87 33.42
CA THR C 135 -3.80 30.74 34.48
C THR C 135 -3.31 31.37 35.80
N SER C 136 -4.16 32.16 36.45
CA SER C 136 -3.80 32.76 37.72
C SER C 136 -3.95 31.75 38.85
N ARG C 137 -3.17 31.93 39.92
CA ARG C 137 -3.29 31.12 41.13
C ARG C 137 -4.72 31.12 41.70
N GLU C 138 -5.31 32.31 41.77
CA GLU C 138 -6.65 32.51 42.29
C GLU C 138 -7.66 31.74 41.41
N GLY C 139 -7.52 31.76 40.10
CA GLY C 139 -8.50 31.05 39.25
C GLY C 139 -8.30 29.54 39.27
N PHE C 140 -7.04 29.12 39.43
CA PHE C 140 -6.73 27.69 39.51
C PHE C 140 -7.32 27.13 40.77
N LEU C 141 -7.10 27.83 41.88
CA LEU C 141 -7.56 27.31 43.18
C LEU C 141 -9.07 27.41 43.31
N LEU C 142 -9.68 28.42 42.68
CA LEU C 142 -11.15 28.53 42.66
C LEU C 142 -11.81 27.32 41.99
N ALA C 143 -11.27 26.93 40.83
CA ALA C 143 -11.77 25.77 40.11
C ALA C 143 -11.58 24.49 40.93
N GLN C 144 -10.44 24.34 41.58
CA GLN C 144 -10.22 23.15 42.45
C GLN C 144 -11.21 23.11 43.61
N ASP C 145 -11.46 24.27 44.20
CA ASP C 145 -12.25 24.37 45.42
C ASP C 145 -13.69 23.95 45.10
N ILE C 146 -14.25 24.56 44.07
CA ILE C 146 -15.66 24.32 43.77
C ILE C 146 -15.83 22.95 43.07
N SER C 147 -14.87 22.61 42.21
CA SER C 147 -15.17 21.51 41.30
C SER C 147 -14.62 20.17 41.82
N SER C 148 -13.67 20.21 42.75
CA SER C 148 -13.07 18.96 43.26
C SER C 148 -13.26 18.86 44.76
N TYR C 149 -12.73 19.81 45.53
CA TYR C 149 -12.79 19.71 47.00
C TYR C 149 -14.24 19.58 47.43
N SER C 150 -15.17 20.31 46.81
CA SER C 150 -16.59 20.17 47.19
C SER C 150 -17.06 18.71 47.32
N LEU C 151 -16.55 17.80 46.47
CA LEU C 151 -17.01 16.40 46.53
C LEU C 151 -16.55 15.80 47.85
N THR C 152 -15.35 16.16 48.27
CA THR C 152 -14.82 15.60 49.50
C THR C 152 -15.66 15.97 50.74
N ILE C 153 -15.94 17.26 50.89
CA ILE C 153 -16.67 17.69 52.08
C ILE C 153 -18.13 17.22 51.95
N VAL C 154 -18.68 17.23 50.74
CA VAL C 154 -20.04 16.70 50.56
C VAL C 154 -20.10 15.21 50.96
N ALA C 155 -19.12 14.41 50.55
CA ALA C 155 -19.11 13.01 50.96
C ALA C 155 -19.00 12.89 52.47
N HIS C 156 -18.16 13.71 53.10
CA HIS C 156 -18.02 13.59 54.54
C HIS C 156 -19.32 13.89 55.27
N GLU C 157 -20.08 14.87 54.79
CA GLU C 157 -21.31 15.28 55.46
C GLU C 157 -22.45 14.33 55.09
N ALA C 158 -22.50 13.93 53.83
CA ALA C 158 -23.56 13.07 53.34
C ALA C 158 -23.44 11.66 53.96
N LYS C 159 -22.23 11.22 54.23
CA LYS C 159 -22.06 9.91 54.89
C LYS C 159 -22.78 9.76 56.23
N LYS C 160 -22.89 10.88 56.96
CA LYS C 160 -23.68 10.91 58.19
C LYS C 160 -25.15 10.51 58.00
N LEU C 161 -25.65 10.62 56.77
CA LEU C 161 -27.03 10.27 56.46
C LEU C 161 -27.11 8.92 55.75
N MET C 162 -26.02 8.16 55.74
CA MET C 162 -26.00 6.89 55.04
C MET C 162 -25.41 5.78 55.92
N PRO C 163 -26.00 5.56 57.10
CA PRO C 163 -25.39 4.59 58.00
C PRO C 163 -25.44 3.17 57.46
N GLU C 164 -26.36 2.83 56.56
CA GLU C 164 -26.35 1.51 55.92
C GLU C 164 -25.71 1.43 54.56
N GLY C 165 -25.04 2.50 54.12
CA GLY C 165 -24.38 2.50 52.81
C GLY C 165 -25.13 3.43 51.88
N GLY C 166 -24.58 3.61 50.68
CA GLY C 166 -25.22 4.51 49.77
C GLY C 166 -24.31 4.64 48.56
N SER C 167 -24.60 5.64 47.73
CA SER C 167 -23.87 5.76 46.46
C SER C 167 -23.70 7.25 46.13
N ILE C 168 -22.48 7.68 45.84
CA ILE C 168 -22.20 9.07 45.47
C ILE C 168 -21.64 9.10 44.05
N VAL C 169 -22.20 9.93 43.18
CA VAL C 169 -21.73 10.01 41.81
C VAL C 169 -21.40 11.47 41.49
N ALA C 170 -20.26 11.73 40.83
CA ALA C 170 -19.86 13.09 40.43
C ALA C 170 -19.73 13.11 38.89
N THR C 171 -19.78 14.31 38.31
CA THR C 171 -19.83 14.45 36.85
C THR C 171 -18.51 14.99 36.36
N THR C 172 -17.83 14.24 35.51
CA THR C 172 -16.57 14.70 34.98
C THR C 172 -16.64 14.80 33.45
N TYR C 173 -15.50 15.10 32.86
CA TYR C 173 -15.38 15.21 31.39
C TYR C 173 -13.98 14.65 31.02
N LEU C 174 -13.87 14.17 29.78
CA LEU C 174 -12.65 13.59 29.19
C LEU C 174 -11.44 14.53 29.29
N GLY C 175 -11.67 15.85 29.31
CA GLY C 175 -10.61 16.79 29.68
C GLY C 175 -9.81 16.55 30.97
N GLY C 176 -10.32 15.74 31.89
CA GLY C 176 -9.62 15.38 33.12
C GLY C 176 -8.62 14.28 32.82
N GLU C 177 -8.75 13.61 31.68
CA GLU C 177 -7.90 12.47 31.32
C GLU C 177 -6.89 12.80 30.22
N PHE C 178 -7.21 13.79 29.40
CA PHE C 178 -6.43 14.21 28.25
C PHE C 178 -6.48 15.73 28.16
N ALA C 179 -5.46 16.34 27.58
CA ALA C 179 -5.47 17.79 27.42
C ALA C 179 -6.35 18.12 26.23
N VAL C 180 -7.43 18.88 26.45
CA VAL C 180 -8.26 19.21 25.28
C VAL C 180 -8.17 20.72 25.09
N GLN C 181 -8.23 21.23 23.86
CA GLN C 181 -8.07 22.68 23.72
C GLN C 181 -9.12 23.40 24.56
N ASN C 182 -8.74 24.57 25.07
CA ASN C 182 -9.64 25.48 25.80
C ASN C 182 -10.14 25.08 27.18
N TYR C 183 -10.23 23.79 27.49
CA TYR C 183 -10.85 23.41 28.74
C TYR C 183 -9.93 23.78 29.90
N ASN C 184 -8.62 23.75 29.62
CA ASN C 184 -7.61 24.46 30.45
C ASN C 184 -7.78 24.22 31.96
N VAL C 185 -8.06 25.25 32.75
CA VAL C 185 -8.04 25.03 34.21
C VAL C 185 -9.08 23.98 34.66
N MET C 186 -10.18 23.84 33.94
CA MET C 186 -11.16 22.85 34.33
C MET C 186 -10.67 21.39 34.07
N GLY C 187 -9.81 21.21 33.05
CA GLY C 187 -9.20 19.90 32.84
C GLY C 187 -8.46 19.46 34.09
N VAL C 188 -7.66 20.38 34.65
CA VAL C 188 -6.84 20.03 35.80
C VAL C 188 -7.75 19.83 37.02
N ALA C 189 -8.85 20.59 37.13
CA ALA C 189 -9.83 20.36 38.21
C ALA C 189 -10.58 19.02 38.04
N LYS C 190 -10.87 18.61 36.81
CA LYS C 190 -11.50 17.28 36.61
C LYS C 190 -10.53 16.14 36.91
N ALA C 191 -9.26 16.33 36.60
CA ALA C 191 -8.30 15.26 36.93
C ALA C 191 -8.28 15.10 38.46
N SER C 192 -8.26 16.23 39.15
CA SER C 192 -8.35 16.26 40.60
C SER C 192 -9.63 15.58 41.09
N LEU C 193 -10.76 15.94 40.46
CA LEU C 193 -12.05 15.32 40.82
C LEU C 193 -12.05 13.79 40.62
N GLU C 194 -11.46 13.33 39.52
CA GLU C 194 -11.48 11.90 39.25
C GLU C 194 -10.60 11.15 40.26
N ALA C 195 -9.47 11.74 40.63
CA ALA C 195 -8.70 11.14 41.71
C ALA C 195 -9.45 11.18 43.04
N ASN C 196 -10.13 12.30 43.30
CA ASN C 196 -10.95 12.45 44.52
C ASN C 196 -11.94 11.26 44.64
N VAL C 197 -12.60 10.95 43.54
CA VAL C 197 -13.51 9.81 43.47
C VAL C 197 -12.83 8.49 43.88
N LYS C 198 -11.63 8.22 43.35
CA LYS C 198 -10.89 7.02 43.75
C LYS C 198 -10.54 7.03 45.25
N TYR C 199 -10.06 8.16 45.77
CA TYR C 199 -9.63 8.16 47.17
C TYR C 199 -10.86 8.03 48.09
N LEU C 200 -11.96 8.66 47.69
CA LEU C 200 -13.17 8.57 48.49
C LEU C 200 -13.69 7.13 48.41
N ALA C 201 -13.58 6.52 47.24
CA ALA C 201 -14.01 5.10 47.11
C ALA C 201 -13.28 4.20 48.09
N LEU C 202 -11.96 4.35 48.14
CA LEU C 202 -11.13 3.57 49.06
C LEU C 202 -11.53 3.86 50.52
N ASP C 203 -11.73 5.13 50.87
CA ASP C 203 -11.97 5.50 52.26
C ASP C 203 -13.34 5.02 52.76
N LEU C 204 -14.34 5.20 51.90
CA LEU C 204 -15.75 5.01 52.28
C LEU C 204 -16.27 3.61 51.92
N GLY C 205 -15.49 2.86 51.14
CA GLY C 205 -15.83 1.46 50.82
C GLY C 205 -16.18 0.57 52.02
N PRO C 206 -15.39 0.65 53.10
CA PRO C 206 -15.70 -0.16 54.29
C PRO C 206 -17.01 0.25 54.95
N ASP C 207 -17.49 1.45 54.65
CA ASP C 207 -18.81 1.91 55.12
C ASP C 207 -19.94 1.53 54.19
N ASN C 208 -19.66 0.67 53.21
CA ASN C 208 -20.61 0.38 52.13
C ASN C 208 -21.09 1.63 51.34
N ILE C 209 -20.22 2.62 51.17
CA ILE C 209 -20.58 3.77 50.34
C ILE C 209 -19.74 3.70 49.09
N ARG C 210 -20.41 3.58 47.95
CA ARG C 210 -19.70 3.56 46.65
C ARG C 210 -19.56 4.97 46.12
N VAL C 211 -18.44 5.24 45.43
CA VAL C 211 -18.17 6.60 44.88
C VAL C 211 -17.69 6.39 43.45
N ASN C 212 -18.36 7.01 42.51
CA ASN C 212 -18.09 6.81 41.10
C ASN C 212 -18.26 8.14 40.35
N ALA C 213 -17.82 8.19 39.10
CA ALA C 213 -18.01 9.37 38.25
C ALA C 213 -18.63 8.97 36.94
N ILE C 214 -19.40 9.89 36.32
CA ILE C 214 -19.83 9.76 34.94
C ILE C 214 -19.08 10.83 34.13
N SER C 215 -18.38 10.39 33.09
CA SER C 215 -17.72 11.31 32.22
C SER C 215 -18.66 11.56 31.08
N ALA C 216 -19.35 12.69 31.13
CA ALA C 216 -20.35 13.01 30.11
C ALA C 216 -19.67 13.58 28.89
N GLY C 217 -20.16 13.21 27.71
CA GLY C 217 -19.86 13.92 26.45
C GLY C 217 -20.38 15.36 26.51
N PRO C 218 -19.99 16.18 25.52
CA PRO C 218 -20.41 17.59 25.54
C PRO C 218 -21.93 17.68 25.36
N ILE C 219 -22.50 18.59 26.14
CA ILE C 219 -23.95 18.83 26.13
C ILE C 219 -24.19 20.33 26.25
N ARG C 220 -25.17 20.86 25.52
CA ARG C 220 -25.41 22.29 25.55
CA ARG C 220 -25.46 22.29 25.51
C ARG C 220 -26.12 22.68 26.84
N THR C 221 -25.39 23.35 27.73
CA THR C 221 -25.89 23.77 29.06
C THR C 221 -25.41 25.20 29.27
N LEU C 222 -25.81 25.82 30.36
CA LEU C 222 -25.37 27.18 30.63
C LEU C 222 -23.86 27.22 30.86
N SER C 223 -23.31 26.19 31.49
CA SER C 223 -21.89 26.21 31.79
C SER C 223 -21.06 25.97 30.51
N ALA C 224 -21.63 25.28 29.52
CA ALA C 224 -20.90 25.03 28.24
C ALA C 224 -20.63 26.33 27.47
N LYS C 225 -21.43 27.36 27.76
CA LYS C 225 -21.33 28.65 27.06
C LYS C 225 -20.01 29.27 27.42
N GLY C 226 -19.43 28.85 28.54
CA GLY C 226 -18.13 29.34 28.93
C GLY C 226 -16.93 28.63 28.32
N VAL C 227 -17.10 27.45 27.73
CA VAL C 227 -15.96 26.72 27.20
C VAL C 227 -15.63 27.17 25.77
N GLY C 228 -14.44 27.71 25.52
CA GLY C 228 -14.11 28.11 24.14
C GLY C 228 -14.30 26.96 23.16
N GLY C 229 -14.76 27.25 21.93
CA GLY C 229 -14.81 26.25 20.88
C GLY C 229 -15.79 25.12 21.09
N PHE C 230 -16.73 25.33 22.03
CA PHE C 230 -17.69 24.30 22.33
C PHE C 230 -18.41 23.75 21.11
N ASN C 231 -18.84 24.60 20.18
CA ASN C 231 -19.51 24.09 18.97
C ASN C 231 -18.66 23.14 18.16
N THR C 232 -17.35 23.38 18.10
CA THR C 232 -16.50 22.45 17.36
C THR C 232 -16.29 21.15 18.14
N ILE C 233 -16.43 21.19 19.46
CA ILE C 233 -16.31 19.97 20.24
C ILE C 233 -17.52 19.10 19.93
N LEU C 234 -18.71 19.69 19.92
CA LEU C 234 -19.91 18.91 19.62
C LEU C 234 -19.84 18.26 18.24
N LYS C 235 -19.45 19.06 17.24
CA LYS C 235 -19.37 18.58 15.87
C LYS C 235 -18.38 17.42 15.74
N GLU C 236 -17.31 17.44 16.52
CA GLU C 236 -16.32 16.39 16.33
C GLU C 236 -16.90 15.05 16.86
N ILE C 237 -17.74 15.11 17.88
CA ILE C 237 -18.35 13.89 18.41
C ILE C 237 -19.25 13.30 17.31
N GLU C 238 -20.07 14.09 16.63
CA GLU C 238 -20.96 13.51 15.62
C GLU C 238 -20.14 12.91 14.52
N GLU C 239 -19.03 13.55 14.18
CA GLU C 239 -18.19 13.08 13.09
C GLU C 239 -17.36 11.86 13.41
N ARG C 240 -16.84 11.78 14.64
CA ARG C 240 -15.77 10.82 14.94
C ARG C 240 -16.14 9.78 16.01
N ALA C 241 -17.08 10.09 16.88
CA ALA C 241 -17.34 9.10 17.97
C ALA C 241 -18.04 7.84 17.40
N PRO C 242 -17.82 6.65 18.02
CA PRO C 242 -18.39 5.42 17.48
C PRO C 242 -19.90 5.55 17.15
N LEU C 243 -20.70 6.15 18.03
CA LEU C 243 -22.16 6.26 17.75
C LEU C 243 -22.47 7.37 16.76
N LYS C 244 -21.50 8.20 16.43
CA LYS C 244 -21.77 9.29 15.46
C LYS C 244 -22.94 10.19 15.83
N ARG C 245 -23.06 10.52 17.11
CA ARG C 245 -24.15 11.38 17.55
C ARG C 245 -23.73 11.85 18.92
N ASN C 246 -24.32 12.97 19.33
CA ASN C 246 -24.06 13.49 20.66
C ASN C 246 -25.02 12.88 21.70
N VAL C 247 -24.65 12.92 22.97
CA VAL C 247 -25.49 12.36 24.02
C VAL C 247 -26.35 13.46 24.63
N ASP C 248 -27.29 13.10 25.49
CA ASP C 248 -28.06 14.13 26.16
C ASP C 248 -28.16 13.89 27.65
N GLN C 249 -28.81 14.86 28.32
CA GLN C 249 -28.79 14.87 29.79
C GLN C 249 -29.48 13.62 30.31
N VAL C 250 -30.57 13.21 29.67
CA VAL C 250 -31.27 12.02 30.14
C VAL C 250 -30.44 10.74 30.02
N GLU C 251 -29.55 10.70 29.03
CA GLU C 251 -28.66 9.53 28.97
C GLU C 251 -27.70 9.49 30.14
N VAL C 252 -27.19 10.67 30.53
CA VAL C 252 -26.38 10.74 31.75
C VAL C 252 -27.23 10.30 32.95
N GLY C 253 -28.47 10.77 33.02
CA GLY C 253 -29.38 10.32 34.10
C GLY C 253 -29.62 8.81 34.18
N LYS C 254 -29.73 8.15 33.03
CA LYS C 254 -29.93 6.69 33.03
C LYS C 254 -28.70 5.99 33.60
N THR C 255 -27.50 6.39 33.19
CA THR C 255 -26.30 5.85 33.86
C THR C 255 -26.22 6.23 35.36
N ALA C 256 -26.67 7.43 35.74
CA ALA C 256 -26.71 7.78 37.16
C ALA C 256 -27.65 6.86 37.91
N ALA C 257 -28.80 6.51 37.32
CA ALA C 257 -29.75 5.62 38.00
C ALA C 257 -29.07 4.27 38.22
N TYR C 258 -28.31 3.81 37.23
CA TYR C 258 -27.59 2.57 37.44
C TYR C 258 -26.59 2.69 38.61
N LEU C 259 -25.75 3.72 38.58
CA LEU C 259 -24.72 3.90 39.61
C LEU C 259 -25.33 4.16 41.00
N LEU C 260 -26.43 4.88 41.05
CA LEU C 260 -27.05 5.17 42.36
C LEU C 260 -27.86 4.01 42.92
N SER C 261 -28.08 2.97 42.12
CA SER C 261 -28.91 1.83 42.52
C SER C 261 -28.11 0.58 42.87
N ASP C 262 -28.82 -0.41 43.39
CA ASP C 262 -28.25 -1.72 43.63
C ASP C 262 -27.77 -2.39 42.35
N LEU C 263 -28.17 -1.92 41.17
CA LEU C 263 -27.70 -2.60 39.98
C LEU C 263 -26.17 -2.54 39.87
N SER C 264 -25.57 -1.52 40.48
CA SER C 264 -24.13 -1.36 40.33
C SER C 264 -23.42 -1.77 41.62
N SER C 265 -23.97 -2.72 42.36
N SER C 265 -23.94 -2.72 42.39
CA SER C 265 -23.25 -3.17 43.53
CA SER C 265 -23.41 -2.88 43.77
C SER C 265 -21.94 -3.81 43.06
C SER C 265 -21.91 -3.25 43.87
N GLY C 266 -20.90 -3.67 43.87
N GLY C 266 -21.36 -3.91 42.86
CA GLY C 266 -19.59 -4.12 43.43
CA GLY C 266 -19.95 -4.32 42.90
C GLY C 266 -18.85 -3.12 42.54
C GLY C 266 -19.00 -3.26 42.33
N VAL C 267 -19.50 -2.04 42.10
CA VAL C 267 -18.80 -1.03 41.26
C VAL C 267 -18.47 0.21 42.08
N THR C 268 -17.19 0.49 42.29
CA THR C 268 -16.82 1.71 43.00
C THR C 268 -15.45 2.16 42.51
N GLY C 269 -15.17 3.45 42.63
CA GLY C 269 -13.92 3.96 42.09
C GLY C 269 -13.86 4.03 40.55
N GLU C 270 -14.99 3.95 39.88
CA GLU C 270 -15.08 3.74 38.44
C GLU C 270 -15.50 5.05 37.77
N ASN C 271 -15.16 5.19 36.50
CA ASN C 271 -15.58 6.41 35.75
C ASN C 271 -16.23 5.89 34.48
N ILE C 272 -17.54 6.03 34.33
CA ILE C 272 -18.25 5.48 33.19
C ILE C 272 -18.40 6.59 32.14
N HIS C 273 -17.90 6.36 30.93
CA HIS C 273 -18.03 7.41 29.90
C HIS C 273 -19.39 7.33 29.22
N VAL C 274 -20.16 8.41 29.33
CA VAL C 274 -21.44 8.43 28.61
C VAL C 274 -21.22 9.46 27.50
N ASP C 275 -20.56 9.04 26.41
CA ASP C 275 -20.00 10.04 25.48
C ASP C 275 -19.99 9.46 24.08
N SER C 276 -20.89 8.51 23.80
CA SER C 276 -20.96 7.94 22.44
C SER C 276 -19.72 7.13 22.02
N GLY C 277 -18.90 6.75 22.99
CA GLY C 277 -17.67 5.99 22.71
C GLY C 277 -16.45 6.83 22.42
N PHE C 278 -16.57 8.17 22.52
CA PHE C 278 -15.47 9.03 22.06
C PHE C 278 -14.20 8.79 22.88
N HIS C 279 -14.32 8.43 24.17
CA HIS C 279 -13.13 8.16 25.00
C HIS C 279 -12.30 7.01 24.42
N ALA C 280 -12.91 6.09 23.68
CA ALA C 280 -12.21 4.87 23.27
C ALA C 280 -11.44 5.03 21.96
N ILE C 281 -11.52 6.18 21.31
CA ILE C 281 -10.97 6.26 19.95
C ILE C 281 -9.90 7.35 19.95
N LYS C 282 -8.99 7.27 18.98
CA LYS C 282 -8.08 8.39 18.70
C LYS C 282 -7.94 8.55 17.20
N ASN D 29 25.43 14.08 26.86
CA ASN D 29 26.37 15.23 27.11
C ASN D 29 25.72 16.61 27.19
N LEU D 30 25.74 17.19 28.38
CA LEU D 30 25.04 18.45 28.64
C LEU D 30 25.95 19.69 28.82
N GLU D 31 27.14 19.66 28.24
CA GLU D 31 28.06 20.80 28.37
C GLU D 31 27.42 21.95 27.64
N ASN D 32 27.51 23.16 28.19
CA ASN D 32 26.87 24.28 27.50
C ASN D 32 25.34 24.26 27.64
N LYS D 33 24.81 23.34 28.44
CA LYS D 33 23.42 23.39 28.91
C LYS D 33 23.31 23.99 30.31
N THR D 34 22.17 24.62 30.58
CA THR D 34 21.90 25.21 31.89
C THR D 34 20.51 24.81 32.37
N TYR D 35 20.43 24.24 33.57
CA TYR D 35 19.19 23.77 34.13
C TYR D 35 18.95 24.35 35.51
N VAL D 36 17.69 24.69 35.79
CA VAL D 36 17.29 25.16 37.12
C VAL D 36 16.68 23.97 37.88
N ILE D 37 17.24 23.65 39.04
CA ILE D 37 16.74 22.53 39.83
C ILE D 37 16.05 23.09 41.06
N MET D 38 14.74 22.81 41.18
CA MET D 38 13.94 23.37 42.28
C MET D 38 13.61 22.26 43.27
N GLY D 39 13.92 22.46 44.56
CA GLY D 39 13.50 21.47 45.54
C GLY D 39 14.54 20.56 46.17
N ILE D 40 15.82 20.94 46.22
CA ILE D 40 16.74 20.24 47.11
C ILE D 40 16.61 20.72 48.58
N ALA D 41 16.44 19.78 49.51
CA ALA D 41 16.38 20.08 50.93
C ALA D 41 17.61 19.50 51.60
N ASN D 42 18.04 18.31 51.17
CA ASN D 42 19.22 17.70 51.80
C ASN D 42 19.81 16.62 50.91
N LYS D 43 20.73 15.84 51.45
CA LYS D 43 21.45 14.81 50.67
C LYS D 43 20.52 13.74 50.08
N ARG D 44 19.37 13.53 50.72
CA ARG D 44 18.40 12.51 50.30
CA ARG D 44 18.43 12.50 50.27
C ARG D 44 17.37 13.02 49.29
N SER D 45 17.35 14.33 49.03
CA SER D 45 16.33 14.84 48.08
C SER D 45 16.44 14.18 46.73
N ILE D 46 15.27 13.90 46.11
CA ILE D 46 15.29 13.40 44.74
C ILE D 46 16.02 14.39 43.81
N ALA D 47 15.81 15.68 44.04
CA ALA D 47 16.43 16.70 43.19
C ALA D 47 17.96 16.73 43.32
N PHE D 48 18.51 16.20 44.40
CA PHE D 48 19.97 16.14 44.54
C PHE D 48 20.51 14.96 43.71
N GLY D 49 19.72 13.89 43.56
CA GLY D 49 20.07 12.83 42.62
C GLY D 49 20.12 13.35 41.18
N VAL D 50 19.09 14.11 40.80
CA VAL D 50 19.11 14.82 39.55
C VAL D 50 20.36 15.67 39.38
N ALA D 51 20.62 16.54 40.36
CA ALA D 51 21.77 17.42 40.27
C ALA D 51 23.08 16.65 40.06
N LYS D 52 23.24 15.53 40.75
CA LYS D 52 24.49 14.78 40.63
C LYS D 52 24.69 14.29 39.21
N VAL D 53 23.59 13.80 38.64
CA VAL D 53 23.66 13.23 37.31
C VAL D 53 23.92 14.33 36.28
N LEU D 54 23.16 15.42 36.36
CA LEU D 54 23.30 16.51 35.39
C LEU D 54 24.69 17.14 35.52
N ASP D 55 25.19 17.21 36.76
CA ASP D 55 26.50 17.82 37.00
C ASP D 55 27.54 16.92 36.34
N GLN D 56 27.37 15.62 36.53
CA GLN D 56 28.37 14.69 36.03
C GLN D 56 28.37 14.69 34.49
N LEU D 57 27.23 15.01 33.87
CA LEU D 57 27.12 15.16 32.41
C LEU D 57 27.56 16.53 31.86
N GLY D 58 28.07 17.39 32.74
CA GLY D 58 28.66 18.67 32.34
C GLY D 58 27.77 19.90 32.31
N ALA D 59 26.52 19.77 32.79
CA ALA D 59 25.59 20.89 32.80
C ALA D 59 25.96 21.93 33.83
N LYS D 60 25.58 23.18 33.54
CA LYS D 60 25.61 24.27 34.51
C LYS D 60 24.29 24.24 35.26
N LEU D 61 24.35 24.24 36.59
CA LEU D 61 23.14 24.14 37.40
C LEU D 61 22.86 25.40 38.22
N VAL D 62 21.58 25.75 38.25
CA VAL D 62 21.05 26.79 39.14
C VAL D 62 20.07 26.13 40.12
N PHE D 63 20.04 26.60 41.35
CA PHE D 63 19.30 25.90 42.39
C PHE D 63 18.31 26.85 43.06
N THR D 64 17.09 26.37 43.30
CA THR D 64 16.15 27.16 44.09
C THR D 64 15.77 26.40 45.36
N TYR D 65 15.59 27.15 46.44
CA TYR D 65 15.32 26.61 47.76
C TYR D 65 14.24 27.48 48.42
N ARG D 66 13.56 26.91 49.42
CA ARG D 66 12.51 27.65 50.12
C ARG D 66 13.04 28.24 51.41
N LYS D 67 13.67 27.39 52.20
CA LYS D 67 14.06 27.77 53.54
C LYS D 67 15.57 27.97 53.47
N GLU D 68 16.07 28.97 54.16
CA GLU D 68 17.52 29.14 54.28
CA GLU D 68 17.51 29.16 54.40
C GLU D 68 18.27 27.86 54.71
N ARG D 69 17.63 27.00 55.51
CA ARG D 69 18.22 25.70 55.85
C ARG D 69 18.60 24.99 54.57
N SER D 70 17.65 24.88 53.64
CA SER D 70 17.99 24.17 52.40
C SER D 70 19.15 24.84 51.65
N ARG D 71 19.25 26.19 51.77
CA ARG D 71 20.37 26.94 51.17
C ARG D 71 21.69 26.52 51.81
N LYS D 72 21.78 26.62 53.13
CA LYS D 72 22.99 26.23 53.86
C LYS D 72 23.44 24.82 53.48
N GLU D 73 22.45 23.93 53.37
CA GLU D 73 22.64 22.54 53.08
C GLU D 73 23.04 22.44 51.61
N LEU D 74 22.32 23.16 50.76
CA LEU D 74 22.75 23.34 49.38
C LEU D 74 24.22 23.74 49.34
N GLU D 75 24.61 24.75 50.11
CA GLU D 75 25.97 25.24 49.96
C GLU D 75 26.94 24.14 50.28
N LYS D 76 26.67 23.33 51.29
CA LYS D 76 27.53 22.19 51.61
C LYS D 76 27.49 21.08 50.58
N LEU D 77 26.31 20.75 50.05
CA LEU D 77 26.19 19.71 49.04
C LEU D 77 26.82 20.06 47.70
N LEU D 78 26.74 21.33 47.28
CA LEU D 78 27.52 21.80 46.11
C LEU D 78 29.02 21.54 46.12
N GLU D 79 29.58 21.33 47.31
CA GLU D 79 30.99 20.96 47.39
C GLU D 79 31.26 19.60 46.77
N GLN D 80 30.26 18.72 46.80
CA GLN D 80 30.33 17.44 46.10
C GLN D 80 30.20 17.54 44.59
N LEU D 81 29.70 18.66 44.07
CA LEU D 81 29.51 18.82 42.64
C LEU D 81 30.70 19.50 41.97
N ASN D 82 30.70 19.52 40.65
CA ASN D 82 31.81 20.12 39.93
C ASN D 82 31.46 21.50 39.44
N GLN D 83 30.34 22.03 39.90
CA GLN D 83 29.98 23.42 39.65
C GLN D 83 31.03 24.37 40.22
N PRO D 84 31.58 25.26 39.37
CA PRO D 84 32.61 26.20 39.83
C PRO D 84 31.98 27.37 40.58
N GLU D 85 30.69 27.59 40.39
CA GLU D 85 30.04 28.65 41.15
C GLU D 85 28.60 28.36 41.55
N ALA D 86 28.29 28.83 42.75
CA ALA D 86 27.02 28.59 43.40
C ALA D 86 25.98 29.60 42.90
N HIS D 87 25.01 29.11 42.14
CA HIS D 87 23.86 29.95 41.81
C HIS D 87 22.66 29.46 42.63
N LEU D 88 22.37 30.17 43.73
CA LEU D 88 21.28 29.78 44.62
C LEU D 88 20.26 30.91 44.79
N TYR D 89 18.99 30.56 44.66
CA TYR D 89 17.90 31.54 44.63
C TYR D 89 16.83 31.03 45.57
N GLN D 90 16.45 31.90 46.50
CA GLN D 90 15.30 31.61 47.34
C GLN D 90 13.99 31.85 46.60
N ILE D 91 13.20 30.79 46.44
CA ILE D 91 11.91 30.93 45.81
C ILE D 91 10.93 30.04 46.57
N ASP D 92 9.98 30.69 47.24
CA ASP D 92 8.83 30.03 47.80
C ASP D 92 7.72 30.03 46.74
N VAL D 93 7.38 28.88 46.20
CA VAL D 93 6.45 28.87 45.08
C VAL D 93 5.01 29.26 45.46
N GLN D 94 4.73 29.51 46.73
CA GLN D 94 3.41 30.05 47.10
C GLN D 94 3.25 31.51 46.72
N SER D 95 4.37 32.12 46.37
CA SER D 95 4.40 33.55 46.07
C SER D 95 4.69 33.78 44.61
N ASP D 96 3.73 34.37 43.89
CA ASP D 96 3.97 34.76 42.51
C ASP D 96 5.22 35.64 42.38
N GLU D 97 5.28 36.68 43.20
CA GLU D 97 6.40 37.62 43.12
C GLU D 97 7.72 36.89 43.28
N GLU D 98 7.77 35.92 44.19
CA GLU D 98 9.05 35.21 44.34
C GLU D 98 9.46 34.35 43.14
N VAL D 99 8.47 33.74 42.48
CA VAL D 99 8.74 32.92 41.29
C VAL D 99 9.08 33.88 40.16
N ILE D 100 8.31 34.95 40.00
CA ILE D 100 8.58 35.92 38.93
C ILE D 100 9.95 36.57 39.07
N ASN D 101 10.23 37.08 40.26
CA ASN D 101 11.49 37.77 40.55
C ASN D 101 12.69 36.84 40.50
N GLY D 102 12.51 35.59 40.97
CA GLY D 102 13.62 34.63 41.03
C GLY D 102 14.06 34.18 39.65
N PHE D 103 13.09 33.87 38.77
CA PHE D 103 13.43 33.54 37.37
C PHE D 103 13.97 34.72 36.59
N GLU D 104 13.44 35.92 36.89
CA GLU D 104 14.01 37.13 36.32
C GLU D 104 15.49 37.31 36.68
N GLN D 105 15.82 37.19 37.97
CA GLN D 105 17.22 37.24 38.41
C GLN D 105 18.09 36.12 37.79
N ILE D 106 17.59 34.89 37.78
CA ILE D 106 18.28 33.78 37.12
C ILE D 106 18.71 34.17 35.69
N GLY D 107 17.78 34.72 34.90
CA GLY D 107 18.08 35.14 33.54
C GLY D 107 19.11 36.25 33.46
N LYS D 108 19.04 37.21 34.38
CA LYS D 108 20.12 38.21 34.48
C LYS D 108 21.46 37.63 34.87
N ASP D 109 21.45 36.63 35.76
CA ASP D 109 22.71 36.13 36.31
C ASP D 109 23.36 35.13 35.38
N VAL D 110 22.55 34.27 34.74
CA VAL D 110 23.08 33.18 33.96
C VAL D 110 22.63 33.15 32.50
N GLY D 111 21.62 33.93 32.13
CA GLY D 111 21.17 33.97 30.74
C GLY D 111 20.07 32.95 30.48
N ASN D 112 19.89 32.56 29.22
CA ASN D 112 18.84 31.61 28.87
C ASN D 112 19.18 30.23 29.39
N ILE D 113 18.12 29.52 29.76
CA ILE D 113 18.24 28.19 30.30
C ILE D 113 17.67 27.17 29.32
N ASP D 114 17.97 25.90 29.58
CA ASP D 114 17.53 24.82 28.71
C ASP D 114 16.46 23.97 29.34
N GLY D 115 16.19 24.18 30.62
CA GLY D 115 15.07 23.46 31.24
C GLY D 115 15.05 23.65 32.75
N VAL D 116 14.04 23.02 33.37
CA VAL D 116 13.73 23.15 34.80
C VAL D 116 13.34 21.77 35.30
N TYR D 117 13.97 21.36 36.40
CA TYR D 117 13.50 20.16 37.10
C TYR D 117 12.72 20.61 38.36
N HIS D 118 11.43 20.29 38.39
CA HIS D 118 10.53 20.66 39.49
C HIS D 118 10.38 19.48 40.47
N SER D 119 10.87 19.64 41.69
CA SER D 119 10.85 18.54 42.67
C SER D 119 10.18 19.04 43.96
N ILE D 120 9.02 19.66 43.83
CA ILE D 120 8.44 20.44 44.96
C ILE D 120 7.03 19.92 45.27
N ALA D 121 6.74 19.62 46.54
CA ALA D 121 5.36 19.25 46.91
C ALA D 121 5.29 19.48 48.42
N PHE D 122 4.07 19.63 48.92
CA PHE D 122 3.86 19.86 50.35
C PHE D 122 2.42 19.48 50.71
N ALA D 123 2.25 18.85 51.87
CA ALA D 123 0.91 18.71 52.45
C ALA D 123 1.10 18.71 53.95
N ASN D 124 0.09 19.17 54.70
CA ASN D 124 0.12 19.07 56.16
C ASN D 124 0.16 17.59 56.57
N MET D 125 0.93 17.30 57.61
CA MET D 125 1.10 15.91 57.99
C MET D 125 -0.20 15.16 58.30
N GLU D 126 -1.20 15.82 58.86
CA GLU D 126 -2.43 15.09 59.21
C GLU D 126 -3.22 14.63 57.99
N ASP D 127 -2.86 15.16 56.83
CA ASP D 127 -3.59 14.90 55.62
C ASP D 127 -2.90 13.74 54.88
N LEU D 128 -1.86 13.16 55.48
CA LEU D 128 -1.08 12.08 54.84
C LEU D 128 -1.21 10.76 55.63
N ARG D 129 -2.35 10.65 56.29
CA ARG D 129 -2.64 9.46 57.09
C ARG D 129 -4.12 9.53 57.41
N GLY D 130 -4.69 8.45 57.92
CA GLY D 130 -6.06 8.47 58.42
C GLY D 130 -7.02 8.56 57.24
N ARG D 131 -8.19 9.17 57.44
CA ARG D 131 -9.23 9.13 56.43
C ARG D 131 -9.16 10.34 55.50
N PHE D 132 -9.03 10.05 54.20
CA PHE D 132 -9.06 11.12 53.20
C PHE D 132 -10.31 12.01 53.28
N SER D 133 -11.45 11.39 53.54
CA SER D 133 -12.73 12.11 53.61
C SER D 133 -12.77 13.16 54.74
N GLU D 134 -11.80 13.14 55.66
CA GLU D 134 -11.76 14.17 56.71
C GLU D 134 -10.80 15.31 56.36
N THR D 135 -10.26 15.32 55.15
CA THR D 135 -9.32 16.37 54.75
C THR D 135 -9.96 17.79 54.79
N SER D 136 -9.28 18.78 55.37
CA SER D 136 -9.81 20.15 55.38
C SER D 136 -9.66 20.83 54.01
N ARG D 137 -10.49 21.85 53.80
CA ARG D 137 -10.45 22.64 52.58
C ARG D 137 -9.08 23.32 52.45
N GLU D 138 -8.62 23.89 53.55
CA GLU D 138 -7.31 24.56 53.62
C GLU D 138 -6.14 23.62 53.28
N GLY D 139 -6.13 22.41 53.85
CA GLY D 139 -5.08 21.44 53.56
C GLY D 139 -5.18 20.95 52.12
N PHE D 140 -6.42 20.81 51.64
CA PHE D 140 -6.59 20.34 50.26
C PHE D 140 -6.01 21.41 49.32
N LEU D 141 -6.37 22.68 49.54
CA LEU D 141 -5.98 23.74 48.61
C LEU D 141 -4.48 24.05 48.72
N LEU D 142 -3.91 23.89 49.92
CA LEU D 142 -2.47 24.12 50.12
C LEU D 142 -1.67 23.10 49.29
N ALA D 143 -2.05 21.82 49.39
CA ALA D 143 -1.40 20.81 48.61
C ALA D 143 -1.51 21.08 47.11
N GLN D 144 -2.71 21.46 46.63
CA GLN D 144 -2.84 21.84 45.21
C GLN D 144 -1.92 23.01 44.80
N ASP D 145 -1.88 24.02 45.65
CA ASP D 145 -1.13 25.25 45.39
C ASP D 145 0.37 24.95 45.23
N ILE D 146 0.94 24.28 46.24
CA ILE D 146 2.37 24.05 46.25
C ILE D 146 2.76 22.94 45.25
N SER D 147 1.93 21.91 45.14
CA SER D 147 2.37 20.71 44.43
C SER D 147 1.91 20.61 42.98
N SER D 148 0.96 21.46 42.56
CA SER D 148 0.45 21.41 41.20
C SER D 148 0.51 22.80 40.59
N TYR D 149 -0.16 23.79 41.18
CA TYR D 149 -0.20 25.10 40.54
C TYR D 149 1.23 25.61 40.36
N SER D 150 2.10 25.37 41.33
CA SER D 150 3.47 25.89 41.23
C SER D 150 4.10 25.50 39.87
N LEU D 151 3.73 24.34 39.29
CA LEU D 151 4.35 24.01 37.99
C LEU D 151 3.93 25.01 36.91
N THR D 152 2.66 25.38 36.92
CA THR D 152 2.09 26.31 35.93
C THR D 152 2.88 27.62 35.96
N ILE D 153 2.98 28.22 37.14
CA ILE D 153 3.58 29.56 37.22
C ILE D 153 5.08 29.45 36.90
N VAL D 154 5.70 28.39 37.39
CA VAL D 154 7.11 28.17 37.05
C VAL D 154 7.32 28.05 35.52
N ALA D 155 6.45 27.30 34.84
CA ALA D 155 6.58 27.14 33.39
C ALA D 155 6.44 28.49 32.69
N HIS D 156 5.42 29.25 33.10
CA HIS D 156 5.17 30.58 32.54
C HIS D 156 6.41 31.45 32.68
N GLU D 157 7.04 31.43 33.85
CA GLU D 157 8.17 32.34 34.05
C GLU D 157 9.42 31.77 33.39
N ALA D 158 9.60 30.45 33.51
CA ALA D 158 10.78 29.79 32.92
C ALA D 158 10.79 29.92 31.39
N LYS D 159 9.62 29.93 30.77
CA LYS D 159 9.49 30.07 29.33
C LYS D 159 10.18 31.33 28.79
N LYS D 160 10.18 32.38 29.60
CA LYS D 160 10.87 33.60 29.19
C LYS D 160 12.36 33.44 28.97
N LEU D 161 12.94 32.46 29.66
CA LEU D 161 14.36 32.16 29.50
C LEU D 161 14.58 31.03 28.50
N MET D 162 13.53 30.61 27.78
CA MET D 162 13.71 29.54 26.82
C MET D 162 13.22 29.91 25.43
N PRO D 163 13.81 30.95 24.82
CA PRO D 163 13.22 31.44 23.56
C PRO D 163 13.36 30.45 22.40
N GLU D 164 14.38 29.59 22.42
CA GLU D 164 14.52 28.58 21.41
C GLU D 164 13.99 27.20 21.85
N GLY D 165 13.28 27.13 22.96
CA GLY D 165 12.73 25.85 23.43
C GLY D 165 13.48 25.30 24.61
N GLY D 166 13.01 24.17 25.13
CA GLY D 166 13.56 23.63 26.37
C GLY D 166 12.70 22.50 26.91
N SER D 167 12.95 22.10 28.14
CA SER D 167 12.34 20.90 28.66
C SER D 167 12.06 21.13 30.14
N ILE D 168 10.83 20.88 30.57
CA ILE D 168 10.46 21.02 31.98
C ILE D 168 10.00 19.65 32.50
N VAL D 169 10.53 19.22 33.63
CA VAL D 169 10.16 17.90 34.17
C VAL D 169 9.69 18.06 35.61
N ALA D 170 8.57 17.42 35.98
CA ALA D 170 8.08 17.47 37.37
C ALA D 170 8.05 16.06 37.94
N THR D 171 8.02 15.94 39.27
CA THR D 171 8.15 14.63 39.92
C THR D 171 6.78 14.26 40.47
N THR D 172 6.31 13.10 40.05
CA THR D 172 5.04 12.62 40.57
C THR D 172 5.17 11.24 41.24
N TYR D 173 4.06 10.67 41.64
CA TYR D 173 4.02 9.38 42.31
C TYR D 173 2.77 8.63 41.80
N LEU D 174 2.84 7.31 41.77
CA LEU D 174 1.70 6.45 41.35
C LEU D 174 0.38 6.74 42.08
N GLY D 175 0.45 7.27 43.30
CA GLY D 175 -0.73 7.74 44.03
C GLY D 175 -1.53 8.80 43.31
N GLY D 176 -1.00 9.38 42.25
CA GLY D 176 -1.86 10.29 41.44
C GLY D 176 -2.71 9.57 40.40
N GLU D 177 -2.42 8.27 40.20
CA GLU D 177 -3.12 7.44 39.20
C GLU D 177 -4.04 6.42 39.84
N PHE D 178 -3.73 6.04 41.07
CA PHE D 178 -4.51 5.06 41.79
C PHE D 178 -4.63 5.55 43.22
N ALA D 179 -5.70 5.16 43.90
CA ALA D 179 -5.79 5.42 45.33
C ALA D 179 -4.87 4.52 46.15
N VAL D 180 -3.93 5.09 46.90
CA VAL D 180 -3.05 4.32 47.74
C VAL D 180 -3.35 4.73 49.18
N GLN D 181 -3.17 3.81 50.11
CA GLN D 181 -3.47 4.12 51.50
C GLN D 181 -2.60 5.31 51.99
N ASN D 182 -3.16 6.16 52.85
CA ASN D 182 -2.42 7.28 53.48
C ASN D 182 -2.03 8.50 52.63
N TYR D 183 -1.66 8.27 51.37
CA TYR D 183 -1.13 9.34 50.53
C TYR D 183 -2.19 10.42 50.32
N ASN D 184 -3.45 10.00 50.25
CA ASN D 184 -4.61 10.89 50.51
C ASN D 184 -4.53 12.23 49.76
N VAL D 185 -4.47 13.33 50.50
CA VAL D 185 -4.53 14.65 49.82
C VAL D 185 -3.47 14.78 48.72
N MET D 186 -2.31 14.14 48.92
CA MET D 186 -1.27 14.29 47.92
C MET D 186 -1.54 13.46 46.66
N GLY D 187 -2.32 12.39 46.80
CA GLY D 187 -2.68 11.63 45.60
C GLY D 187 -3.48 12.55 44.68
N VAL D 188 -4.38 13.30 45.29
CA VAL D 188 -5.26 14.14 44.47
C VAL D 188 -4.43 15.31 43.91
N ALA D 189 -3.51 15.87 44.69
CA ALA D 189 -2.57 16.85 44.16
C ALA D 189 -1.66 16.32 43.06
N LYS D 190 -1.23 15.04 43.11
CA LYS D 190 -0.44 14.49 42.03
C LYS D 190 -1.28 14.27 40.76
N ALA D 191 -2.54 13.88 40.91
CA ALA D 191 -3.37 13.74 39.73
C ALA D 191 -3.52 15.09 39.03
N SER D 192 -3.68 16.12 39.85
CA SER D 192 -3.76 17.49 39.35
C SER D 192 -2.45 17.87 38.65
N LEU D 193 -1.31 17.52 39.28
CA LEU D 193 0.01 17.80 38.67
C LEU D 193 0.16 17.09 37.32
N GLU D 194 -0.23 15.81 37.27
CA GLU D 194 -0.08 15.04 36.01
C GLU D 194 -0.96 15.62 34.88
N ALA D 195 -2.17 16.07 35.18
CA ALA D 195 -2.95 16.82 34.19
C ALA D 195 -2.33 18.16 33.81
N ASN D 196 -1.77 18.86 34.79
CA ASN D 196 -1.05 20.12 34.56
C ASN D 196 0.05 19.94 33.49
N VAL D 197 0.80 18.84 33.66
CA VAL D 197 1.86 18.46 32.75
C VAL D 197 1.31 18.32 31.33
N LYS D 198 0.18 17.64 31.20
CA LYS D 198 -0.41 17.47 29.87
C LYS D 198 -0.91 18.80 29.26
N TYR D 199 -1.64 19.61 30.03
CA TYR D 199 -2.10 20.90 29.53
C TYR D 199 -0.95 21.84 29.21
N LEU D 200 0.12 21.82 30.01
CA LEU D 200 1.29 22.65 29.69
C LEU D 200 1.98 22.15 28.42
N ALA D 201 2.13 20.82 28.33
CA ALA D 201 2.67 20.26 27.09
C ALA D 201 1.91 20.75 25.85
N LEU D 202 0.59 20.72 25.88
CA LEU D 202 -0.20 21.19 24.73
C LEU D 202 0.02 22.68 24.49
N ASP D 203 0.03 23.46 25.57
CA ASP D 203 0.14 24.93 25.44
C ASP D 203 1.53 25.35 24.91
N LEU D 204 2.57 24.71 25.45
CA LEU D 204 3.92 25.18 25.25
C LEU D 204 4.66 24.46 24.12
N GLY D 205 4.04 23.39 23.61
CA GLY D 205 4.64 22.60 22.53
C GLY D 205 4.94 23.41 21.28
N PRO D 206 4.05 24.35 20.90
CA PRO D 206 4.40 25.16 19.73
C PRO D 206 5.55 26.12 19.99
N ASP D 207 5.93 26.33 21.25
CA ASP D 207 7.15 27.07 21.55
C ASP D 207 8.38 26.20 21.73
N ASN D 208 8.24 24.91 21.40
CA ASN D 208 9.32 23.91 21.50
C ASN D 208 9.73 23.69 22.94
N ILE D 209 8.78 23.84 23.86
CA ILE D 209 9.04 23.47 25.25
C ILE D 209 8.26 22.21 25.53
N ARG D 210 9.01 21.19 25.92
CA ARG D 210 8.41 19.92 26.27
C ARG D 210 8.18 19.89 27.78
N VAL D 211 7.16 19.17 28.24
CA VAL D 211 6.83 19.13 29.67
C VAL D 211 6.44 17.70 29.94
N ASN D 212 7.08 17.10 30.94
CA ASN D 212 6.90 15.66 31.19
C ASN D 212 6.94 15.45 32.73
N ALA D 213 6.60 14.24 33.19
CA ALA D 213 6.69 13.89 34.60
C ALA D 213 7.53 12.63 34.69
N ILE D 214 8.18 12.50 35.85
CA ILE D 214 8.75 11.21 36.25
C ILE D 214 7.95 10.80 37.45
N SER D 215 7.41 9.59 37.37
CA SER D 215 6.68 9.00 38.48
C SER D 215 7.67 8.09 39.21
N ALA D 216 8.26 8.60 40.28
CA ALA D 216 9.28 7.85 41.02
C ALA D 216 8.63 6.84 41.95
N GLY D 217 9.29 5.69 42.13
CA GLY D 217 8.98 4.73 43.21
C GLY D 217 9.29 5.35 44.57
N PRO D 218 8.87 4.68 45.66
CA PRO D 218 9.19 5.22 46.99
C PRO D 218 10.67 5.25 47.29
N ILE D 219 11.09 6.40 47.84
CA ILE D 219 12.49 6.62 48.16
C ILE D 219 12.53 7.34 49.52
N ARG D 220 13.42 6.85 50.40
CA ARG D 220 13.56 7.48 51.71
CA ARG D 220 13.63 7.46 51.72
C ARG D 220 14.18 8.89 51.61
N THR D 221 13.33 9.88 51.88
CA THR D 221 13.70 11.31 51.84
C THR D 221 13.05 12.04 53.01
N LEU D 222 13.34 13.34 53.16
CA LEU D 222 12.71 14.18 54.20
C LEU D 222 11.18 14.11 54.13
N SER D 223 10.64 14.28 52.93
CA SER D 223 9.21 14.32 52.76
C SER D 223 8.58 12.94 52.94
N ALA D 224 9.31 11.88 52.63
CA ALA D 224 8.78 10.53 52.90
C ALA D 224 8.47 10.30 54.37
N LYS D 225 9.10 11.03 55.28
CA LYS D 225 8.87 10.81 56.71
C LYS D 225 7.43 11.15 57.03
N GLY D 226 6.83 12.03 56.22
CA GLY D 226 5.47 12.49 56.47
C GLY D 226 4.39 11.55 55.98
N VAL D 227 4.74 10.56 55.16
CA VAL D 227 3.72 9.72 54.53
C VAL D 227 3.38 8.53 55.41
N GLY D 228 2.12 8.42 55.84
CA GLY D 228 1.73 7.29 56.67
C GLY D 228 2.09 5.97 55.99
N GLY D 229 2.64 5.02 56.74
CA GLY D 229 2.87 3.67 56.22
C GLY D 229 4.02 3.59 55.23
N PHE D 230 4.87 4.61 55.20
CA PHE D 230 5.91 4.61 54.15
C PHE D 230 6.70 3.29 54.10
N ASN D 231 7.12 2.78 55.25
CA ASN D 231 8.00 1.60 55.28
C ASN D 231 7.35 0.37 54.66
N THR D 232 6.03 0.29 54.78
CA THR D 232 5.28 -0.81 54.20
C THR D 232 5.24 -0.66 52.69
N ILE D 233 5.09 0.58 52.23
CA ILE D 233 5.14 0.84 50.77
C ILE D 233 6.47 0.34 50.18
N LEU D 234 7.60 0.70 50.81
CA LEU D 234 8.93 0.28 50.35
C LEU D 234 9.09 -1.23 50.21
N LYS D 235 8.66 -1.94 51.24
CA LYS D 235 8.80 -3.37 51.33
C LYS D 235 7.94 -3.99 50.24
N GLU D 236 6.77 -3.39 49.99
CA GLU D 236 5.92 -4.02 48.97
C GLU D 236 6.61 -4.01 47.59
N ILE D 237 7.31 -2.92 47.24
CA ILE D 237 8.07 -2.89 45.99
C ILE D 237 9.09 -4.04 45.90
N GLU D 238 9.90 -4.24 46.94
CA GLU D 238 10.91 -5.27 46.87
C GLU D 238 10.24 -6.61 46.67
N GLU D 239 9.03 -6.77 47.24
CA GLU D 239 8.36 -8.05 47.19
C GLU D 239 7.62 -8.33 45.88
N ARG D 240 7.05 -7.27 45.30
CA ARG D 240 6.07 -7.47 44.24
CA ARG D 240 6.05 -7.44 44.25
C ARG D 240 6.43 -6.78 42.90
N ALA D 241 7.27 -5.75 42.90
CA ALA D 241 7.60 -5.10 41.61
C ALA D 241 8.42 -6.02 40.73
N PRO D 242 8.35 -5.86 39.39
CA PRO D 242 9.14 -6.69 38.47
C PRO D 242 10.63 -6.79 38.82
N LEU D 243 11.27 -5.67 39.14
CA LEU D 243 12.69 -5.77 39.45
C LEU D 243 12.96 -6.24 40.88
N LYS D 244 11.93 -6.33 41.73
CA LYS D 244 12.18 -6.88 43.10
C LYS D 244 13.26 -6.12 43.85
N ARG D 245 13.27 -4.81 43.65
CA ARG D 245 14.18 -3.97 44.39
C ARG D 245 13.61 -2.57 44.32
N ASN D 246 14.02 -1.72 45.25
CA ASN D 246 13.59 -0.32 45.19
C ASN D 246 14.51 0.50 44.29
N VAL D 247 14.02 1.67 43.87
CA VAL D 247 14.83 2.58 43.07
C VAL D 247 15.58 3.60 43.97
N ASP D 248 16.52 4.34 43.42
CA ASP D 248 17.08 5.42 44.21
C ASP D 248 17.10 6.74 43.43
N GLN D 249 17.66 7.77 44.07
CA GLN D 249 17.54 9.14 43.57
C GLN D 249 18.32 9.31 42.27
N VAL D 250 19.47 8.64 42.19
CA VAL D 250 20.28 8.72 40.98
C VAL D 250 19.57 8.06 39.77
N GLU D 251 18.78 7.02 40.00
CA GLU D 251 17.99 6.46 38.90
C GLU D 251 16.96 7.43 38.40
N VAL D 252 16.34 8.17 39.32
CA VAL D 252 15.45 9.22 38.85
C VAL D 252 16.25 10.27 38.07
N GLY D 253 17.44 10.62 38.57
CA GLY D 253 18.28 11.59 37.88
C GLY D 253 18.64 11.16 36.48
N LYS D 254 18.89 9.87 36.24
CA LYS D 254 19.31 9.43 34.90
C LYS D 254 18.13 9.59 33.96
N THR D 255 16.93 9.25 34.43
CA THR D 255 15.76 9.47 33.58
C THR D 255 15.50 10.97 33.36
N ALA D 256 15.75 11.77 34.39
CA ALA D 256 15.67 13.23 34.21
C ALA D 256 16.61 13.69 33.09
N ALA D 257 17.85 13.19 33.09
CA ALA D 257 18.79 13.61 32.08
C ALA D 257 18.25 13.29 30.69
N TYR D 258 17.69 12.09 30.53
CA TYR D 258 17.02 11.80 29.25
C TYR D 258 15.94 12.84 28.89
N LEU D 259 15.02 13.09 29.82
CA LEU D 259 13.89 13.99 29.54
C LEU D 259 14.34 15.44 29.33
N LEU D 260 15.39 15.85 30.03
CA LEU D 260 15.90 17.22 29.91
C LEU D 260 16.75 17.43 28.66
N SER D 261 17.23 16.34 28.07
CA SER D 261 18.10 16.45 26.90
C SER D 261 17.38 16.24 25.57
N ASP D 262 18.13 16.42 24.49
CA ASP D 262 17.70 16.09 23.15
C ASP D 262 17.40 14.60 22.93
N LEU D 263 17.89 13.67 23.75
CA LEU D 263 17.56 12.25 23.56
C LEU D 263 16.04 12.00 23.56
N SER D 264 15.29 12.89 24.21
CA SER D 264 13.83 12.75 24.28
C SER D 264 13.08 13.74 23.39
N SER D 265 13.65 14.22 22.28
N SER D 265 13.73 14.13 22.30
CA SER D 265 13.04 15.39 21.61
CA SER D 265 13.04 14.93 21.32
C SER D 265 11.60 15.18 21.10
C SER D 265 11.84 14.10 20.85
N GLY D 266 11.20 13.93 20.96
N GLY D 266 10.74 14.80 20.67
CA GLY D 266 9.90 13.58 20.38
CA GLY D 266 9.49 14.13 20.34
C GLY D 266 8.85 13.32 21.46
C GLY D 266 8.66 13.64 21.51
N VAL D 267 9.24 13.56 22.72
CA VAL D 267 8.49 13.09 23.90
C VAL D 267 7.98 14.28 24.73
N THR D 268 6.67 14.41 24.79
CA THR D 268 6.09 15.46 25.66
C THR D 268 4.70 15.06 26.14
N GLY D 269 4.30 15.59 27.31
CA GLY D 269 3.04 15.19 27.93
C GLY D 269 3.15 13.77 28.47
N GLU D 270 4.36 13.24 28.66
CA GLU D 270 4.54 11.84 29.05
C GLU D 270 4.83 11.72 30.56
N ASN D 271 4.58 10.54 31.12
CA ASN D 271 4.82 10.25 32.54
C ASN D 271 5.64 8.96 32.55
N ILE D 272 6.92 9.05 32.87
CA ILE D 272 7.78 7.86 32.79
C ILE D 272 7.92 7.29 34.19
N HIS D 273 7.50 6.05 34.42
CA HIS D 273 7.66 5.51 35.79
C HIS D 273 9.05 4.97 36.03
N VAL D 274 9.75 5.47 37.05
CA VAL D 274 11.06 4.97 37.45
C VAL D 274 10.77 4.31 38.79
N ASP D 275 10.29 3.07 38.71
CA ASP D 275 9.63 2.47 39.88
C ASP D 275 9.77 0.95 39.90
N SER D 276 10.77 0.43 39.19
CA SER D 276 11.08 -1.01 39.19
C SER D 276 9.96 -1.80 38.53
N GLY D 277 9.13 -1.12 37.74
CA GLY D 277 7.99 -1.77 37.08
C GLY D 277 6.68 -1.89 37.86
N PHE D 278 6.60 -1.31 39.06
CA PHE D 278 5.46 -1.53 39.96
C PHE D 278 4.20 -1.04 39.29
N HIS D 279 4.30 0.07 38.57
CA HIS D 279 3.09 0.61 37.89
C HIS D 279 2.42 -0.40 36.97
N ALA D 280 3.16 -1.39 36.51
CA ALA D 280 2.65 -2.23 35.42
C ALA D 280 1.99 -3.51 35.94
N ILE D 281 1.98 -3.70 37.26
CA ILE D 281 1.50 -4.97 37.81
C ILE D 281 0.32 -4.69 38.75
N LYS D 282 -0.44 -5.73 39.02
CA LYS D 282 -1.46 -5.66 40.04
C LYS D 282 -1.54 -7.03 40.71
N ASN E 29 -25.26 -14.09 -25.10
CA ASN E 29 -26.02 -14.86 -24.08
C ASN E 29 -25.26 -16.09 -23.59
N LEU E 30 -24.98 -16.14 -22.30
CA LEU E 30 -24.18 -17.24 -21.77
C LEU E 30 -24.92 -18.21 -20.85
N GLU E 31 -26.23 -18.35 -21.03
CA GLU E 31 -26.94 -19.39 -20.33
C GLU E 31 -26.38 -20.75 -20.75
N ASN E 32 -26.38 -21.68 -19.82
CA ASN E 32 -25.81 -23.00 -20.07
C ASN E 32 -24.29 -23.03 -20.28
N LYS E 33 -23.61 -21.89 -20.11
CA LYS E 33 -22.16 -21.87 -20.00
C LYS E 33 -21.71 -21.87 -18.53
N THR E 34 -20.51 -22.38 -18.25
CA THR E 34 -19.95 -22.33 -16.89
C THR E 34 -18.52 -21.83 -17.03
N TYR E 35 -18.16 -20.86 -16.18
CA TYR E 35 -16.82 -20.30 -16.15
C TYR E 35 -16.23 -20.33 -14.75
N VAL E 36 -14.92 -20.58 -14.66
CA VAL E 36 -14.24 -20.50 -13.38
C VAL E 36 -13.58 -19.12 -13.32
N ILE E 37 -13.80 -18.38 -12.25
CA ILE E 37 -13.19 -17.06 -12.13
C ILE E 37 -12.24 -17.11 -10.97
N MET E 38 -10.96 -16.85 -11.24
CA MET E 38 -9.94 -16.96 -10.24
C MET E 38 -9.42 -15.57 -9.85
N GLY E 39 -9.40 -15.24 -8.56
CA GLY E 39 -8.78 -13.98 -8.11
C GLY E 39 -9.75 -12.88 -7.65
N ILE E 40 -10.98 -13.21 -7.23
CA ILE E 40 -11.75 -12.19 -6.49
C ILE E 40 -11.19 -12.11 -5.05
N ALA E 41 -10.87 -10.91 -4.60
CA ALA E 41 -10.56 -10.65 -3.18
C ALA E 41 -11.65 -9.84 -2.51
N ASN E 42 -12.23 -8.88 -3.25
CA ASN E 42 -13.23 -8.00 -2.68
C ASN E 42 -14.05 -7.35 -3.79
N LYS E 43 -14.89 -6.38 -3.42
CA LYS E 43 -15.79 -5.81 -4.40
C LYS E 43 -15.03 -4.98 -5.45
N ARG E 44 -13.78 -4.57 -5.19
CA ARG E 44 -13.05 -3.79 -6.16
CA ARG E 44 -13.09 -3.79 -6.20
C ARG E 44 -12.25 -4.65 -7.14
N SER E 45 -12.13 -5.94 -6.85
CA SER E 45 -11.31 -6.83 -7.70
C SER E 45 -11.77 -6.76 -9.14
N ILE E 46 -10.81 -6.75 -10.06
CA ILE E 46 -11.15 -6.78 -11.50
C ILE E 46 -12.00 -8.01 -11.77
N ALA E 47 -11.70 -9.12 -11.09
CA ALA E 47 -12.43 -10.36 -11.39
C ALA E 47 -13.91 -10.28 -10.95
N PHE E 48 -14.20 -9.39 -9.99
CA PHE E 48 -15.61 -9.17 -9.60
C PHE E 48 -16.36 -8.35 -10.65
N GLY E 49 -15.67 -7.49 -11.39
CA GLY E 49 -16.34 -6.85 -12.57
C GLY E 49 -16.71 -7.90 -13.62
N VAL E 50 -15.76 -8.79 -13.90
CA VAL E 50 -15.98 -9.94 -14.77
C VAL E 50 -17.16 -10.76 -14.23
N ALA E 51 -17.13 -11.13 -12.94
CA ALA E 51 -18.26 -11.93 -12.44
C ALA E 51 -19.60 -11.24 -12.71
N LYS E 52 -19.74 -9.95 -12.41
CA LYS E 52 -21.06 -9.30 -12.55
C LYS E 52 -21.55 -9.38 -13.98
N VAL E 53 -20.64 -9.18 -14.92
CA VAL E 53 -21.06 -9.15 -16.30
C VAL E 53 -21.51 -10.56 -16.71
N LEU E 54 -20.68 -11.55 -16.36
CA LEU E 54 -20.96 -12.90 -16.80
C LEU E 54 -22.24 -13.36 -16.14
N ASP E 55 -22.45 -12.97 -14.89
CA ASP E 55 -23.63 -13.36 -14.13
C ASP E 55 -24.86 -12.76 -14.81
N GLN E 56 -24.74 -11.50 -15.23
CA GLN E 56 -25.86 -10.76 -15.81
C GLN E 56 -26.20 -11.36 -17.15
N LEU E 57 -25.22 -12.01 -17.79
CA LEU E 57 -25.47 -12.71 -19.06
C LEU E 57 -25.91 -14.18 -18.91
N GLY E 58 -26.22 -14.59 -17.68
CA GLY E 58 -26.77 -15.93 -17.39
C GLY E 58 -25.80 -17.09 -17.19
N ALA E 59 -24.49 -16.83 -17.17
CA ALA E 59 -23.50 -17.88 -16.96
C ALA E 59 -23.64 -18.46 -15.56
N LYS E 60 -23.29 -19.74 -15.41
CA LYS E 60 -23.03 -20.32 -14.11
C LYS E 60 -21.56 -20.08 -13.75
N LEU E 61 -21.27 -19.63 -12.53
CA LEU E 61 -19.90 -19.24 -12.17
C LEU E 61 -19.34 -20.07 -11.02
N VAL E 62 -18.04 -20.37 -11.08
CA VAL E 62 -17.35 -21.08 -10.01
C VAL E 62 -16.22 -20.11 -9.69
N PHE E 63 -15.92 -19.93 -8.40
CA PHE E 63 -14.92 -18.98 -7.93
C PHE E 63 -13.81 -19.71 -7.22
N THR E 64 -12.57 -19.22 -7.43
CA THR E 64 -11.49 -19.73 -6.60
C THR E 64 -10.82 -18.58 -5.85
N TYR E 65 -10.25 -18.88 -4.68
CA TYR E 65 -9.68 -17.84 -3.83
C TYR E 65 -8.46 -18.43 -3.15
N ARG E 66 -7.65 -17.54 -2.60
CA ARG E 66 -6.53 -17.99 -1.78
C ARG E 66 -6.82 -17.77 -0.28
N LYS E 67 -7.01 -16.52 0.16
CA LYS E 67 -7.08 -16.27 1.62
C LYS E 67 -8.49 -16.51 2.13
N GLU E 68 -8.60 -16.90 3.41
CA GLU E 68 -9.90 -17.06 4.05
CA GLU E 68 -9.91 -17.07 4.00
C GLU E 68 -10.72 -15.79 3.85
N ARG E 69 -10.08 -14.64 4.02
CA ARG E 69 -10.81 -13.37 3.96
C ARG E 69 -11.45 -13.21 2.59
N SER E 70 -10.78 -13.68 1.54
CA SER E 70 -11.37 -13.59 0.20
C SER E 70 -12.60 -14.48 0.07
N ARG E 71 -12.53 -15.68 0.66
CA ARG E 71 -13.74 -16.50 0.66
C ARG E 71 -14.91 -15.76 1.35
N LYS E 72 -14.64 -15.09 2.48
CA LYS E 72 -15.72 -14.37 3.17
C LYS E 72 -16.31 -13.26 2.29
N GLU E 73 -15.46 -12.54 1.58
CA GLU E 73 -15.95 -11.51 0.65
C GLU E 73 -16.80 -12.11 -0.46
N LEU E 74 -16.34 -13.20 -1.06
CA LEU E 74 -17.13 -13.93 -2.06
C LEU E 74 -18.47 -14.34 -1.52
N GLU E 75 -18.49 -14.90 -0.32
CA GLU E 75 -19.79 -15.21 0.28
C GLU E 75 -20.74 -14.00 0.34
N LYS E 76 -20.22 -12.83 0.70
CA LYS E 76 -21.04 -11.60 0.76
C LYS E 76 -21.41 -11.18 -0.68
N LEU E 77 -20.45 -11.25 -1.58
CA LEU E 77 -20.65 -10.66 -2.91
C LEU E 77 -21.64 -11.48 -3.74
N LEU E 78 -21.75 -12.77 -3.43
CA LEU E 78 -22.67 -13.62 -4.16
C LEU E 78 -24.13 -13.21 -3.95
N GLU E 79 -24.44 -12.56 -2.85
CA GLU E 79 -25.80 -12.01 -2.65
C GLU E 79 -26.24 -10.99 -3.68
N GLN E 80 -25.26 -10.33 -4.28
CA GLN E 80 -25.48 -9.41 -5.39
C GLN E 80 -25.69 -10.10 -6.73
N LEU E 81 -25.27 -11.35 -6.83
CA LEU E 81 -25.27 -12.01 -8.13
C LEU E 81 -26.53 -12.86 -8.25
N ASN E 82 -26.84 -13.29 -9.46
CA ASN E 82 -27.94 -14.22 -9.66
C ASN E 82 -27.55 -15.70 -9.56
N GLN E 83 -26.42 -16.05 -8.97
CA GLN E 83 -26.06 -17.46 -8.90
C GLN E 83 -26.94 -18.13 -7.86
N PRO E 84 -27.63 -19.25 -8.20
CA PRO E 84 -28.45 -19.87 -7.16
C PRO E 84 -27.64 -20.77 -6.22
N GLU E 85 -26.41 -21.10 -6.57
CA GLU E 85 -25.55 -21.75 -5.57
C GLU E 85 -24.09 -21.28 -5.58
N ALA E 86 -23.48 -21.28 -4.39
CA ALA E 86 -22.07 -20.88 -4.19
C ALA E 86 -21.15 -22.03 -4.57
N HIS E 87 -20.40 -21.89 -5.66
CA HIS E 87 -19.33 -22.86 -5.94
C HIS E 87 -17.96 -22.24 -5.62
N LEU E 88 -17.44 -22.43 -4.40
CA LEU E 88 -16.18 -21.75 -3.98
C LEU E 88 -15.05 -22.74 -3.69
N TYR E 89 -13.87 -22.52 -4.23
CA TYR E 89 -12.78 -23.48 -4.04
C TYR E 89 -11.53 -22.68 -3.69
N GLN E 90 -10.82 -23.16 -2.68
CA GLN E 90 -9.57 -22.54 -2.27
C GLN E 90 -8.48 -23.13 -3.14
N ILE E 91 -7.89 -22.27 -3.98
CA ILE E 91 -6.75 -22.69 -4.79
C ILE E 91 -5.63 -21.67 -4.61
N ASP E 92 -4.56 -22.05 -3.94
CA ASP E 92 -3.38 -21.24 -3.94
C ASP E 92 -2.53 -21.73 -5.14
N VAL E 93 -2.36 -20.88 -6.13
CA VAL E 93 -1.71 -21.30 -7.37
C VAL E 93 -0.21 -21.57 -7.21
N GLN E 94 0.38 -21.24 -6.07
CA GLN E 94 1.74 -21.75 -5.78
C GLN E 94 1.82 -23.25 -5.58
N SER E 95 0.68 -23.89 -5.34
CA SER E 95 0.67 -25.32 -5.09
C SER E 95 0.11 -26.10 -6.27
N ASP E 96 0.91 -26.98 -6.87
CA ASP E 96 0.39 -27.81 -7.94
C ASP E 96 -0.79 -28.65 -7.44
N GLU E 97 -0.63 -29.30 -6.29
CA GLU E 97 -1.68 -30.16 -5.75
CA GLU E 97 -1.69 -30.16 -5.74
C GLU E 97 -3.00 -29.38 -5.57
N GLU E 98 -2.92 -28.12 -5.13
CA GLU E 98 -4.17 -27.36 -5.00
C GLU E 98 -4.88 -27.05 -6.32
N VAL E 99 -4.07 -26.81 -7.35
CA VAL E 99 -4.61 -26.49 -8.65
C VAL E 99 -5.22 -27.77 -9.25
N ILE E 100 -4.45 -28.85 -9.22
CA ILE E 100 -4.91 -30.16 -9.74
C ILE E 100 -6.17 -30.60 -9.03
N ASN E 101 -6.13 -30.63 -7.69
CA ASN E 101 -7.26 -31.16 -6.92
C ASN E 101 -8.45 -30.22 -6.98
N GLY E 102 -8.20 -28.91 -7.05
CA GLY E 102 -9.29 -27.93 -7.15
C GLY E 102 -10.05 -28.04 -8.47
N PHE E 103 -9.32 -28.12 -9.59
CA PHE E 103 -9.99 -28.32 -10.88
C PHE E 103 -10.64 -29.71 -10.96
N GLU E 104 -9.98 -30.73 -10.42
CA GLU E 104 -10.62 -32.03 -10.39
C GLU E 104 -11.96 -31.95 -9.66
N GLN E 105 -11.99 -31.29 -8.51
CA GLN E 105 -13.23 -31.21 -7.74
C GLN E 105 -14.29 -30.35 -8.45
N ILE E 106 -13.84 -29.24 -9.02
CA ILE E 106 -14.75 -28.46 -9.87
C ILE E 106 -15.46 -29.33 -10.93
N GLY E 107 -14.71 -30.14 -11.67
CA GLY E 107 -15.33 -31.02 -12.65
C GLY E 107 -16.31 -32.04 -12.07
N LYS E 108 -16.02 -32.55 -10.88
CA LYS E 108 -16.92 -33.48 -10.19
C LYS E 108 -18.17 -32.75 -9.71
N ASP E 109 -18.04 -31.47 -9.33
CA ASP E 109 -19.17 -30.69 -8.80
C ASP E 109 -20.07 -30.09 -9.88
N VAL E 110 -19.51 -29.50 -10.93
CA VAL E 110 -20.32 -28.84 -11.97
C VAL E 110 -20.18 -29.43 -13.37
N GLY E 111 -19.26 -30.38 -13.55
CA GLY E 111 -19.02 -30.95 -14.90
C GLY E 111 -18.06 -30.12 -15.76
N ASN E 112 -18.18 -30.24 -17.06
CA ASN E 112 -17.29 -29.54 -17.99
C ASN E 112 -17.57 -28.04 -17.94
N ILE E 113 -16.53 -27.25 -18.18
CA ILE E 113 -16.62 -25.80 -18.16
C ILE E 113 -16.34 -25.22 -19.54
N ASP E 114 -16.67 -23.93 -19.71
CA ASP E 114 -16.51 -23.29 -21.00
C ASP E 114 -15.33 -22.35 -20.96
N GLY E 115 -14.79 -22.04 -19.79
CA GLY E 115 -13.56 -21.27 -19.82
C GLY E 115 -13.18 -20.80 -18.43
N VAL E 116 -12.05 -20.10 -18.36
CA VAL E 116 -11.46 -19.67 -17.10
C VAL E 116 -11.07 -18.20 -17.28
N TYR E 117 -11.35 -17.40 -16.25
CA TYR E 117 -10.79 -16.04 -16.18
C TYR E 117 -9.74 -16.01 -15.05
N HIS E 118 -8.48 -15.71 -15.42
CA HIS E 118 -7.35 -15.69 -14.50
C HIS E 118 -7.11 -14.22 -14.14
N SER E 119 -7.17 -13.91 -12.84
CA SER E 119 -7.00 -12.53 -12.38
C SER E 119 -6.13 -12.52 -11.13
N ILE E 120 -4.93 -13.11 -11.29
CA ILE E 120 -4.06 -13.42 -10.15
C ILE E 120 -2.66 -12.92 -10.43
N ALA E 121 -2.11 -12.13 -9.51
CA ALA E 121 -0.70 -11.78 -9.59
C ALA E 121 -0.25 -11.46 -8.18
N PHE E 122 1.05 -11.46 -7.93
CA PHE E 122 1.50 -11.02 -6.64
C PHE E 122 2.96 -10.60 -6.79
N ALA E 123 3.38 -9.62 -6.01
CA ALA E 123 4.82 -9.38 -5.83
C ALA E 123 4.99 -8.77 -4.44
N ASN E 124 6.18 -8.87 -3.85
CA ASN E 124 6.43 -8.21 -2.58
C ASN E 124 6.45 -6.71 -2.79
N MET E 125 5.95 -5.92 -1.83
N MET E 125 5.83 -6.00 -1.85
CA MET E 125 5.81 -4.44 -1.95
CA MET E 125 6.12 -4.61 -1.64
C MET E 125 7.06 -3.67 -2.38
C MET E 125 7.62 -4.40 -1.64
N GLU E 126 8.20 -4.04 -1.81
N GLU E 126 8.36 -5.21 -0.89
CA GLU E 126 9.46 -3.34 -2.07
CA GLU E 126 9.78 -4.99 -0.75
C GLU E 126 9.85 -3.49 -3.54
C GLU E 126 10.54 -4.92 -2.09
N ASP E 127 9.19 -4.40 -4.27
N ASP E 127 10.23 -5.79 -3.05
CA ASP E 127 9.54 -4.65 -5.68
CA ASP E 127 10.92 -5.68 -4.34
C ASP E 127 8.63 -3.87 -6.65
C ASP E 127 10.23 -4.65 -5.23
N LEU E 128 7.84 -2.95 -6.11
N LEU E 128 8.91 -4.55 -5.17
CA LEU E 128 6.81 -2.20 -6.87
CA LEU E 128 8.20 -3.55 -5.96
C LEU E 128 7.05 -0.69 -6.77
C LEU E 128 8.62 -2.10 -5.66
N ARG E 129 8.31 -0.37 -6.46
N ARG E 129 8.79 -1.81 -4.37
CA ARG E 129 8.78 1.00 -6.23
CA ARG E 129 9.04 -0.46 -3.87
C ARG E 129 10.30 0.99 -6.27
C ARG E 129 10.53 -0.23 -3.64
N GLY E 130 10.93 2.16 -6.26
N GLY E 130 11.31 -0.58 -4.66
CA GLY E 130 12.39 2.29 -6.30
CA GLY E 130 12.77 -0.52 -4.63
C GLY E 130 13.03 1.65 -7.52
C GLY E 130 13.17 -0.44 -6.10
N ARG E 131 14.22 1.07 -7.31
N ARG E 131 14.44 -0.18 -6.39
CA ARG E 131 15.11 0.61 -8.37
CA ARG E 131 14.89 0.06 -7.77
C ARG E 131 14.98 -0.90 -8.65
C ARG E 131 14.80 -1.23 -8.55
N PHE E 132 14.54 -1.19 -9.87
CA PHE E 132 14.41 -2.52 -10.43
C PHE E 132 15.71 -3.34 -10.36
N SER E 133 16.88 -2.69 -10.54
CA SER E 133 18.15 -3.41 -10.54
C SER E 133 18.44 -4.05 -9.17
N GLU E 134 17.73 -3.61 -8.14
CA GLU E 134 17.91 -4.18 -6.79
C GLU E 134 16.95 -5.33 -6.46
N THR E 135 16.12 -5.74 -7.42
CA THR E 135 15.20 -6.86 -7.19
C THR E 135 15.94 -8.11 -6.70
N SER E 136 15.43 -8.75 -5.63
CA SER E 136 15.96 -10.01 -5.12
C SER E 136 15.56 -11.17 -6.03
N ARG E 137 16.41 -12.19 -6.10
CA ARG E 137 16.08 -13.39 -6.85
C ARG E 137 14.76 -14.02 -6.36
N GLU E 138 14.60 -14.15 -5.06
CA GLU E 138 13.39 -14.79 -4.54
C GLU E 138 12.13 -13.96 -4.86
N GLY E 139 12.27 -12.64 -4.86
CA GLY E 139 11.09 -11.80 -5.21
C GLY E 139 10.77 -11.84 -6.70
N PHE E 140 11.81 -11.97 -7.53
CA PHE E 140 11.60 -12.02 -8.99
C PHE E 140 10.87 -13.33 -9.28
N LEU E 141 11.39 -14.43 -8.73
CA LEU E 141 10.86 -15.77 -9.01
C LEU E 141 9.46 -15.93 -8.40
N LEU E 142 9.22 -15.32 -7.22
CA LEU E 142 7.88 -15.33 -6.61
C LEU E 142 6.85 -14.70 -7.58
N ALA E 143 7.19 -13.52 -8.11
CA ALA E 143 6.24 -12.88 -9.02
C ALA E 143 6.02 -13.69 -10.30
N GLN E 144 7.07 -14.30 -10.84
CA GLN E 144 6.93 -15.20 -12.02
C GLN E 144 6.03 -16.38 -11.68
N ASP E 145 6.23 -16.97 -10.51
CA ASP E 145 5.51 -18.18 -10.14
C ASP E 145 4.01 -17.88 -10.07
N ILE E 146 3.65 -16.86 -9.30
CA ILE E 146 2.22 -16.60 -9.07
C ILE E 146 1.60 -15.95 -10.30
N SER E 147 2.33 -15.05 -10.96
CA SER E 147 1.68 -14.15 -11.90
C SER E 147 1.77 -14.65 -13.34
N SER E 148 2.67 -15.61 -13.60
CA SER E 148 2.84 -16.16 -14.93
C SER E 148 2.70 -17.68 -14.99
N TYR E 149 3.58 -18.40 -14.26
CA TYR E 149 3.51 -19.85 -14.34
C TYR E 149 2.11 -20.33 -14.00
N SER E 150 1.46 -19.73 -12.99
CA SER E 150 0.12 -20.15 -12.57
C SER E 150 -0.78 -20.29 -13.80
N LEU E 151 -0.67 -19.42 -14.79
CA LEU E 151 -1.57 -19.60 -15.94
C LEU E 151 -1.37 -20.95 -16.65
N THR E 152 -0.11 -21.36 -16.76
CA THR E 152 0.23 -22.58 -17.51
C THR E 152 -0.38 -23.83 -16.85
N ILE E 153 -0.17 -23.93 -15.54
CA ILE E 153 -0.68 -25.10 -14.83
C ILE E 153 -2.22 -25.01 -14.74
N VAL E 154 -2.76 -23.81 -14.59
CA VAL E 154 -4.25 -23.70 -14.64
C VAL E 154 -4.80 -24.18 -15.99
N ALA E 155 -4.14 -23.79 -17.08
CA ALA E 155 -4.61 -24.18 -18.40
C ALA E 155 -4.51 -25.69 -18.53
N HIS E 156 -3.39 -26.25 -18.11
CA HIS E 156 -3.22 -27.72 -18.18
C HIS E 156 -4.38 -28.44 -17.47
N GLU E 157 -4.75 -27.96 -16.28
CA GLU E 157 -5.75 -28.67 -15.48
C GLU E 157 -7.15 -28.37 -16.01
N ALA E 158 -7.39 -27.11 -16.39
CA ALA E 158 -8.71 -26.71 -16.92
C ALA E 158 -9.04 -27.38 -18.27
N LYS E 159 -8.03 -27.64 -19.09
CA LYS E 159 -8.21 -28.33 -20.37
C LYS E 159 -8.91 -29.69 -20.21
N LYS E 160 -8.69 -30.33 -19.04
CA LYS E 160 -9.34 -31.62 -18.80
C LYS E 160 -10.87 -31.48 -18.67
N LEU E 161 -11.35 -30.26 -18.41
CA LEU E 161 -12.79 -30.00 -18.29
C LEU E 161 -13.31 -29.30 -19.54
N MET E 162 -12.49 -29.23 -20.59
CA MET E 162 -12.95 -28.58 -21.82
C MET E 162 -12.71 -29.47 -23.03
N PRO E 163 -13.30 -30.67 -23.02
CA PRO E 163 -12.94 -31.57 -24.13
C PRO E 163 -13.52 -31.10 -25.47
N GLU E 164 -14.52 -30.22 -25.47
CA GLU E 164 -15.07 -29.67 -26.70
C GLU E 164 -14.46 -28.30 -27.05
N GLY E 165 -13.52 -27.82 -26.26
CA GLY E 165 -12.98 -26.50 -26.54
C GLY E 165 -13.42 -25.51 -25.46
N GLY E 166 -12.88 -24.31 -25.51
CA GLY E 166 -13.06 -23.38 -24.41
C GLY E 166 -12.28 -22.12 -24.64
N SER E 167 -12.30 -21.23 -23.64
CA SER E 167 -11.60 -19.96 -23.74
C SER E 167 -11.00 -19.65 -22.37
N ILE E 168 -9.72 -19.26 -22.35
CA ILE E 168 -9.05 -18.87 -21.11
C ILE E 168 -8.52 -17.42 -21.30
N VAL E 169 -8.78 -16.55 -20.35
CA VAL E 169 -8.37 -15.16 -20.48
C VAL E 169 -7.58 -14.81 -19.22
N ALA E 170 -6.43 -14.14 -19.39
CA ALA E 170 -5.67 -13.66 -18.25
C ALA E 170 -5.63 -12.12 -18.28
N THR E 171 -5.19 -11.51 -17.17
CA THR E 171 -5.30 -10.07 -16.99
C THR E 171 -3.88 -9.56 -16.92
N THR E 172 -3.57 -8.66 -17.85
CA THR E 172 -2.23 -8.07 -17.88
C THR E 172 -2.28 -6.53 -17.83
N TYR E 173 -1.12 -5.88 -17.87
CA TYR E 173 -1.01 -4.42 -17.83
C TYR E 173 0.05 -4.04 -18.87
N LEU E 174 -0.03 -2.80 -19.34
CA LEU E 174 0.90 -2.23 -20.37
C LEU E 174 2.34 -2.26 -19.92
N GLY E 175 2.54 -2.30 -18.60
CA GLY E 175 3.88 -2.49 -18.06
C GLY E 175 4.56 -3.77 -18.50
N GLY E 176 3.81 -4.75 -19.03
CA GLY E 176 4.49 -5.94 -19.58
C GLY E 176 5.03 -5.66 -20.98
N GLU E 177 4.61 -4.57 -21.62
CA GLU E 177 5.06 -4.20 -22.99
C GLU E 177 6.05 -3.05 -23.04
N PHE E 178 6.07 -2.23 -22.01
CA PHE E 178 6.92 -1.06 -21.90
C PHE E 178 7.39 -0.97 -20.47
N ALA E 179 8.54 -0.33 -20.25
CA ALA E 179 8.96 -0.11 -18.89
C ALA E 179 8.16 1.08 -18.33
N VAL E 180 7.48 0.84 -17.20
CA VAL E 180 6.62 1.85 -16.57
C VAL E 180 7.27 2.11 -15.21
N GLN E 181 7.42 3.37 -14.81
CA GLN E 181 8.03 3.66 -13.49
C GLN E 181 7.34 2.84 -12.38
N ASN E 182 8.12 2.32 -11.45
CA ASN E 182 7.63 1.62 -10.24
C ASN E 182 7.06 0.21 -10.46
N TYR E 183 6.58 -0.13 -11.64
CA TYR E 183 5.93 -1.42 -11.79
C TYR E 183 6.97 -2.56 -11.77
N ASN E 184 8.20 -2.25 -12.16
CA ASN E 184 9.38 -3.07 -11.81
C ASN E 184 9.17 -4.60 -12.01
N VAL E 185 9.33 -5.39 -10.94
CA VAL E 185 9.33 -6.84 -11.07
C VAL E 185 8.01 -7.31 -11.71
N MET E 186 6.92 -6.58 -11.52
CA MET E 186 5.66 -7.07 -12.10
C MET E 186 5.60 -6.85 -13.62
N GLY E 187 6.35 -5.84 -14.10
CA GLY E 187 6.39 -5.62 -15.55
C GLY E 187 7.04 -6.82 -16.23
N VAL E 188 8.13 -7.33 -15.63
CA VAL E 188 8.81 -8.49 -16.21
C VAL E 188 7.87 -9.72 -16.05
N ALA E 189 7.10 -9.82 -14.96
CA ALA E 189 6.22 -10.97 -14.81
C ALA E 189 5.09 -10.86 -15.80
N LYS E 190 4.66 -9.65 -16.09
CA LYS E 190 3.61 -9.52 -17.10
C LYS E 190 4.11 -9.77 -18.56
N ALA E 191 5.33 -9.40 -18.87
CA ALA E 191 5.87 -9.77 -20.20
C ALA E 191 5.91 -11.30 -20.33
N SER E 192 6.25 -11.95 -19.22
CA SER E 192 6.22 -13.40 -19.14
C SER E 192 4.78 -13.93 -19.33
N LEU E 193 3.82 -13.40 -18.59
CA LEU E 193 2.43 -13.80 -18.78
C LEU E 193 2.01 -13.68 -20.24
N GLU E 194 2.27 -12.51 -20.83
CA GLU E 194 1.85 -12.28 -22.22
C GLU E 194 2.44 -13.29 -23.20
N ALA E 195 3.71 -13.63 -23.04
CA ALA E 195 4.26 -14.70 -23.87
C ALA E 195 3.63 -16.06 -23.54
N ASN E 196 3.38 -16.33 -22.26
CA ASN E 196 2.70 -17.56 -21.80
C ASN E 196 1.38 -17.68 -22.55
N VAL E 197 0.65 -16.58 -22.69
CA VAL E 197 -0.64 -16.57 -23.41
C VAL E 197 -0.43 -17.01 -24.88
N LYS E 198 0.64 -16.53 -25.51
CA LYS E 198 0.84 -16.84 -26.94
C LYS E 198 1.25 -18.31 -27.06
N TYR E 199 2.14 -18.77 -26.17
CA TYR E 199 2.59 -20.17 -26.27
C TYR E 199 1.45 -21.16 -25.95
N LEU E 200 0.64 -20.83 -24.95
CA LEU E 200 -0.55 -21.68 -24.69
C LEU E 200 -1.48 -21.62 -25.88
N ALA E 201 -1.65 -20.42 -26.47
CA ALA E 201 -2.59 -20.39 -27.61
C ALA E 201 -2.14 -21.37 -28.71
N LEU E 202 -0.84 -21.36 -28.97
CA LEU E 202 -0.30 -22.21 -30.04
C LEU E 202 -0.51 -23.66 -29.63
N ASP E 203 -0.23 -23.98 -28.36
CA ASP E 203 -0.26 -25.39 -27.91
C ASP E 203 -1.71 -25.92 -27.91
N LEU E 204 -2.64 -25.12 -27.40
CA LEU E 204 -4.01 -25.58 -27.12
C LEU E 204 -5.00 -25.28 -28.23
N GLY E 205 -4.54 -24.50 -29.21
CA GLY E 205 -5.36 -24.18 -30.42
C GLY E 205 -5.97 -25.37 -31.10
N PRO E 206 -5.16 -26.43 -31.30
CA PRO E 206 -5.69 -27.64 -31.97
C PRO E 206 -6.73 -28.35 -31.13
N ASP E 207 -6.78 -28.07 -29.82
CA ASP E 207 -7.83 -28.61 -28.95
C ASP E 207 -9.03 -27.67 -28.87
N ASN E 208 -9.04 -26.65 -29.71
CA ASN E 208 -10.10 -25.66 -29.74
C ASN E 208 -10.25 -24.84 -28.45
N ILE E 209 -9.13 -24.66 -27.74
CA ILE E 209 -9.08 -23.76 -26.61
C ILE E 209 -8.32 -22.53 -27.05
N ARG E 210 -8.98 -21.39 -26.91
CA ARG E 210 -8.41 -20.08 -27.18
C ARG E 210 -7.86 -19.52 -25.89
N VAL E 211 -6.77 -18.76 -26.00
CA VAL E 211 -6.13 -18.18 -24.83
C VAL E 211 -5.75 -16.76 -25.22
N ASN E 212 -6.15 -15.81 -24.38
CA ASN E 212 -6.06 -14.38 -24.74
C ASN E 212 -5.79 -13.62 -23.43
N ALA E 213 -5.36 -12.36 -23.56
CA ALA E 213 -5.17 -11.48 -22.42
C ALA E 213 -6.01 -10.22 -22.59
N ILE E 214 -6.40 -9.65 -21.45
CA ILE E 214 -6.91 -8.27 -21.43
C ILE E 214 -5.89 -7.43 -20.70
N SER E 215 -5.41 -6.38 -21.37
CA SER E 215 -4.47 -5.42 -20.77
C SER E 215 -5.35 -4.30 -20.20
N ALA E 216 -5.59 -4.35 -18.89
CA ALA E 216 -6.50 -3.38 -18.29
C ALA E 216 -5.70 -2.10 -18.01
N GLY E 217 -6.35 -0.94 -18.08
CA GLY E 217 -5.80 0.33 -17.58
C GLY E 217 -5.88 0.34 -16.05
N PRO E 218 -5.23 1.33 -15.42
CA PRO E 218 -5.17 1.33 -13.92
C PRO E 218 -6.55 1.46 -13.36
N ILE E 219 -6.79 0.69 -12.30
CA ILE E 219 -8.07 0.69 -11.60
C ILE E 219 -7.77 0.58 -10.12
N ARG E 220 -8.44 1.37 -9.26
CA ARG E 220 -8.21 1.28 -7.82
C ARG E 220 -8.68 -0.07 -7.26
N THR E 221 -7.74 -0.90 -6.83
CA THR E 221 -8.04 -2.22 -6.25
C THR E 221 -7.07 -2.41 -5.10
N LEU E 222 -7.30 -3.44 -4.28
CA LEU E 222 -6.34 -3.73 -3.25
C LEU E 222 -4.90 -3.88 -3.74
N SER E 223 -4.68 -4.57 -4.86
CA SER E 223 -3.31 -4.76 -5.37
C SER E 223 -2.68 -3.48 -5.95
N ALA E 224 -3.50 -2.51 -6.33
CA ALA E 224 -2.98 -1.21 -6.79
C ALA E 224 -2.26 -0.46 -5.67
N LYS E 225 -2.57 -0.79 -4.41
CA LYS E 225 -1.87 -0.10 -3.33
C LYS E 225 -0.40 -0.46 -3.29
N GLY E 226 0.00 -1.60 -3.83
CA GLY E 226 1.43 -1.83 -3.99
C GLY E 226 2.20 -1.12 -5.10
N VAL E 227 1.53 -0.47 -6.05
CA VAL E 227 2.32 0.13 -7.10
C VAL E 227 2.67 1.57 -6.69
N GLY E 228 3.95 1.92 -6.53
CA GLY E 228 4.29 3.31 -6.23
C GLY E 228 3.68 4.21 -7.30
N GLY E 229 3.27 5.40 -6.91
CA GLY E 229 2.91 6.46 -7.86
C GLY E 229 1.59 6.11 -8.53
N PHE E 230 0.84 5.17 -7.95
CA PHE E 230 -0.43 4.83 -8.60
C PHE E 230 -1.34 6.04 -8.93
N ASN E 231 -1.56 6.94 -8.01
CA ASN E 231 -2.50 8.02 -8.33
C ASN E 231 -2.00 8.87 -9.50
N THR E 232 -0.67 9.02 -9.62
CA THR E 232 -0.13 9.70 -10.79
C THR E 232 -0.40 8.98 -12.12
N ILE E 233 -0.37 7.66 -12.09
CA ILE E 233 -0.71 6.83 -13.26
C ILE E 233 -2.16 7.08 -13.68
N LEU E 234 -3.06 7.14 -12.70
CA LEU E 234 -4.47 7.38 -13.02
C LEU E 234 -4.68 8.75 -13.63
N LYS E 235 -4.06 9.77 -13.04
CA LYS E 235 -4.21 11.12 -13.56
C LYS E 235 -3.66 11.22 -14.99
N GLU E 236 -2.60 10.48 -15.29
CA GLU E 236 -2.04 10.61 -16.64
C GLU E 236 -3.03 10.05 -17.66
N ILE E 237 -3.78 9.01 -17.30
CA ILE E 237 -4.74 8.47 -18.23
C ILE E 237 -5.80 9.53 -18.53
N GLU E 238 -6.34 10.16 -17.49
CA GLU E 238 -7.42 11.12 -17.75
C GLU E 238 -6.93 12.25 -18.61
N GLU E 239 -5.68 12.65 -18.37
CA GLU E 239 -5.10 13.76 -19.11
C GLU E 239 -4.68 13.41 -20.52
N ARG E 240 -4.15 12.20 -20.74
CA ARG E 240 -3.45 11.87 -22.00
CA ARG E 240 -3.53 11.94 -22.04
C ARG E 240 -4.17 10.83 -22.87
N ALA E 241 -4.93 9.93 -22.24
CA ALA E 241 -5.49 8.81 -23.07
C ALA E 241 -6.57 9.35 -23.99
N PRO E 242 -6.75 8.74 -25.20
CA PRO E 242 -7.77 9.20 -26.16
C PRO E 242 -9.14 9.44 -25.51
N LEU E 243 -9.61 8.56 -24.62
CA LEU E 243 -10.96 8.78 -24.05
C LEU E 243 -10.91 9.80 -22.93
N LYS E 244 -9.72 10.24 -22.51
CA LYS E 244 -9.63 11.23 -21.42
C LYS E 244 -10.43 10.83 -20.17
N ARG E 245 -10.39 9.56 -19.81
CA ARG E 245 -11.04 9.05 -18.61
C ARG E 245 -10.42 7.72 -18.26
N ASN E 246 -10.64 7.24 -17.04
CA ASN E 246 -10.11 5.95 -16.66
C ASN E 246 -11.18 4.90 -16.92
N VAL E 247 -10.80 3.63 -16.99
CA VAL E 247 -11.75 2.56 -17.20
C VAL E 247 -12.15 1.95 -15.84
N ASP E 248 -13.16 1.07 -15.84
CA ASP E 248 -13.47 0.35 -14.59
C ASP E 248 -13.62 -1.15 -14.79
N GLN E 249 -13.93 -1.83 -13.69
CA GLN E 249 -13.79 -3.26 -13.63
C GLN E 249 -14.87 -3.81 -14.55
N VAL E 250 -16.03 -3.15 -14.60
CA VAL E 250 -17.09 -3.64 -15.49
C VAL E 250 -16.71 -3.56 -16.96
N GLU E 251 -15.93 -2.55 -17.35
CA GLU E 251 -15.50 -2.54 -18.74
C GLU E 251 -14.55 -3.66 -19.05
N VAL E 252 -13.62 -3.94 -18.14
CA VAL E 252 -12.88 -5.19 -18.29
C VAL E 252 -13.80 -6.38 -18.44
N GLY E 253 -14.77 -6.50 -17.54
CA GLY E 253 -15.75 -7.59 -17.59
C GLY E 253 -16.44 -7.74 -18.93
N LYS E 254 -16.84 -6.63 -19.55
CA LYS E 254 -17.51 -6.71 -20.86
C LYS E 254 -16.59 -7.26 -21.97
N THR E 255 -15.32 -6.88 -21.94
CA THR E 255 -14.38 -7.44 -22.89
C THR E 255 -14.11 -8.90 -22.55
N ALA E 256 -14.13 -9.22 -21.26
CA ALA E 256 -14.02 -10.62 -20.88
C ALA E 256 -15.17 -11.47 -21.41
N ALA E 257 -16.39 -10.94 -21.40
CA ALA E 257 -17.54 -11.67 -21.97
C ALA E 257 -17.35 -11.93 -23.45
N TYR E 258 -16.86 -10.92 -24.15
CA TYR E 258 -16.51 -11.12 -25.56
C TYR E 258 -15.48 -12.25 -25.73
N LEU E 259 -14.35 -12.16 -25.04
CA LEU E 259 -13.29 -13.18 -25.20
C LEU E 259 -13.71 -14.61 -24.72
N LEU E 260 -14.57 -14.68 -23.72
CA LEU E 260 -14.96 -15.98 -23.17
C LEU E 260 -16.06 -16.61 -24.00
N SER E 261 -16.69 -15.85 -24.89
CA SER E 261 -17.86 -16.33 -25.63
C SER E 261 -17.50 -16.66 -27.07
N ASP E 262 -18.47 -17.14 -27.82
CA ASP E 262 -18.31 -17.44 -29.25
C ASP E 262 -18.16 -16.18 -30.10
N LEU E 263 -18.48 -15.01 -29.57
CA LEU E 263 -18.30 -13.79 -30.37
C LEU E 263 -16.84 -13.61 -30.79
N SER E 264 -15.90 -14.13 -30.01
CA SER E 264 -14.48 -13.99 -30.36
C SER E 264 -13.93 -15.30 -30.95
N SER E 265 -14.76 -16.14 -31.59
N SER E 265 -14.78 -16.02 -31.69
CA SER E 265 -14.29 -17.52 -31.91
CA SER E 265 -14.24 -17.16 -32.44
C SER E 265 -13.01 -17.55 -32.78
C SER E 265 -13.25 -16.61 -33.47
N GLY E 266 -12.70 -16.46 -33.48
N GLY E 266 -12.16 -17.34 -33.61
CA GLY E 266 -11.58 -16.43 -34.42
CA GLY E 266 -11.08 -16.90 -34.48
C GLY E 266 -10.28 -15.90 -33.83
C GLY E 266 -10.09 -15.98 -33.79
N VAL E 267 -10.32 -15.57 -32.53
CA VAL E 267 -9.35 -14.70 -31.84
C VAL E 267 -8.63 -15.52 -30.80
N THR E 268 -7.33 -15.69 -30.99
CA THR E 268 -6.54 -16.36 -29.95
C THR E 268 -5.10 -15.80 -29.97
N GLY E 269 -4.42 -15.90 -28.83
CA GLY E 269 -3.11 -15.31 -28.69
C GLY E 269 -3.10 -13.80 -28.81
N GLU E 270 -4.22 -13.15 -28.48
CA GLU E 270 -4.37 -11.70 -28.63
C GLU E 270 -4.35 -11.02 -27.26
N ASN E 271 -4.01 -9.74 -27.28
CA ASN E 271 -4.03 -8.96 -26.02
C ASN E 271 -4.85 -7.73 -26.29
N ILE E 272 -6.04 -7.64 -25.67
CA ILE E 272 -6.94 -6.51 -25.99
C ILE E 272 -6.80 -5.46 -24.88
N HIS E 273 -6.44 -4.25 -25.26
CA HIS E 273 -6.22 -3.22 -24.25
C HIS E 273 -7.58 -2.61 -23.90
N VAL E 274 -7.93 -2.65 -22.61
CA VAL E 274 -9.14 -1.98 -22.16
C VAL E 274 -8.62 -0.84 -21.28
N ASP E 275 -8.22 0.24 -21.94
CA ASP E 275 -7.35 1.22 -21.26
C ASP E 275 -7.58 2.62 -21.81
N SER E 276 -8.77 2.90 -22.36
CA SER E 276 -9.10 4.24 -22.90
C SER E 276 -8.17 4.68 -24.04
N GLY E 277 -7.49 3.74 -24.69
CA GLY E 277 -6.68 4.05 -25.84
C GLY E 277 -5.25 4.39 -25.46
N PHE E 278 -4.88 4.28 -24.17
CA PHE E 278 -3.57 4.79 -23.71
C PHE E 278 -2.40 4.03 -24.36
N HIS E 279 -2.58 2.73 -24.61
CA HIS E 279 -1.54 1.91 -25.29
C HIS E 279 -1.12 2.44 -26.68
N ALA E 280 -2.02 3.19 -27.32
CA ALA E 280 -1.85 3.61 -28.72
C ALA E 280 -1.18 4.98 -28.85
N ILE E 281 -0.89 5.67 -27.75
CA ILE E 281 -0.34 7.03 -27.84
C ILE E 281 1.04 7.10 -27.17
N LYS E 282 1.76 8.18 -27.45
CA LYS E 282 3.02 8.46 -26.79
C LYS E 282 3.20 9.98 -26.78
N ASN F 29 36.63 1.52 -32.66
CA ASN F 29 37.94 1.26 -31.97
C ASN F 29 37.85 1.14 -30.46
N LEU F 30 38.18 -0.02 -29.93
CA LEU F 30 37.95 -0.28 -28.52
C LEU F 30 39.23 -0.39 -27.68
N GLU F 31 40.35 0.19 -28.11
CA GLU F 31 41.55 0.10 -27.28
C GLU F 31 41.27 0.83 -25.96
N ASN F 32 41.85 0.35 -24.87
CA ASN F 32 41.61 0.99 -23.57
C ASN F 32 40.20 0.79 -23.01
N LYS F 33 39.36 0.04 -23.71
CA LYS F 33 38.08 -0.43 -23.18
C LYS F 33 38.22 -1.85 -22.66
N THR F 34 37.47 -2.18 -21.60
CA THR F 34 37.43 -3.53 -21.05
C THR F 34 35.99 -4.05 -20.98
N TYR F 35 35.77 -5.29 -21.44
CA TYR F 35 34.42 -5.85 -21.43
C TYR F 35 34.44 -7.23 -20.78
N VAL F 36 33.38 -7.55 -20.01
CA VAL F 36 33.18 -8.88 -19.48
C VAL F 36 32.23 -9.66 -20.40
N ILE F 37 32.69 -10.84 -20.84
CA ILE F 37 31.88 -11.66 -21.73
C ILE F 37 31.46 -12.90 -20.98
N MET F 38 30.15 -13.10 -20.78
CA MET F 38 29.62 -14.23 -20.00
C MET F 38 28.94 -15.23 -20.91
N GLY F 39 29.36 -16.50 -20.84
CA GLY F 39 28.72 -17.54 -21.58
C GLY F 39 29.44 -18.12 -22.78
N ILE F 40 30.78 -18.12 -22.80
CA ILE F 40 31.45 -19.00 -23.77
C ILE F 40 31.50 -20.41 -23.23
N ALA F 41 31.02 -21.37 -24.04
CA ALA F 41 31.26 -22.79 -23.76
C ALA F 41 32.30 -23.38 -24.71
N ASN F 42 32.31 -22.97 -25.97
CA ASN F 42 33.19 -23.61 -26.99
C ASN F 42 33.22 -22.72 -28.21
N LYS F 43 33.97 -23.12 -29.24
CA LYS F 43 34.23 -22.27 -30.40
C LYS F 43 32.95 -21.88 -31.14
N ARG F 44 31.86 -22.64 -30.97
CA ARG F 44 30.58 -22.27 -31.61
C ARG F 44 29.70 -21.30 -30.77
N SER F 45 30.06 -21.07 -29.52
CA SER F 45 29.22 -20.15 -28.72
C SER F 45 29.07 -18.80 -29.44
N ILE F 46 27.87 -18.21 -29.37
CA ILE F 46 27.64 -16.86 -29.92
C ILE F 46 28.64 -15.92 -29.25
N ALA F 47 28.82 -16.10 -27.93
CA ALA F 47 29.72 -15.21 -27.22
C ALA F 47 31.17 -15.27 -27.68
N PHE F 48 31.58 -16.35 -28.36
CA PHE F 48 32.93 -16.36 -28.88
C PHE F 48 33.01 -15.51 -30.18
N GLY F 49 31.91 -15.43 -30.91
CA GLY F 49 31.80 -14.51 -32.06
C GLY F 49 31.99 -13.07 -31.58
N VAL F 50 31.29 -12.72 -30.51
CA VAL F 50 31.49 -11.45 -29.84
C VAL F 50 32.95 -11.23 -29.41
N ALA F 51 33.51 -12.22 -28.71
CA ALA F 51 34.88 -12.09 -28.24
C ALA F 51 35.83 -11.82 -29.42
N LYS F 52 35.71 -12.60 -30.50
CA LYS F 52 36.62 -12.39 -31.64
C LYS F 52 36.56 -10.98 -32.18
N VAL F 53 35.33 -10.46 -32.34
CA VAL F 53 35.16 -9.12 -32.90
C VAL F 53 35.76 -8.08 -31.97
N LEU F 54 35.41 -8.10 -30.67
CA LEU F 54 35.91 -7.12 -29.68
C LEU F 54 37.44 -7.19 -29.58
N ASP F 55 37.96 -8.42 -29.61
CA ASP F 55 39.40 -8.64 -29.54
C ASP F 55 40.05 -7.98 -30.75
N GLN F 56 39.51 -8.25 -31.94
CA GLN F 56 40.06 -7.66 -33.16
C GLN F 56 40.04 -6.14 -33.09
N LEU F 57 39.06 -5.60 -32.37
CA LEU F 57 38.89 -4.15 -32.23
C LEU F 57 39.76 -3.57 -31.12
N GLY F 58 40.54 -4.41 -30.46
CA GLY F 58 41.50 -3.91 -29.48
C GLY F 58 41.05 -3.90 -28.02
N ALA F 59 39.84 -4.40 -27.71
CA ALA F 59 39.35 -4.42 -26.33
C ALA F 59 40.17 -5.38 -25.46
N LYS F 60 40.27 -5.08 -24.17
CA LYS F 60 40.66 -6.10 -23.19
C LYS F 60 39.40 -6.87 -22.84
N LEU F 61 39.48 -8.19 -22.83
CA LEU F 61 38.35 -9.05 -22.49
C LEU F 61 38.56 -9.84 -21.20
N VAL F 62 37.46 -10.00 -20.47
CA VAL F 62 37.39 -10.78 -19.25
C VAL F 62 36.25 -11.76 -19.50
N PHE F 63 36.43 -13.03 -19.14
CA PHE F 63 35.48 -14.09 -19.51
C PHE F 63 34.94 -14.80 -18.26
N THR F 64 33.63 -15.08 -18.24
CA THR F 64 33.09 -15.84 -17.11
C THR F 64 32.49 -17.15 -17.65
N TYR F 65 32.57 -18.19 -16.82
CA TYR F 65 32.13 -19.52 -17.29
C TYR F 65 31.45 -20.23 -16.11
N ARG F 66 30.70 -21.28 -16.42
CA ARG F 66 30.15 -22.13 -15.36
C ARG F 66 30.93 -23.47 -15.22
N LYS F 67 30.96 -24.27 -16.28
CA LYS F 67 31.45 -25.64 -16.16
C LYS F 67 32.96 -25.61 -16.31
N GLU F 68 33.64 -26.50 -15.60
CA GLU F 68 35.09 -26.60 -15.77
C GLU F 68 35.45 -26.84 -17.24
N ARG F 69 34.64 -27.61 -17.96
CA ARG F 69 34.95 -27.86 -19.38
C ARG F 69 34.91 -26.56 -20.21
N SER F 70 34.01 -25.65 -19.85
CA SER F 70 34.02 -24.33 -20.50
C SER F 70 35.32 -23.54 -20.26
N ARG F 71 35.86 -23.60 -19.05
CA ARG F 71 37.14 -22.95 -18.80
CA ARG F 71 37.14 -22.97 -18.78
C ARG F 71 38.21 -23.59 -19.70
N LYS F 72 38.24 -24.93 -19.78
CA LYS F 72 39.25 -25.55 -20.63
C LYS F 72 39.15 -25.10 -22.10
N GLU F 73 37.93 -24.92 -22.59
CA GLU F 73 37.74 -24.46 -23.96
C GLU F 73 38.22 -23.02 -24.15
N LEU F 74 37.89 -22.18 -23.18
CA LEU F 74 38.34 -20.78 -23.13
C LEU F 74 39.85 -20.72 -23.16
N GLU F 75 40.49 -21.58 -22.39
CA GLU F 75 41.95 -21.58 -22.40
C GLU F 75 42.50 -21.91 -23.78
N LYS F 76 41.90 -22.86 -24.48
CA LYS F 76 42.33 -23.21 -25.83
C LYS F 76 41.94 -22.10 -26.83
N LEU F 77 40.77 -21.48 -26.64
CA LEU F 77 40.35 -20.43 -27.58
C LEU F 77 41.12 -19.10 -27.47
N LEU F 78 41.60 -18.78 -26.27
CA LEU F 78 42.40 -17.58 -26.05
C LEU F 78 43.69 -17.55 -26.89
N GLU F 79 44.17 -18.72 -27.28
CA GLU F 79 45.30 -18.77 -28.21
C GLU F 79 45.01 -18.09 -29.56
N GLN F 80 43.77 -18.14 -30.04
CA GLN F 80 43.32 -17.40 -31.23
C GLN F 80 43.15 -15.90 -31.07
N LEU F 81 43.18 -15.43 -29.83
CA LEU F 81 42.86 -14.04 -29.56
C LEU F 81 44.14 -13.28 -29.32
N ASN F 82 44.06 -11.96 -29.36
CA ASN F 82 45.21 -11.11 -29.13
C ASN F 82 45.42 -10.84 -27.65
N GLN F 83 44.50 -11.32 -26.81
CA GLN F 83 44.57 -11.09 -25.38
C GLN F 83 45.90 -11.59 -24.80
N PRO F 84 46.73 -10.67 -24.28
CA PRO F 84 48.02 -10.98 -23.68
C PRO F 84 47.90 -11.68 -22.33
N GLU F 85 46.76 -11.54 -21.67
CA GLU F 85 46.52 -12.18 -20.37
C GLU F 85 45.15 -12.88 -20.40
N ALA F 86 45.05 -14.03 -19.75
CA ALA F 86 43.80 -14.76 -19.59
C ALA F 86 43.08 -14.31 -18.33
N HIS F 87 41.88 -13.73 -18.46
CA HIS F 87 41.17 -13.27 -17.26
C HIS F 87 39.87 -14.10 -17.14
N LEU F 88 39.88 -15.20 -16.38
CA LEU F 88 38.82 -16.21 -16.43
C LEU F 88 38.23 -16.35 -15.03
N TYR F 89 36.91 -16.22 -14.92
CA TYR F 89 36.24 -16.31 -13.62
C TYR F 89 35.05 -17.25 -13.72
N GLN F 90 34.95 -18.16 -12.77
CA GLN F 90 33.80 -19.04 -12.67
C GLN F 90 32.65 -18.30 -12.02
N ILE F 91 31.56 -18.16 -12.74
CA ILE F 91 30.38 -17.52 -12.19
C ILE F 91 29.19 -18.36 -12.70
N ASP F 92 28.61 -19.14 -11.80
CA ASP F 92 27.31 -19.76 -12.03
C ASP F 92 26.25 -18.73 -11.61
N VAL F 93 25.46 -18.22 -12.56
CA VAL F 93 24.55 -17.08 -12.26
C VAL F 93 23.30 -17.50 -11.44
N GLN F 94 23.14 -18.79 -11.14
CA GLN F 94 22.20 -19.22 -10.08
C GLN F 94 22.55 -18.76 -8.66
N SER F 95 23.83 -18.44 -8.43
CA SER F 95 24.34 -18.09 -7.11
C SER F 95 24.61 -16.59 -7.01
N ASP F 96 23.88 -15.89 -6.14
CA ASP F 96 24.15 -14.48 -5.91
C ASP F 96 25.61 -14.29 -5.49
N GLU F 97 26.05 -15.11 -4.55
CA GLU F 97 27.41 -14.94 -4.04
CA GLU F 97 27.42 -15.07 -4.03
C GLU F 97 28.44 -15.07 -5.15
N GLU F 98 28.25 -16.00 -6.08
CA GLU F 98 29.19 -16.12 -7.20
C GLU F 98 29.22 -14.90 -8.12
N VAL F 99 28.06 -14.32 -8.36
CA VAL F 99 28.01 -13.11 -9.20
C VAL F 99 28.65 -11.95 -8.42
N ILE F 100 28.24 -11.78 -7.17
CA ILE F 100 28.81 -10.71 -6.32
C ILE F 100 30.32 -10.82 -6.21
N ASN F 101 30.79 -12.00 -5.84
CA ASN F 101 32.21 -12.16 -5.56
C ASN F 101 33.02 -12.13 -6.86
N GLY F 102 32.41 -12.62 -7.93
CA GLY F 102 33.05 -12.70 -9.25
C GLY F 102 33.25 -11.31 -9.82
N PHE F 103 32.21 -10.48 -9.83
CA PHE F 103 32.40 -9.11 -10.29
C PHE F 103 33.30 -8.29 -9.37
N GLU F 104 33.20 -8.51 -8.06
CA GLU F 104 34.15 -7.80 -7.16
C GLU F 104 35.60 -8.16 -7.47
N GLN F 105 35.87 -9.44 -7.75
CA GLN F 105 37.24 -9.88 -8.00
C GLN F 105 37.70 -9.27 -9.34
N ILE F 106 36.79 -9.22 -10.30
CA ILE F 106 37.08 -8.65 -11.62
C ILE F 106 37.52 -7.19 -11.46
N GLY F 107 36.78 -6.45 -10.65
CA GLY F 107 37.17 -5.08 -10.26
C GLY F 107 38.55 -4.95 -9.63
N LYS F 108 38.88 -5.84 -8.70
CA LYS F 108 40.17 -5.76 -8.02
C LYS F 108 41.27 -6.15 -8.98
N ASP F 109 40.94 -7.02 -9.92
CA ASP F 109 41.93 -7.54 -10.86
C ASP F 109 42.17 -6.67 -12.10
N VAL F 110 41.12 -6.09 -12.68
CA VAL F 110 41.28 -5.30 -13.91
C VAL F 110 40.79 -3.85 -13.81
N GLY F 111 40.15 -3.49 -12.72
CA GLY F 111 39.66 -2.11 -12.59
C GLY F 111 38.24 -1.99 -13.12
N ASN F 112 37.80 -0.77 -13.41
CA ASN F 112 36.50 -0.53 -14.04
C ASN F 112 36.41 -1.05 -15.47
N ILE F 113 35.19 -1.42 -15.84
CA ILE F 113 34.85 -1.99 -17.14
C ILE F 113 33.92 -1.05 -17.91
N ASP F 114 33.80 -1.30 -19.20
CA ASP F 114 32.98 -0.46 -20.04
C ASP F 114 31.68 -1.13 -20.44
N GLY F 115 31.61 -2.45 -20.25
CA GLY F 115 30.36 -3.12 -20.49
C GLY F 115 30.41 -4.61 -20.24
N VAL F 116 29.27 -5.25 -20.50
CA VAL F 116 29.09 -6.69 -20.27
C VAL F 116 28.27 -7.23 -21.43
N TYR F 117 28.68 -8.38 -21.98
CA TYR F 117 27.90 -9.15 -22.94
C TYR F 117 27.40 -10.40 -22.20
N HIS F 118 26.07 -10.54 -22.13
CA HIS F 118 25.41 -11.66 -21.44
C HIS F 118 24.90 -12.62 -22.50
N SER F 119 25.42 -13.84 -22.47
CA SER F 119 25.08 -14.84 -23.47
C SER F 119 24.72 -16.16 -22.78
N ILE F 120 23.85 -16.04 -21.79
CA ILE F 120 23.57 -17.14 -20.88
C ILE F 120 22.09 -17.47 -20.92
N ALA F 121 21.77 -18.76 -21.12
CA ALA F 121 20.39 -19.23 -20.92
C ALA F 121 20.44 -20.72 -20.68
N PHE F 122 19.37 -21.24 -20.09
CA PHE F 122 19.30 -22.67 -19.84
C PHE F 122 17.84 -23.11 -19.67
N ALA F 123 17.49 -24.31 -20.15
CA ALA F 123 16.19 -24.91 -19.82
C ALA F 123 16.39 -26.42 -19.90
N ASN F 124 15.65 -27.18 -19.08
CA ASN F 124 15.69 -28.67 -19.18
C ASN F 124 15.22 -29.11 -20.56
N MET F 125 15.90 -30.08 -21.17
N MET F 125 15.95 -30.10 -21.08
CA MET F 125 15.66 -30.42 -22.60
CA MET F 125 15.49 -30.95 -22.15
C MET F 125 14.21 -30.77 -22.96
C MET F 125 14.08 -31.43 -21.86
N GLU F 126 13.54 -31.47 -22.06
N GLU F 126 13.80 -31.88 -20.64
CA GLU F 126 12.17 -31.89 -22.30
CA GLU F 126 12.48 -32.48 -20.38
C GLU F 126 11.25 -30.67 -22.30
C GLU F 126 11.31 -31.50 -20.51
N ASP F 127 11.83 -29.50 -22.04
N ASP F 127 11.48 -30.25 -20.11
CA ASP F 127 11.08 -28.25 -22.12
CA ASP F 127 10.40 -29.28 -20.35
C ASP F 127 11.30 -27.49 -23.44
C ASP F 127 10.40 -28.82 -21.81
N LEU F 128 11.98 -28.11 -24.40
N LEU F 128 11.55 -28.48 -22.36
CA LEU F 128 12.33 -27.49 -25.70
CA LEU F 128 11.64 -28.08 -23.78
C LEU F 128 11.75 -28.24 -26.93
C LEU F 128 10.98 -29.07 -24.76
N ARG F 129 10.68 -28.98 -26.65
N ARG F 129 11.24 -30.37 -24.57
CA ARG F 129 9.98 -29.77 -27.65
CA ARG F 129 10.77 -31.42 -25.50
C ARG F 129 8.68 -30.17 -27.00
C ARG F 129 9.49 -32.08 -24.97
N GLY F 130 7.77 -30.77 -27.76
N GLY F 130 8.52 -31.26 -24.61
CA GLY F 130 6.48 -31.20 -27.23
CA GLY F 130 7.16 -31.68 -24.23
C GLY F 130 5.63 -30.02 -26.76
C GLY F 130 6.25 -30.52 -24.55
N ARG F 131 4.83 -30.28 -25.72
N ARG F 131 4.93 -30.72 -24.58
CA ARG F 131 3.69 -29.43 -25.33
CA ARG F 131 3.98 -29.63 -24.90
C ARG F 131 4.06 -28.51 -24.18
C ARG F 131 4.15 -28.43 -23.96
N PHE F 132 3.99 -27.21 -24.46
CA PHE F 132 4.22 -26.12 -23.50
C PHE F 132 3.30 -26.20 -22.29
N SER F 133 2.03 -26.57 -22.49
CA SER F 133 1.10 -26.61 -21.37
C SER F 133 1.50 -27.67 -20.31
N GLU F 134 2.43 -28.55 -20.66
CA GLU F 134 2.92 -29.56 -19.73
C GLU F 134 4.19 -29.14 -18.96
N THR F 135 4.68 -27.91 -19.18
CA THR F 135 5.88 -27.43 -18.51
C THR F 135 5.74 -27.51 -16.97
N SER F 136 6.76 -28.05 -16.31
CA SER F 136 6.80 -28.15 -14.85
C SER F 136 7.11 -26.79 -14.24
N ARG F 137 6.65 -26.58 -13.00
CA ARG F 137 6.92 -25.30 -12.29
C ARG F 137 8.44 -25.13 -12.11
N GLU F 138 9.05 -26.23 -11.70
CA GLU F 138 10.48 -26.19 -11.43
C GLU F 138 11.28 -25.80 -12.69
N GLY F 139 10.93 -26.40 -13.81
CA GLY F 139 11.60 -26.09 -15.09
C GLY F 139 11.30 -24.69 -15.61
N PHE F 140 10.08 -24.21 -15.39
CA PHE F 140 9.75 -22.84 -15.77
C PHE F 140 10.58 -21.83 -14.96
N LEU F 141 10.67 -22.06 -13.65
CA LEU F 141 11.35 -21.09 -12.82
C LEU F 141 12.87 -21.22 -13.03
N LEU F 142 13.36 -22.43 -13.33
CA LEU F 142 14.82 -22.63 -13.61
C LEU F 142 15.21 -21.78 -14.84
N ALA F 143 14.37 -21.82 -15.86
CA ALA F 143 14.66 -21.07 -17.11
C ALA F 143 14.56 -19.56 -16.87
N GLN F 144 13.57 -19.09 -16.11
CA GLN F 144 13.54 -17.68 -15.73
C GLN F 144 14.81 -17.26 -14.96
N ASP F 145 15.17 -18.07 -13.97
CA ASP F 145 16.23 -17.73 -13.07
C ASP F 145 17.54 -17.56 -13.87
N ILE F 146 17.89 -18.54 -14.69
CA ILE F 146 19.18 -18.50 -15.42
C ILE F 146 19.14 -17.54 -16.61
N SER F 147 18.00 -17.47 -17.29
CA SER F 147 17.96 -16.85 -18.62
C SER F 147 17.45 -15.43 -18.52
N SER F 148 16.88 -15.04 -17.38
CA SER F 148 16.34 -13.68 -17.26
C SER F 148 16.82 -12.98 -16.00
N TYR F 149 16.53 -13.56 -14.82
CA TYR F 149 16.91 -12.93 -13.57
C TYR F 149 18.42 -12.68 -13.54
N SER F 150 19.18 -13.60 -14.09
CA SER F 150 20.65 -13.42 -14.07
C SER F 150 21.09 -12.06 -14.66
N LEU F 151 20.37 -11.51 -15.63
CA LEU F 151 20.76 -10.20 -16.21
C LEU F 151 20.65 -9.11 -15.12
N THR F 152 19.63 -9.22 -14.28
CA THR F 152 19.30 -8.18 -13.29
C THR F 152 20.43 -8.09 -12.27
N ILE F 153 20.76 -9.25 -11.71
CA ILE F 153 21.78 -9.27 -10.69
C ILE F 153 23.18 -8.95 -11.30
N VAL F 154 23.44 -9.46 -12.50
CA VAL F 154 24.67 -9.11 -13.22
C VAL F 154 24.74 -7.57 -13.41
N ALA F 155 23.65 -6.95 -13.86
CA ALA F 155 23.65 -5.50 -14.05
C ALA F 155 23.95 -4.80 -12.73
N HIS F 156 23.37 -5.27 -11.63
CA HIS F 156 23.51 -4.61 -10.35
C HIS F 156 24.97 -4.66 -9.89
N GLU F 157 25.62 -5.81 -10.14
CA GLU F 157 27.03 -5.98 -9.72
C GLU F 157 27.99 -5.28 -10.66
N ALA F 158 27.70 -5.31 -11.97
CA ALA F 158 28.58 -4.74 -12.98
C ALA F 158 28.50 -3.21 -12.92
N LYS F 159 27.36 -2.65 -12.53
CA LYS F 159 27.27 -1.19 -12.37
C LYS F 159 28.31 -0.61 -11.38
N LYS F 160 28.62 -1.36 -10.34
CA LYS F 160 29.67 -0.93 -9.40
C LYS F 160 31.04 -0.70 -10.07
N LEU F 161 31.25 -1.35 -11.20
CA LEU F 161 32.50 -1.21 -11.98
C LEU F 161 32.38 -0.21 -13.14
N MET F 162 31.27 0.52 -13.21
CA MET F 162 31.01 1.43 -14.32
C MET F 162 30.59 2.80 -13.77
N PRO F 163 31.45 3.42 -12.94
CA PRO F 163 31.05 4.71 -12.36
C PRO F 163 30.79 5.83 -13.37
N GLU F 164 31.48 5.82 -14.52
CA GLU F 164 31.18 6.80 -15.58
C GLU F 164 30.22 6.32 -16.67
N GLY F 165 29.62 5.14 -16.51
CA GLY F 165 28.66 4.69 -17.53
C GLY F 165 29.20 3.46 -18.23
N GLY F 166 28.42 2.89 -19.14
CA GLY F 166 28.80 1.65 -19.78
C GLY F 166 27.63 1.12 -20.58
N SER F 167 27.78 -0.12 -21.06
CA SER F 167 26.76 -0.70 -21.93
C SER F 167 26.64 -2.18 -21.58
N ILE F 168 25.39 -2.67 -21.53
CA ILE F 168 25.15 -4.07 -21.20
C ILE F 168 24.28 -4.65 -22.27
N VAL F 169 24.70 -5.80 -22.84
CA VAL F 169 23.94 -6.36 -23.95
C VAL F 169 23.60 -7.80 -23.61
N ALA F 170 22.36 -8.21 -23.85
CA ALA F 170 21.99 -9.61 -23.64
C ALA F 170 21.48 -10.20 -24.96
N THR F 171 21.37 -11.53 -25.01
CA THR F 171 21.20 -12.20 -26.30
C THR F 171 19.81 -12.86 -26.23
N THR F 172 18.93 -12.49 -27.13
CA THR F 172 17.58 -13.06 -27.12
C THR F 172 17.24 -13.74 -28.45
N TYR F 173 16.01 -14.19 -28.60
CA TYR F 173 15.63 -14.88 -29.83
C TYR F 173 14.17 -14.42 -30.06
N LEU F 174 13.78 -14.38 -31.33
CA LEU F 174 12.42 -14.06 -31.79
C LEU F 174 11.30 -14.85 -31.07
N GLY F 175 11.62 -16.04 -30.56
CA GLY F 175 10.68 -16.78 -29.71
C GLY F 175 10.22 -16.02 -28.47
N GLY F 176 10.90 -14.95 -28.07
CA GLY F 176 10.42 -14.12 -26.96
C GLY F 176 9.31 -13.17 -27.36
N GLU F 177 9.19 -12.91 -28.66
CA GLU F 177 8.21 -11.97 -29.24
C GLU F 177 6.98 -12.65 -29.82
N PHE F 178 7.13 -13.90 -30.25
CA PHE F 178 6.09 -14.66 -30.93
C PHE F 178 6.21 -16.08 -30.43
N ALA F 179 5.12 -16.85 -30.48
CA ALA F 179 5.21 -18.25 -30.10
C ALA F 179 5.80 -19.06 -31.25
N VAL F 180 6.97 -19.65 -31.05
CA VAL F 180 7.63 -20.46 -32.08
C VAL F 180 7.53 -21.93 -31.70
N GLN F 181 7.21 -22.82 -32.64
CA GLN F 181 7.08 -24.23 -32.27
C GLN F 181 8.33 -24.71 -31.51
N ASN F 182 8.16 -25.53 -30.49
CA ASN F 182 9.26 -26.15 -29.73
C ASN F 182 10.06 -25.29 -28.76
N TYR F 183 10.05 -23.98 -28.88
CA TYR F 183 10.96 -23.18 -28.07
C TYR F 183 10.36 -23.04 -26.69
N ASN F 184 9.03 -23.11 -26.64
CA ASN F 184 8.30 -23.39 -25.39
C ASN F 184 8.78 -22.57 -24.17
N VAL F 185 9.22 -23.21 -23.10
CA VAL F 185 9.55 -22.48 -21.88
C VAL F 185 10.62 -21.38 -22.12
N MET F 186 11.50 -21.58 -23.10
CA MET F 186 12.54 -20.60 -23.34
C MET F 186 11.97 -19.35 -24.03
N GLY F 187 10.85 -19.50 -24.74
CA GLY F 187 10.22 -18.29 -25.31
C GLY F 187 9.67 -17.39 -24.19
N VAL F 188 9.01 -17.99 -23.20
CA VAL F 188 8.57 -17.19 -22.04
C VAL F 188 9.74 -16.59 -21.30
N ALA F 189 10.83 -17.34 -21.15
CA ALA F 189 12.02 -16.80 -20.51
C ALA F 189 12.62 -15.63 -21.30
N LYS F 190 12.59 -15.72 -22.64
CA LYS F 190 13.07 -14.61 -23.49
C LYS F 190 12.16 -13.41 -23.46
N ALA F 191 10.85 -13.63 -23.37
CA ALA F 191 9.99 -12.44 -23.22
C ALA F 191 10.35 -11.72 -21.92
N SER F 192 10.52 -12.48 -20.82
CA SER F 192 10.96 -11.98 -19.50
C SER F 192 12.29 -11.22 -19.64
N LEU F 193 13.25 -11.80 -20.35
CA LEU F 193 14.56 -11.15 -20.52
C LEU F 193 14.45 -9.86 -21.31
N GLU F 194 13.57 -9.84 -22.30
CA GLU F 194 13.45 -8.61 -23.14
C GLU F 194 12.81 -7.47 -22.32
N ALA F 195 11.84 -7.84 -21.47
CA ALA F 195 11.27 -6.85 -20.54
C ALA F 195 12.29 -6.44 -19.48
N ASN F 196 13.11 -7.39 -19.02
CA ASN F 196 14.22 -7.10 -18.09
C ASN F 196 15.16 -6.01 -18.68
N VAL F 197 15.59 -6.20 -19.92
CA VAL F 197 16.33 -5.17 -20.64
C VAL F 197 15.65 -3.78 -20.56
N LYS F 198 14.37 -3.67 -20.89
CA LYS F 198 13.72 -2.35 -20.83
C LYS F 198 13.67 -1.77 -19.43
N TYR F 199 13.38 -2.60 -18.42
CA TYR F 199 13.35 -2.07 -17.07
C TYR F 199 14.71 -1.65 -16.57
N LEU F 200 15.73 -2.43 -16.93
CA LEU F 200 17.09 -2.06 -16.51
C LEU F 200 17.47 -0.78 -17.26
N ALA F 201 17.09 -0.69 -18.54
CA ALA F 201 17.43 0.56 -19.29
C ALA F 201 16.85 1.77 -18.56
N LEU F 202 15.58 1.71 -18.17
CA LEU F 202 14.94 2.84 -17.45
C LEU F 202 15.68 3.10 -16.14
N ASP F 203 15.93 2.03 -15.38
CA ASP F 203 16.53 2.23 -14.03
C ASP F 203 17.96 2.81 -14.09
N LEU F 204 18.75 2.27 -15.01
CA LEU F 204 20.22 2.54 -15.04
C LEU F 204 20.60 3.66 -16.02
N GLY F 205 19.63 4.12 -16.79
CA GLY F 205 19.93 5.22 -17.74
C GLY F 205 20.47 6.50 -17.11
N PRO F 206 19.93 6.86 -15.93
CA PRO F 206 20.43 8.07 -15.28
C PRO F 206 21.85 7.88 -14.78
N ASP F 207 22.35 6.64 -14.74
CA ASP F 207 23.77 6.36 -14.44
C ASP F 207 24.62 6.26 -15.71
N ASN F 208 24.01 6.62 -16.84
CA ASN F 208 24.64 6.52 -18.15
C ASN F 208 25.04 5.08 -18.54
N ILE F 209 24.30 4.11 -18.01
CA ILE F 209 24.46 2.73 -18.45
C ILE F 209 23.32 2.37 -19.39
N ARG F 210 23.65 1.94 -20.62
CA ARG F 210 22.64 1.57 -21.61
C ARG F 210 22.52 0.05 -21.52
N VAL F 211 21.32 -0.44 -21.81
CA VAL F 211 21.06 -1.88 -21.73
C VAL F 211 20.21 -2.21 -22.93
N ASN F 212 20.64 -3.19 -23.71
CA ASN F 212 20.02 -3.50 -24.98
C ASN F 212 20.07 -5.02 -25.20
N ALA F 213 19.33 -5.50 -26.19
CA ALA F 213 19.36 -6.92 -26.56
C ALA F 213 19.75 -7.06 -28.02
N ILE F 214 20.38 -8.19 -28.34
CA ILE F 214 20.46 -8.63 -29.73
C ILE F 214 19.60 -9.89 -29.87
N SER F 215 18.68 -9.81 -30.82
CA SER F 215 17.81 -10.95 -31.13
C SER F 215 18.49 -11.66 -32.31
N ALA F 216 19.26 -12.70 -31.97
CA ALA F 216 20.00 -13.44 -32.98
C ALA F 216 19.09 -14.44 -33.71
N GLY F 217 19.32 -14.62 -35.02
CA GLY F 217 18.72 -15.70 -35.80
C GLY F 217 19.34 -17.02 -35.34
N PRO F 218 18.79 -18.16 -35.81
CA PRO F 218 19.29 -19.45 -35.33
C PRO F 218 20.70 -19.71 -35.80
N ILE F 219 21.49 -20.28 -34.89
CA ILE F 219 22.91 -20.53 -35.18
C ILE F 219 23.22 -21.90 -34.54
N ARG F 220 23.91 -22.78 -35.26
CA ARG F 220 24.27 -24.09 -34.71
C ARG F 220 25.26 -23.95 -33.53
N THR F 221 24.79 -24.19 -32.32
CA THR F 221 25.64 -24.11 -31.12
C THR F 221 25.33 -25.32 -30.25
N LEU F 222 26.07 -25.51 -29.16
CA LEU F 222 25.72 -26.59 -28.25
C LEU F 222 24.27 -26.51 -27.72
N SER F 223 23.83 -25.29 -27.39
CA SER F 223 22.49 -25.10 -26.84
C SER F 223 21.41 -25.32 -27.90
N ALA F 224 21.68 -25.05 -29.18
CA ALA F 224 20.67 -25.38 -30.18
C ALA F 224 20.31 -26.87 -30.20
N LYS F 225 21.18 -27.75 -29.71
CA LYS F 225 20.78 -29.17 -29.69
C LYS F 225 19.51 -29.33 -28.88
N GLY F 226 19.29 -28.40 -27.96
CA GLY F 226 18.15 -28.50 -27.07
C GLY F 226 16.83 -28.25 -27.77
N VAL F 227 16.87 -27.50 -28.87
CA VAL F 227 15.63 -27.06 -29.50
C VAL F 227 15.11 -28.07 -30.55
N GLY F 228 13.91 -28.60 -30.36
CA GLY F 228 13.33 -29.50 -31.36
C GLY F 228 13.16 -28.82 -32.72
N GLY F 229 13.38 -29.56 -33.81
CA GLY F 229 13.15 -28.99 -35.15
C GLY F 229 14.13 -27.90 -35.56
N PHE F 230 15.25 -27.83 -34.85
CA PHE F 230 16.21 -26.78 -35.14
C PHE F 230 16.61 -26.72 -36.62
N ASN F 231 16.85 -27.87 -37.26
CA ASN F 231 17.18 -27.88 -38.69
C ASN F 231 16.09 -27.33 -39.58
N THR F 232 14.82 -27.55 -39.23
CA THR F 232 13.82 -26.95 -40.09
C THR F 232 13.72 -25.44 -39.83
N ILE F 233 14.15 -24.97 -38.66
CA ILE F 233 14.14 -23.53 -38.36
C ILE F 233 15.19 -22.86 -39.21
N LEU F 234 16.39 -23.44 -39.28
CA LEU F 234 17.45 -22.93 -40.16
C LEU F 234 17.02 -22.86 -41.62
N LYS F 235 16.37 -23.92 -42.09
CA LYS F 235 15.96 -24.00 -43.48
C LYS F 235 14.90 -22.96 -43.79
N GLU F 236 14.04 -22.66 -42.81
CA GLU F 236 13.03 -21.63 -43.07
C GLU F 236 13.66 -20.25 -43.30
N ILE F 237 14.73 -19.98 -42.57
CA ILE F 237 15.42 -18.71 -42.69
C ILE F 237 16.00 -18.60 -44.09
N GLU F 238 16.70 -19.64 -44.55
CA GLU F 238 17.23 -19.60 -45.90
C GLU F 238 16.15 -19.38 -46.96
N GLU F 239 15.03 -20.08 -46.84
CA GLU F 239 13.97 -19.93 -47.83
C GLU F 239 13.20 -18.63 -47.75
N ARG F 240 13.01 -18.09 -46.55
CA ARG F 240 11.99 -17.05 -46.36
C ARG F 240 12.49 -15.68 -45.89
N ALA F 241 13.64 -15.64 -45.21
CA ALA F 241 14.14 -14.36 -44.69
C ALA F 241 14.60 -13.47 -45.85
N PRO F 242 14.41 -12.14 -45.72
CA PRO F 242 14.84 -11.19 -46.74
C PRO F 242 16.24 -11.46 -47.31
N LEU F 243 17.24 -11.80 -46.49
CA LEU F 243 18.58 -12.04 -47.06
C LEU F 243 18.75 -13.44 -47.63
N LYS F 244 17.77 -14.30 -47.40
CA LYS F 244 17.85 -15.67 -47.93
C LYS F 244 19.10 -16.43 -47.51
N ARG F 245 19.52 -16.25 -46.26
CA ARG F 245 20.68 -16.95 -45.72
C ARG F 245 20.60 -16.86 -44.21
N ASN F 246 21.38 -17.70 -43.53
CA ASN F 246 21.40 -17.66 -42.07
C ASN F 246 22.53 -16.73 -41.63
N VAL F 247 22.53 -16.31 -40.37
CA VAL F 247 23.57 -15.39 -39.87
C VAL F 247 24.56 -16.24 -39.11
N ASP F 248 25.69 -15.65 -38.73
CA ASP F 248 26.60 -16.41 -37.88
C ASP F 248 27.04 -15.64 -36.65
N GLN F 249 27.88 -16.28 -35.85
CA GLN F 249 28.23 -15.70 -34.57
C GLN F 249 28.94 -14.34 -34.70
N VAL F 250 29.83 -14.22 -35.69
CA VAL F 250 30.58 -13.00 -35.90
C VAL F 250 29.63 -11.87 -36.28
N GLU F 251 28.55 -12.16 -37.01
CA GLU F 251 27.61 -11.07 -37.30
C GLU F 251 26.94 -10.58 -36.04
N VAL F 252 26.66 -11.50 -35.12
CA VAL F 252 26.17 -11.07 -33.81
C VAL F 252 27.21 -10.23 -33.13
N GLY F 253 28.47 -10.72 -33.15
CA GLY F 253 29.57 -9.94 -32.59
C GLY F 253 29.75 -8.54 -33.14
N LYS F 254 29.56 -8.34 -34.46
CA LYS F 254 29.64 -6.99 -34.98
C LYS F 254 28.53 -6.04 -34.48
N THR F 255 27.30 -6.51 -34.41
CA THR F 255 26.28 -5.70 -33.77
C THR F 255 26.55 -5.50 -32.26
N ALA F 256 27.14 -6.49 -31.59
CA ALA F 256 27.55 -6.29 -30.21
C ALA F 256 28.56 -5.16 -30.09
N ALA F 257 29.56 -5.14 -30.98
CA ALA F 257 30.56 -4.08 -30.97
C ALA F 257 29.88 -2.72 -31.10
N TYR F 258 28.89 -2.61 -31.97
CA TYR F 258 28.16 -1.33 -32.09
C TYR F 258 27.48 -0.98 -30.77
N LEU F 259 26.75 -1.95 -30.20
CA LEU F 259 25.97 -1.71 -28.97
C LEU F 259 26.88 -1.40 -27.76
N LEU F 260 28.06 -2.00 -27.76
CA LEU F 260 28.94 -1.86 -26.57
C LEU F 260 29.79 -0.60 -26.65
N SER F 261 29.81 0.03 -27.84
CA SER F 261 30.69 1.19 -28.04
C SER F 261 29.89 2.48 -28.07
N ASP F 262 30.62 3.60 -28.20
CA ASP F 262 30.01 4.92 -28.26
C ASP F 262 29.24 5.12 -29.57
N LEU F 263 29.38 4.23 -30.55
CA LEU F 263 28.58 4.40 -31.77
C LEU F 263 27.08 4.33 -31.50
N SER F 264 26.67 3.63 -30.45
CA SER F 264 25.24 3.55 -30.14
C SER F 264 24.87 4.40 -28.95
N SER F 265 25.57 5.51 -28.79
N SER F 265 25.53 5.53 -28.70
CA SER F 265 25.15 6.50 -27.80
CA SER F 265 25.34 6.24 -27.41
C SER F 265 23.76 6.93 -28.22
C SER F 265 23.87 6.68 -27.19
N GLY F 266 22.88 7.10 -27.23
N GLY F 266 23.12 6.83 -28.28
CA GLY F 266 21.48 7.39 -27.53
CA GLY F 266 21.75 7.31 -28.18
C GLY F 266 20.60 6.17 -27.75
C GLY F 266 20.72 6.22 -27.90
N VAL F 267 21.16 4.97 -27.76
CA VAL F 267 20.33 3.77 -28.01
C VAL F 267 20.28 2.97 -26.71
N THR F 268 19.10 2.86 -26.12
CA THR F 268 18.95 2.02 -24.92
C THR F 268 17.53 1.44 -24.89
N GLY F 269 17.37 0.29 -24.23
CA GLY F 269 16.10 -0.40 -24.22
C GLY F 269 15.70 -0.99 -25.56
N GLU F 270 16.67 -1.14 -26.48
CA GLU F 270 16.39 -1.58 -27.83
C GLU F 270 16.67 -3.07 -28.00
N ASN F 271 16.07 -3.65 -29.04
CA ASN F 271 16.29 -5.08 -29.35
C ASN F 271 16.64 -5.11 -30.85
N ILE F 272 17.90 -5.37 -31.21
CA ILE F 272 18.30 -5.29 -32.63
C ILE F 272 18.32 -6.71 -33.16
N HIS F 273 17.52 -6.97 -34.20
CA HIS F 273 17.44 -8.31 -34.77
C HIS F 273 18.61 -8.52 -35.77
N VAL F 274 19.46 -9.50 -35.48
CA VAL F 274 20.55 -9.89 -36.36
C VAL F 274 20.10 -11.24 -36.90
N ASP F 275 19.20 -11.20 -37.88
CA ASP F 275 18.48 -12.45 -38.22
C ASP F 275 18.11 -12.51 -39.70
N SER F 276 18.85 -11.77 -40.54
CA SER F 276 18.59 -11.75 -41.98
C SER F 276 17.27 -11.10 -42.35
N GLY F 277 16.70 -10.34 -41.42
CA GLY F 277 15.37 -9.73 -41.68
C GLY F 277 14.16 -10.59 -41.37
N PHE F 278 14.36 -11.80 -40.85
CA PHE F 278 13.24 -12.71 -40.59
C PHE F 278 12.16 -12.11 -39.67
N HIS F 279 12.53 -11.30 -38.72
CA HIS F 279 11.56 -10.70 -37.78
C HIS F 279 10.54 -9.82 -38.52
N ALA F 280 10.88 -9.34 -39.74
CA ALA F 280 10.06 -8.30 -40.39
C ALA F 280 9.03 -8.88 -41.35
N ILE F 281 9.01 -10.20 -41.51
CA ILE F 281 8.22 -10.83 -42.55
C ILE F 281 7.22 -11.79 -41.90
N LYS F 282 6.15 -12.09 -42.63
CA LYS F 282 5.24 -13.16 -42.26
C LYS F 282 4.81 -13.82 -43.56
N ASN G 29 35.52 1.96 -40.46
CA ASN G 29 36.31 2.56 -41.57
C ASN G 29 35.63 2.47 -42.94
N LEU G 30 35.35 3.64 -43.52
CA LEU G 30 34.55 3.66 -44.73
C LEU G 30 35.34 4.20 -45.91
N GLU G 31 36.66 4.07 -45.88
CA GLU G 31 37.45 4.57 -47.00
C GLU G 31 37.07 3.64 -48.14
N ASN G 32 36.99 4.21 -49.33
CA ASN G 32 36.60 3.45 -50.51
C ASN G 32 35.11 3.14 -50.58
N LYS G 33 34.32 3.63 -49.61
CA LYS G 33 32.87 3.64 -49.75
C LYS G 33 32.35 4.96 -50.29
N THR G 34 31.16 4.94 -50.87
CA THR G 34 30.53 6.13 -51.40
C THR G 34 29.06 6.04 -51.02
N TYR G 35 28.55 7.10 -50.39
CA TYR G 35 27.16 7.18 -49.97
C TYR G 35 26.48 8.42 -50.53
N VAL G 36 25.21 8.26 -50.93
CA VAL G 36 24.39 9.38 -51.35
C VAL G 36 23.55 9.82 -50.12
N ILE G 37 23.63 11.09 -49.74
CA ILE G 37 22.93 11.62 -48.56
C ILE G 37 21.89 12.59 -49.09
N MET G 38 20.61 12.25 -48.92
CA MET G 38 19.50 13.05 -49.45
C MET G 38 18.83 13.81 -48.31
N GLY G 39 18.72 15.14 -48.41
CA GLY G 39 17.98 15.92 -47.41
C GLY G 39 18.73 16.85 -46.45
N ILE G 40 19.96 17.25 -46.76
CA ILE G 40 20.56 18.39 -46.07
C ILE G 40 19.94 19.70 -46.55
N ALA G 41 19.38 20.48 -45.62
CA ALA G 41 18.98 21.88 -45.87
C ALA G 41 19.91 22.90 -45.19
N ASN G 42 20.43 22.55 -44.00
CA ASN G 42 21.30 23.50 -43.29
C ASN G 42 22.14 22.77 -42.23
N LYS G 43 22.88 23.52 -41.41
CA LYS G 43 23.78 22.91 -40.44
C LYS G 43 23.04 22.13 -39.34
N ARG G 44 21.72 22.32 -39.18
CA ARG G 44 20.96 21.58 -38.17
CA ARG G 44 21.00 21.55 -38.17
C ARG G 44 20.31 20.30 -38.73
N SER G 45 20.33 20.12 -40.05
CA SER G 45 19.70 18.94 -40.61
C SER G 45 20.29 17.67 -39.99
N ILE G 46 19.40 16.71 -39.74
CA ILE G 46 19.83 15.37 -39.31
C ILE G 46 20.84 14.80 -40.34
N ALA G 47 20.54 14.98 -41.62
CA ALA G 47 21.41 14.47 -42.70
C ALA G 47 22.80 15.09 -42.61
N PHE G 48 22.91 16.29 -42.07
CA PHE G 48 24.27 16.84 -41.87
C PHE G 48 25.05 16.17 -40.73
N GLY G 49 24.39 15.79 -39.63
CA GLY G 49 25.06 14.95 -38.64
C GLY G 49 25.54 13.66 -39.25
N VAL G 50 24.73 13.05 -40.12
CA VAL G 50 25.15 11.84 -40.82
C VAL G 50 26.39 12.12 -41.69
N ALA G 51 26.32 13.19 -42.48
CA ALA G 51 27.44 13.56 -43.31
C ALA G 51 28.73 13.73 -42.52
N LYS G 52 28.69 14.42 -41.37
CA LYS G 52 29.91 14.65 -40.59
C LYS G 52 30.52 13.34 -40.14
N VAL G 53 29.66 12.40 -39.77
CA VAL G 53 30.18 11.14 -39.21
C VAL G 53 30.82 10.31 -40.32
N LEU G 54 30.10 10.17 -41.44
CA LEU G 54 30.59 9.37 -42.56
C LEU G 54 31.86 9.97 -43.11
N ASP G 55 31.87 11.29 -43.28
CA ASP G 55 33.01 12.03 -43.78
C ASP G 55 34.23 11.74 -42.91
N GLN G 56 33.99 11.79 -41.60
CA GLN G 56 35.09 11.61 -40.65
C GLN G 56 35.59 10.16 -40.69
N LEU G 57 34.74 9.25 -41.17
CA LEU G 57 35.11 7.85 -41.27
C LEU G 57 35.73 7.50 -42.62
N GLY G 58 35.87 8.47 -43.51
CA GLY G 58 36.67 8.28 -44.73
C GLY G 58 35.84 8.10 -45.99
N ALA G 59 34.51 8.12 -45.88
CA ALA G 59 33.63 7.89 -47.03
C ALA G 59 33.69 9.03 -48.04
N LYS G 60 33.41 8.72 -49.30
CA LYS G 60 33.13 9.73 -50.31
C LYS G 60 31.61 9.94 -50.25
N LEU G 61 31.18 11.20 -50.34
CA LEU G 61 29.78 11.57 -50.18
C LEU G 61 29.28 12.42 -51.35
N VAL G 62 28.05 12.10 -51.74
CA VAL G 62 27.32 12.76 -52.81
C VAL G 62 26.08 13.28 -52.08
N PHE G 63 25.65 14.49 -52.39
CA PHE G 63 24.51 15.13 -51.74
C PHE G 63 23.41 15.49 -52.71
N THR G 64 22.17 15.24 -52.32
CA THR G 64 21.05 15.69 -53.14
C THR G 64 20.23 16.71 -52.35
N TYR G 65 19.63 17.68 -53.07
CA TYR G 65 18.90 18.78 -52.41
C TYR G 65 17.68 19.12 -53.27
N ARG G 66 16.69 19.81 -52.70
CA ARG G 66 15.58 20.29 -53.52
C ARG G 66 15.76 21.77 -53.82
N LYS G 67 15.75 22.60 -52.78
CA LYS G 67 15.72 24.08 -52.99
C LYS G 67 17.11 24.60 -53.32
N GLU G 68 17.16 25.64 -54.12
CA GLU G 68 18.43 26.29 -54.37
C GLU G 68 19.08 26.71 -53.06
N ARG G 69 18.30 27.17 -52.09
CA ARG G 69 18.90 27.61 -50.82
C ARG G 69 19.67 26.48 -50.14
N SER G 70 19.15 25.27 -50.27
CA SER G 70 19.81 24.12 -49.68
C SER G 70 21.15 23.83 -50.38
N ARG G 71 21.22 24.05 -51.69
CA ARG G 71 22.50 23.84 -52.38
CA ARG G 71 22.48 23.85 -52.39
C ARG G 71 23.51 24.87 -51.88
N LYS G 72 23.09 26.13 -51.79
CA LYS G 72 23.95 27.16 -51.22
C LYS G 72 24.44 26.80 -49.81
N GLU G 73 23.57 26.22 -49.00
CA GLU G 73 24.01 25.81 -47.68
C GLU G 73 24.98 24.59 -47.70
N LEU G 74 24.73 23.64 -48.59
CA LEU G 74 25.68 22.54 -48.82
C LEU G 74 27.06 23.07 -49.21
N GLU G 75 27.10 24.05 -50.12
CA GLU G 75 28.38 24.56 -50.58
C GLU G 75 29.16 25.12 -49.39
N LYS G 76 28.50 25.87 -48.51
CA LYS G 76 29.18 26.37 -47.32
C LYS G 76 29.55 25.25 -46.31
N LEU G 77 28.65 24.28 -46.12
CA LEU G 77 28.90 23.22 -45.13
C LEU G 77 30.02 22.25 -45.57
N LEU G 78 30.17 22.05 -46.87
CA LEU G 78 31.29 21.28 -47.42
C LEU G 78 32.70 21.78 -47.04
N GLU G 79 32.84 23.07 -46.78
CA GLU G 79 34.11 23.58 -46.26
C GLU G 79 34.47 23.02 -44.89
N GLN G 80 33.48 22.53 -44.14
CA GLN G 80 33.76 21.80 -42.89
C GLN G 80 34.10 20.32 -43.05
N LEU G 81 33.82 19.74 -44.21
CA LEU G 81 34.06 18.31 -44.39
C LEU G 81 35.42 18.14 -45.04
N ASN G 82 35.83 16.89 -45.19
CA ASN G 82 37.07 16.53 -45.85
C ASN G 82 36.83 16.01 -47.25
N GLN G 83 35.73 16.38 -47.88
CA GLN G 83 35.44 15.90 -49.22
C GLN G 83 36.27 16.71 -50.21
N PRO G 84 37.12 16.04 -51.02
CA PRO G 84 37.94 16.83 -51.91
C PRO G 84 37.15 17.33 -53.10
N GLU G 85 35.95 16.79 -53.32
CA GLU G 85 35.13 17.23 -54.43
C GLU G 85 33.70 17.41 -53.97
N ALA G 86 33.06 18.46 -54.49
CA ALA G 86 31.64 18.73 -54.28
C ALA G 86 30.79 17.92 -55.24
N HIS G 87 30.04 16.93 -54.77
CA HIS G 87 29.14 16.24 -55.68
C HIS G 87 27.70 16.56 -55.31
N LEU G 88 27.07 17.54 -55.98
CA LEU G 88 25.74 18.02 -55.55
C LEU G 88 24.70 17.87 -56.65
N TYR G 89 23.55 17.31 -56.31
CA TYR G 89 22.56 17.04 -57.35
C TYR G 89 21.21 17.52 -56.86
N GLN G 90 20.47 18.14 -57.76
CA GLN G 90 19.18 18.66 -57.37
C GLN G 90 18.21 17.53 -57.67
N ILE G 91 17.56 17.01 -56.65
CA ILE G 91 16.55 15.98 -56.86
C ILE G 91 15.33 16.34 -56.04
N ASP G 92 14.27 16.72 -56.73
CA ASP G 92 12.97 16.82 -56.06
C ASP G 92 12.29 15.45 -56.14
N VAL G 93 12.05 14.78 -55.01
CA VAL G 93 11.56 13.39 -55.03
C VAL G 93 10.09 13.29 -55.45
N GLN G 94 9.40 14.42 -55.61
CA GLN G 94 8.11 14.42 -56.31
C GLN G 94 8.15 14.08 -57.79
N SER G 95 9.33 14.18 -58.40
CA SER G 95 9.45 14.03 -59.86
C SER G 95 10.15 12.70 -60.16
N ASP G 96 9.45 11.79 -60.80
CA ASP G 96 10.13 10.57 -61.23
C ASP G 96 11.38 10.90 -62.07
N GLU G 97 11.26 11.84 -63.02
CA GLU G 97 12.38 12.05 -63.92
CA GLU G 97 12.33 12.22 -63.94
C GLU G 97 13.56 12.63 -63.14
N GLU G 98 13.34 13.45 -62.12
CA GLU G 98 14.49 13.97 -61.38
C GLU G 98 15.19 12.90 -60.55
N VAL G 99 14.43 11.96 -59.99
CA VAL G 99 15.05 10.86 -59.25
C VAL G 99 15.78 9.96 -60.25
N ILE G 100 15.10 9.62 -61.36
CA ILE G 100 15.71 8.73 -62.34
C ILE G 100 17.00 9.34 -62.89
N ASN G 101 16.90 10.57 -63.37
CA ASN G 101 18.06 11.20 -63.99
C ASN G 101 19.17 11.57 -62.99
N GLY G 102 18.78 11.96 -61.79
CA GLY G 102 19.73 12.25 -60.72
C GLY G 102 20.63 11.08 -60.36
N PHE G 103 20.04 9.93 -60.06
CA PHE G 103 20.84 8.73 -59.79
C PHE G 103 21.64 8.28 -61.00
N GLU G 104 21.05 8.36 -62.18
CA GLU G 104 21.79 8.02 -63.40
C GLU G 104 23.00 8.97 -63.59
N GLN G 105 22.83 10.26 -63.34
CA GLN G 105 23.98 11.17 -63.34
C GLN G 105 25.01 10.87 -62.23
N ILE G 106 24.56 10.60 -61.01
CA ILE G 106 25.47 10.18 -59.94
C ILE G 106 26.32 8.95 -60.34
N GLY G 107 25.67 7.95 -60.92
CA GLY G 107 26.41 6.77 -61.40
C GLY G 107 27.44 7.12 -62.46
N LYS G 108 27.14 8.14 -63.28
CA LYS G 108 28.07 8.52 -64.34
C LYS G 108 29.26 9.26 -63.75
N ASP G 109 28.98 10.08 -62.75
CA ASP G 109 29.98 10.94 -62.13
C ASP G 109 30.87 10.20 -61.14
N VAL G 110 30.30 9.33 -60.31
CA VAL G 110 31.10 8.70 -59.27
C VAL G 110 31.16 7.17 -59.34
N GLY G 111 30.40 6.57 -60.26
CA GLY G 111 30.34 5.11 -60.34
C GLY G 111 29.39 4.51 -59.30
N ASN G 112 29.63 3.26 -58.95
CA ASN G 112 28.75 2.51 -58.06
C ASN G 112 28.85 3.01 -56.63
N ILE G 113 27.76 2.90 -55.89
CA ILE G 113 27.71 3.43 -54.54
C ILE G 113 27.43 2.28 -53.58
N ASP G 114 27.59 2.55 -52.29
CA ASP G 114 27.46 1.53 -51.29
C ASP G 114 26.17 1.74 -50.47
N GLY G 115 25.58 2.92 -50.56
CA GLY G 115 24.34 3.15 -49.81
C GLY G 115 23.72 4.52 -50.06
N VAL G 116 22.53 4.72 -49.49
CA VAL G 116 21.79 5.97 -49.55
C VAL G 116 21.27 6.22 -48.13
N TYR G 117 21.46 7.44 -47.65
CA TYR G 117 20.80 7.87 -46.44
C TYR G 117 19.64 8.80 -46.90
N HIS G 118 18.41 8.45 -46.51
CA HIS G 118 17.22 9.18 -46.92
C HIS G 118 16.72 9.99 -45.73
N SER G 119 16.75 11.32 -45.86
CA SER G 119 16.41 12.19 -44.74
C SER G 119 15.39 13.23 -45.23
N ILE G 120 14.28 12.73 -45.76
CA ILE G 120 13.41 13.62 -46.50
C ILE G 120 11.97 13.44 -46.04
N ALA G 121 11.30 14.50 -45.59
CA ALA G 121 9.86 14.44 -45.36
C ALA G 121 9.30 15.83 -45.60
N PHE G 122 7.99 15.88 -45.79
CA PHE G 122 7.33 17.18 -45.92
C PHE G 122 5.86 17.01 -45.56
N ALA G 123 5.30 18.00 -44.88
CA ALA G 123 3.84 18.13 -44.76
C ALA G 123 3.54 19.61 -44.65
N ASN G 124 2.38 20.03 -45.15
CA ASN G 124 1.95 21.42 -44.99
C ASN G 124 1.77 21.74 -43.52
N MET G 125 2.05 22.97 -43.10
N MET G 125 2.15 22.95 -43.17
CA MET G 125 2.04 23.26 -41.66
CA MET G 125 1.69 23.61 -41.96
C MET G 125 0.71 23.10 -40.94
C MET G 125 0.17 23.49 -41.85
N GLU G 126 -0.39 23.29 -41.66
N GLU G 126 -0.53 23.69 -42.97
CA GLU G 126 -1.69 23.17 -40.99
CA GLU G 126 -1.98 23.71 -43.00
C GLU G 126 -2.03 21.71 -40.68
C GLU G 126 -2.63 22.44 -42.49
N ASP G 127 -1.21 20.77 -41.16
N ASP G 127 -2.06 21.31 -42.90
CA ASP G 127 -1.44 19.35 -40.91
CA ASP G 127 -2.54 20.01 -42.43
C ASP G 127 -0.51 18.81 -39.79
C ASP G 127 -1.97 19.69 -41.06
N LEU G 128 0.14 19.72 -39.07
N LEU G 128 -0.70 20.00 -40.83
CA LEU G 128 1.10 19.35 -38.00
CA LEU G 128 -0.08 19.64 -39.55
C LEU G 128 0.71 19.98 -36.66
C LEU G 128 -0.70 20.42 -38.38
N ARG G 129 -0.60 20.22 -36.54
N ARG G 129 -0.96 21.70 -38.58
CA ARG G 129 -1.26 20.78 -35.36
CA ARG G 129 -1.60 22.51 -37.56
C ARG G 129 -2.77 20.65 -35.51
C ARG G 129 -3.11 22.57 -37.85
N GLY G 130 -3.54 21.00 -34.48
N GLY G 130 -3.73 21.40 -37.69
CA GLY G 130 -4.99 20.88 -34.47
CA GLY G 130 -5.14 21.18 -37.93
C GLY G 130 -5.45 19.44 -34.72
C GLY G 130 -5.46 19.88 -37.21
N ARG G 131 -6.62 19.30 -35.34
N ARG G 131 -6.71 19.65 -36.83
CA ARG G 131 -7.36 18.02 -35.38
CA ARG G 131 -7.09 18.41 -36.11
C ARG G 131 -7.01 17.23 -36.67
C ARG G 131 -6.72 17.24 -37.01
N PHE G 132 -6.39 16.05 -36.49
CA PHE G 132 -6.09 15.09 -37.55
C PHE G 132 -7.27 14.77 -38.45
N SER G 133 -8.48 14.69 -37.90
CA SER G 133 -9.60 14.28 -38.74
C SER G 133 -9.96 15.36 -39.76
N GLU G 134 -9.39 16.55 -39.61
CA GLU G 134 -9.65 17.61 -40.62
C GLU G 134 -8.61 17.66 -41.75
N THR G 135 -7.70 16.68 -41.78
CA THR G 135 -6.68 16.62 -42.81
C THR G 135 -7.32 16.54 -44.22
N SER G 136 -6.84 17.40 -45.14
CA SER G 136 -7.29 17.35 -46.51
C SER G 136 -6.67 16.17 -47.28
N ARG G 137 -7.40 15.65 -48.26
CA ARG G 137 -6.83 14.59 -49.12
C ARG G 137 -5.50 15.03 -49.79
N GLU G 138 -5.45 16.26 -50.28
CA GLU G 138 -4.27 16.74 -50.99
C GLU G 138 -3.11 16.78 -50.00
N GLY G 139 -3.36 17.21 -48.76
CA GLY G 139 -2.27 17.27 -47.77
C GLY G 139 -1.82 15.87 -47.34
N PHE G 140 -2.77 14.96 -47.23
CA PHE G 140 -2.44 13.61 -46.80
C PHE G 140 -1.59 12.95 -47.88
N LEU G 141 -1.96 13.11 -49.15
CA LEU G 141 -1.23 12.45 -50.25
C LEU G 141 0.12 13.11 -50.51
N LEU G 142 0.19 14.42 -50.29
CA LEU G 142 1.45 15.16 -50.38
C LEU G 142 2.49 14.54 -49.42
N ALA G 143 2.09 14.37 -48.16
CA ALA G 143 2.97 13.83 -47.15
C ALA G 143 3.39 12.39 -47.50
N GLN G 144 2.42 11.57 -47.96
CA GLN G 144 2.77 10.21 -48.37
C GLN G 144 3.80 10.21 -49.54
N ASP G 145 3.57 11.07 -50.53
CA ASP G 145 4.36 11.13 -51.74
C ASP G 145 5.82 11.44 -51.38
N ILE G 146 6.02 12.53 -50.64
CA ILE G 146 7.38 13.01 -50.37
C ILE G 146 8.05 12.17 -49.28
N SER G 147 7.26 11.74 -48.28
CA SER G 147 7.87 11.18 -47.06
C SER G 147 7.96 9.66 -47.10
N SER G 148 7.20 9.03 -48.01
CA SER G 148 7.17 7.55 -48.04
C SER G 148 7.50 7.04 -49.44
N TYR G 149 6.67 7.39 -50.41
CA TYR G 149 6.86 6.86 -51.74
C TYR G 149 8.28 7.19 -52.23
N SER G 150 8.80 8.37 -51.92
CA SER G 150 10.16 8.72 -52.38
C SER G 150 11.16 7.62 -52.03
N LEU G 151 11.07 6.96 -50.88
CA LEU G 151 12.01 5.87 -50.58
C LEU G 151 11.94 4.73 -51.60
N THR G 152 10.72 4.35 -52.01
CA THR G 152 10.51 3.29 -53.00
C THR G 152 11.22 3.58 -54.32
N ILE G 153 10.96 4.77 -54.87
CA ILE G 153 11.53 5.03 -56.18
C ILE G 153 13.04 5.26 -56.03
N VAL G 154 13.48 5.91 -54.95
CA VAL G 154 14.90 6.08 -54.70
C VAL G 154 15.57 4.70 -54.64
N ALA G 155 14.99 3.77 -53.89
CA ALA G 155 15.58 2.45 -53.80
C ALA G 155 15.65 1.82 -55.17
N HIS G 156 14.57 1.92 -55.95
CA HIS G 156 14.57 1.35 -57.32
C HIS G 156 15.70 1.87 -58.18
N GLU G 157 15.99 3.17 -58.11
CA GLU G 157 17.01 3.80 -58.96
C GLU G 157 18.40 3.61 -58.36
N ALA G 158 18.49 3.59 -57.03
CA ALA G 158 19.77 3.47 -56.35
C ALA G 158 20.31 2.04 -56.53
N LYS G 159 19.41 1.06 -56.62
CA LYS G 159 19.82 -0.34 -56.70
C LYS G 159 20.64 -0.56 -57.98
N LYS G 160 20.32 0.23 -59.02
CA LYS G 160 21.05 0.17 -60.29
C LYS G 160 22.54 0.46 -60.12
N LEU G 161 22.90 1.18 -59.05
CA LEU G 161 24.28 1.54 -58.71
C LEU G 161 24.87 0.62 -57.62
N MET G 162 24.16 -0.43 -57.26
CA MET G 162 24.65 -1.28 -56.17
C MET G 162 24.62 -2.77 -56.60
N PRO G 163 25.30 -3.09 -57.72
CA PRO G 163 25.21 -4.44 -58.30
C PRO G 163 25.75 -5.50 -57.34
N GLU G 164 26.61 -5.07 -56.43
CA GLU G 164 27.21 -5.96 -55.45
C GLU G 164 26.50 -5.91 -54.10
N GLY G 165 25.44 -5.12 -53.98
CA GLY G 165 24.79 -4.96 -52.68
C GLY G 165 25.11 -3.60 -52.04
N GLY G 166 24.46 -3.32 -50.92
CA GLY G 166 24.49 -1.97 -50.38
C GLY G 166 23.49 -1.84 -49.24
N SER G 167 23.34 -0.62 -48.76
CA SER G 167 22.56 -0.36 -47.55
C SER G 167 21.80 0.97 -47.73
N ILE G 168 20.49 0.96 -47.49
CA ILE G 168 19.64 2.14 -47.62
C ILE G 168 18.98 2.40 -46.25
N VAL G 169 19.06 3.63 -45.75
CA VAL G 169 18.56 3.89 -44.39
C VAL G 169 17.65 5.12 -44.56
N ALA G 170 16.48 5.07 -43.96
CA ALA G 170 15.59 6.23 -43.91
C ALA G 170 15.39 6.68 -42.44
N THR G 171 14.86 7.89 -42.27
CA THR G 171 14.78 8.47 -40.94
C THR G 171 13.31 8.54 -40.58
N THR G 172 12.96 7.98 -39.43
CA THR G 172 11.58 7.99 -39.04
C THR G 172 11.44 8.61 -37.64
N TYR G 173 10.25 8.58 -37.11
CA TYR G 173 9.97 9.11 -35.77
C TYR G 173 8.90 8.20 -35.14
N LEU G 174 8.93 8.10 -33.81
CA LEU G 174 8.00 7.32 -32.95
C LEU G 174 6.54 7.61 -33.21
N GLY G 175 6.25 8.78 -33.79
CA GLY G 175 4.86 9.10 -34.24
C GLY G 175 4.37 8.18 -35.36
N GLY G 176 5.25 7.42 -36.02
CA GLY G 176 4.79 6.39 -37.01
C GLY G 176 4.30 5.13 -36.31
N GLU G 177 4.63 4.98 -35.03
CA GLU G 177 4.31 3.76 -34.24
C GLU G 177 3.17 3.99 -33.26
N PHE G 178 2.97 5.22 -32.81
CA PHE G 178 2.04 5.60 -31.75
C PHE G 178 1.43 6.92 -32.18
N ALA G 179 0.21 7.21 -31.75
CA ALA G 179 -0.36 8.51 -32.07
C ALA G 179 0.25 9.55 -31.15
N VAL G 180 0.98 10.54 -31.70
CA VAL G 180 1.50 11.60 -30.80
C VAL G 180 0.75 12.89 -31.09
N GLN G 181 0.47 13.72 -30.10
CA GLN G 181 -0.25 14.96 -30.38
CA GLN G 181 -0.24 14.98 -30.37
C GLN G 181 0.45 15.75 -31.49
N ASN G 182 -0.34 16.38 -32.35
CA ASN G 182 0.14 17.32 -33.37
C ASN G 182 0.87 16.74 -34.59
N TYR G 183 1.53 15.60 -34.45
CA TYR G 183 2.33 15.09 -35.55
C TYR G 183 1.44 14.63 -36.69
N ASN G 184 0.22 14.19 -36.33
CA ASN G 184 -0.94 14.13 -37.26
C ASN G 184 -0.61 13.47 -38.61
N VAL G 185 -0.70 14.20 -39.73
CA VAL G 185 -0.53 13.55 -41.04
C VAL G 185 0.88 12.90 -41.19
N MET G 186 1.89 13.52 -40.57
CA MET G 186 3.22 12.93 -40.67
C MET G 186 3.37 11.60 -39.89
N GLY G 187 2.56 11.41 -38.84
CA GLY G 187 2.58 10.11 -38.19
C GLY G 187 2.14 9.01 -39.14
N VAL G 188 1.08 9.30 -39.89
CA VAL G 188 0.57 8.31 -40.83
C VAL G 188 1.54 8.13 -42.00
N ALA G 189 2.24 9.19 -42.40
CA ALA G 189 3.29 9.09 -43.42
C ALA G 189 4.51 8.31 -42.90
N LYS G 190 4.85 8.42 -41.62
CA LYS G 190 5.94 7.60 -41.07
C LYS G 190 5.58 6.12 -40.89
N ALA G 191 4.32 5.85 -40.56
CA ALA G 191 3.87 4.44 -40.48
C ALA G 191 4.04 3.81 -41.88
N SER G 192 3.63 4.58 -42.89
CA SER G 192 3.76 4.15 -44.28
C SER G 192 5.26 3.94 -44.63
N LEU G 193 6.12 4.87 -44.20
CA LEU G 193 7.56 4.74 -44.48
C LEU G 193 8.15 3.49 -43.81
N GLU G 194 7.76 3.26 -42.56
CA GLU G 194 8.30 2.13 -41.83
C GLU G 194 7.88 0.81 -42.49
N ALA G 195 6.63 0.70 -42.95
CA ALA G 195 6.24 -0.50 -43.72
C ALA G 195 6.98 -0.57 -45.07
N ASN G 196 7.17 0.59 -45.70
CA ASN G 196 7.91 0.70 -46.97
C ASN G 196 9.34 0.11 -46.77
N VAL G 197 9.97 0.44 -45.63
CA VAL G 197 11.25 -0.14 -45.28
C VAL G 197 11.20 -1.69 -45.21
N LYS G 198 10.17 -2.26 -44.58
CA LYS G 198 10.09 -3.73 -44.48
C LYS G 198 9.89 -4.35 -45.86
N TYR G 199 9.02 -3.74 -46.67
CA TYR G 199 8.72 -4.36 -47.95
C TYR G 199 9.93 -4.27 -48.88
N LEU G 200 10.68 -3.17 -48.76
CA LEU G 200 11.88 -2.98 -49.59
C LEU G 200 12.94 -3.96 -49.11
N ALA G 201 13.01 -4.17 -47.79
CA ALA G 201 13.99 -5.13 -47.26
C ALA G 201 13.74 -6.54 -47.83
N LEU G 202 12.47 -6.95 -47.86
CA LEU G 202 12.10 -8.29 -48.36
C LEU G 202 12.43 -8.35 -49.84
N ASP G 203 12.07 -7.30 -50.57
CA ASP G 203 12.25 -7.35 -52.04
C ASP G 203 13.73 -7.32 -52.48
N LEU G 204 14.51 -6.46 -51.83
CA LEU G 204 15.90 -6.19 -52.20
C LEU G 204 16.91 -7.04 -51.46
N GLY G 205 16.46 -7.80 -50.46
CA GLY G 205 17.36 -8.67 -49.69
C GLY G 205 18.06 -9.72 -50.56
N PRO G 206 17.35 -10.30 -51.55
CA PRO G 206 18.06 -11.24 -52.42
C PRO G 206 19.14 -10.60 -53.29
N ASP G 207 19.11 -9.28 -53.45
CA ASP G 207 20.17 -8.52 -54.14
C ASP G 207 21.28 -8.03 -53.22
N ASN G 208 21.28 -8.52 -51.98
CA ASN G 208 22.21 -8.09 -50.94
C ASN G 208 22.14 -6.57 -50.63
N ILE G 209 20.94 -6.02 -50.75
CA ILE G 209 20.69 -4.65 -50.33
C ILE G 209 19.84 -4.72 -49.08
N ARG G 210 20.38 -4.14 -48.02
CA ARG G 210 19.66 -4.01 -46.75
C ARG G 210 18.97 -2.67 -46.68
N VAL G 211 17.83 -2.68 -46.00
CA VAL G 211 17.02 -1.45 -45.90
C VAL G 211 16.55 -1.38 -44.46
N ASN G 212 16.78 -0.24 -43.81
CA ASN G 212 16.53 -0.09 -42.39
C ASN G 212 16.11 1.34 -42.14
N ALA G 213 15.59 1.57 -40.94
CA ALA G 213 15.24 2.92 -40.52
C ALA G 213 15.92 3.27 -39.21
N ILE G 214 16.12 4.57 -39.00
CA ILE G 214 16.49 5.09 -37.70
C ILE G 214 15.32 5.94 -37.22
N SER G 215 14.84 5.66 -36.01
CA SER G 215 13.73 6.43 -35.46
C SER G 215 14.42 7.42 -34.50
N ALA G 216 14.66 8.63 -34.97
CA ALA G 216 15.34 9.64 -34.19
C ALA G 216 14.41 10.26 -33.17
N GLY G 217 14.92 10.61 -31.99
CA GLY G 217 14.21 11.40 -30.99
C GLY G 217 14.14 12.83 -31.54
N PRO G 218 13.36 13.70 -30.86
CA PRO G 218 13.17 15.08 -31.39
C PRO G 218 14.50 15.85 -31.34
N ILE G 219 14.75 16.63 -32.41
CA ILE G 219 15.98 17.41 -32.56
C ILE G 219 15.59 18.74 -33.20
N ARG G 220 16.10 19.86 -32.69
CA ARG G 220 15.76 21.15 -33.23
C ARG G 220 16.33 21.29 -34.64
N THR G 221 15.45 21.32 -35.64
CA THR G 221 15.87 21.46 -37.03
C THR G 221 14.87 22.39 -37.69
N LEU G 222 15.09 22.71 -38.96
CA LEU G 222 14.18 23.62 -39.66
C LEU G 222 12.77 22.99 -39.71
N SER G 223 12.70 21.68 -39.97
CA SER G 223 11.39 21.01 -40.09
C SER G 223 10.70 20.86 -38.74
N ALA G 224 11.45 20.83 -37.64
CA ALA G 224 10.81 20.77 -36.30
C ALA G 224 9.97 22.01 -36.04
N LYS G 225 10.32 23.11 -36.70
CA LYS G 225 9.65 24.39 -36.43
C LYS G 225 8.19 24.29 -36.86
N GLY G 226 7.90 23.37 -37.77
CA GLY G 226 6.51 23.14 -38.09
C GLY G 226 5.67 22.22 -37.22
N VAL G 227 6.28 21.40 -36.37
CA VAL G 227 5.49 20.50 -35.54
C VAL G 227 4.93 21.23 -34.30
N GLY G 228 3.63 21.35 -34.17
CA GLY G 228 3.09 21.94 -32.92
C GLY G 228 3.62 21.32 -31.64
N GLY G 229 3.84 22.14 -30.61
CA GLY G 229 4.17 21.61 -29.30
C GLY G 229 5.57 21.01 -29.26
N PHE G 230 6.38 21.28 -30.27
CA PHE G 230 7.72 20.67 -30.31
C PHE G 230 8.52 20.89 -29.01
N ASN G 231 8.54 22.10 -28.46
CA ASN G 231 9.28 22.33 -27.22
C ASN G 231 8.82 21.44 -26.08
N THR G 232 7.51 21.19 -25.99
CA THR G 232 7.10 20.30 -24.90
C THR G 232 7.47 18.83 -25.16
N ILE G 233 7.65 18.46 -26.43
CA ILE G 233 8.11 17.12 -26.80
C ILE G 233 9.57 16.96 -26.34
N LEU G 234 10.38 17.98 -26.59
CA LEU G 234 11.77 17.93 -26.16
C LEU G 234 11.87 17.78 -24.65
N LYS G 235 11.15 18.65 -23.94
CA LYS G 235 11.16 18.61 -22.49
C LYS G 235 10.76 17.25 -21.93
N GLU G 236 9.82 16.57 -22.58
CA GLU G 236 9.32 15.30 -22.02
C GLU G 236 10.41 14.23 -22.08
N ILE G 237 11.24 14.29 -23.11
CA ILE G 237 12.34 13.35 -23.25
C ILE G 237 13.29 13.56 -22.09
N GLU G 238 13.66 14.81 -21.83
CA GLU G 238 14.63 15.06 -20.77
C GLU G 238 14.10 14.58 -19.41
N GLU G 239 12.81 14.76 -19.18
CA GLU G 239 12.20 14.36 -17.92
C GLU G 239 11.92 12.87 -17.77
N ARG G 240 11.61 12.20 -18.88
CA ARG G 240 11.05 10.85 -18.81
C ARG G 240 11.88 9.76 -19.51
N ALA G 241 12.69 10.10 -20.49
CA ALA G 241 13.37 9.03 -21.21
C ALA G 241 14.47 8.42 -20.32
N PRO G 242 14.77 7.13 -20.51
CA PRO G 242 15.80 6.49 -19.71
C PRO G 242 17.11 7.31 -19.57
N LEU G 243 17.64 7.88 -20.66
CA LEU G 243 18.90 8.63 -20.53
C LEU G 243 18.70 10.05 -19.98
N LYS G 244 17.44 10.46 -19.88
CA LYS G 244 17.15 11.77 -19.27
C LYS G 244 17.88 12.89 -19.98
N ARG G 245 17.97 12.79 -21.30
CA ARG G 245 18.53 13.85 -22.11
C ARG G 245 18.07 13.65 -23.53
N ASN G 246 18.17 14.73 -24.30
CA ASN G 246 17.85 14.64 -25.73
C ASN G 246 19.03 14.11 -26.55
N VAL G 247 18.79 13.62 -27.78
CA VAL G 247 19.89 13.15 -28.60
C VAL G 247 20.26 14.25 -29.60
N ASP G 248 21.33 14.09 -30.36
CA ASP G 248 21.60 15.04 -31.41
C ASP G 248 21.90 14.39 -32.74
N GLN G 249 22.15 15.23 -33.74
CA GLN G 249 22.23 14.78 -35.13
C GLN G 249 23.40 13.82 -35.26
N VAL G 250 24.50 14.14 -34.59
CA VAL G 250 25.68 13.26 -34.67
C VAL G 250 25.41 11.87 -34.09
N GLU G 251 24.54 11.76 -33.07
CA GLU G 251 24.18 10.45 -32.57
C GLU G 251 23.38 9.64 -33.60
N VAL G 252 22.44 10.28 -34.29
CA VAL G 252 21.83 9.68 -35.46
C VAL G 252 22.88 9.27 -36.49
N GLY G 253 23.84 10.15 -36.74
CA GLY G 253 24.88 9.83 -37.72
C GLY G 253 25.73 8.63 -37.35
N LYS G 254 26.04 8.46 -36.07
CA LYS G 254 26.80 7.26 -35.67
C LYS G 254 26.01 5.97 -35.88
N THR G 255 24.72 5.99 -35.59
CA THR G 255 23.92 4.79 -35.87
C THR G 255 23.81 4.59 -37.38
N ALA G 256 23.73 5.67 -38.14
CA ALA G 256 23.77 5.55 -39.61
C ALA G 256 25.03 4.86 -40.11
N ALA G 257 26.19 5.15 -39.49
CA ALA G 257 27.45 4.59 -39.94
C ALA G 257 27.45 3.07 -39.68
N TYR G 258 26.85 2.69 -38.55
CA TYR G 258 26.63 1.28 -38.28
C TYR G 258 25.74 0.66 -39.38
N LEU G 259 24.55 1.24 -39.65
CA LEU G 259 23.59 0.62 -40.56
C LEU G 259 24.13 0.61 -41.99
N LEU G 260 24.94 1.61 -42.34
CA LEU G 260 25.43 1.74 -43.72
C LEU G 260 26.68 0.92 -43.96
N SER G 261 27.28 0.38 -42.90
CA SER G 261 28.53 -0.37 -43.03
C SER G 261 28.33 -1.87 -42.81
N ASP G 262 29.43 -2.62 -42.97
CA ASP G 262 29.45 -4.07 -42.76
C ASP G 262 29.21 -4.42 -41.30
N LEU G 263 29.34 -3.49 -40.35
CA LEU G 263 29.01 -3.85 -38.97
C LEU G 263 27.60 -4.42 -38.81
N SER G 264 26.67 -4.00 -39.66
CA SER G 264 25.28 -4.38 -39.47
C SER G 264 24.91 -5.41 -40.54
N SER G 265 25.87 -6.21 -41.01
N SER G 265 25.90 -6.17 -41.01
CA SER G 265 25.61 -7.06 -42.18
CA SER G 265 25.53 -7.27 -41.89
C SER G 265 24.42 -8.04 -42.03
C SER G 265 24.62 -8.22 -41.12
N GLY G 266 24.09 -8.41 -40.80
N GLY G 266 23.65 -8.77 -41.82
CA GLY G 266 23.00 -9.36 -40.61
CA GLY G 266 22.62 -9.53 -41.14
C GLY G 266 21.66 -8.70 -40.33
C GLY G 266 21.43 -8.71 -40.65
N VAL G 267 21.55 -7.38 -40.56
CA VAL G 267 20.41 -6.57 -40.08
C VAL G 267 19.63 -5.95 -41.24
N THR G 268 18.35 -6.28 -41.39
CA THR G 268 17.58 -5.61 -42.42
C THR G 268 16.12 -5.64 -42.04
N GLY G 269 15.34 -4.69 -42.56
CA GLY G 269 13.96 -4.52 -42.16
C GLY G 269 13.80 -4.01 -40.71
N GLU G 270 14.86 -3.41 -40.15
CA GLU G 270 14.93 -3.08 -38.70
C GLU G 270 14.75 -1.57 -38.51
N ASN G 271 14.26 -1.17 -37.33
CA ASN G 271 14.05 0.25 -37.01
C ASN G 271 14.79 0.47 -35.69
N ILE G 272 15.91 1.18 -35.74
CA ILE G 272 16.71 1.37 -34.54
C ILE G 272 16.34 2.74 -33.93
N HIS G 273 15.83 2.74 -32.71
CA HIS G 273 15.48 4.00 -32.06
C HIS G 273 16.72 4.68 -31.47
N VAL G 274 16.98 5.92 -31.91
CA VAL G 274 18.09 6.71 -31.37
C VAL G 274 17.42 7.86 -30.65
N ASP G 275 16.94 7.55 -29.45
CA ASP G 275 15.95 8.43 -28.81
C ASP G 275 16.07 8.37 -27.30
N SER G 276 17.27 8.06 -26.80
CA SER G 276 17.49 8.02 -25.36
C SER G 276 16.65 6.99 -24.61
N GLY G 277 16.08 6.03 -25.33
CA GLY G 277 15.26 4.96 -24.72
C GLY G 277 13.78 5.29 -24.65
N PHE G 278 13.35 6.46 -25.18
CA PHE G 278 11.98 6.88 -24.93
C PHE G 278 10.99 5.88 -25.53
N HIS G 279 11.33 5.25 -26.66
CA HIS G 279 10.42 4.25 -27.25
C HIS G 279 10.04 3.10 -26.30
N ALA G 280 10.91 2.82 -25.33
CA ALA G 280 10.73 1.61 -24.52
C ALA G 280 9.93 1.86 -23.24
N ILE G 281 9.47 3.08 -23.01
CA ILE G 281 8.85 3.38 -21.72
C ILE G 281 7.43 3.91 -21.98
N LYS G 282 6.58 3.80 -20.96
CA LYS G 282 5.26 4.42 -21.03
C LYS G 282 4.97 4.98 -19.65
N ASN H 29 -27.09 -7.02 -28.03
CA ASN H 29 -28.40 -6.51 -28.57
C ASN H 29 -28.26 -5.11 -29.15
N LEU H 30 -28.44 -4.99 -30.46
CA LEU H 30 -28.25 -3.72 -31.14
C LEU H 30 -29.56 -3.08 -31.62
N GLU H 31 -30.68 -3.41 -31.01
CA GLU H 31 -31.95 -2.82 -31.40
C GLU H 31 -31.85 -1.34 -31.13
N ASN H 32 -32.41 -0.51 -32.00
CA ASN H 32 -32.29 0.94 -31.81
C ASN H 32 -30.89 1.51 -32.03
N LYS H 33 -29.97 0.69 -32.56
CA LYS H 33 -28.73 1.17 -33.13
C LYS H 33 -28.80 1.23 -34.65
N THR H 34 -28.09 2.19 -35.24
CA THR H 34 -27.98 2.30 -36.69
C THR H 34 -26.47 2.35 -37.03
N TYR H 35 -26.06 1.55 -38.02
CA TYR H 35 -24.69 1.47 -38.45
C TYR H 35 -24.63 1.64 -39.97
N VAL H 36 -23.61 2.35 -40.42
CA VAL H 36 -23.37 2.50 -41.85
C VAL H 36 -22.27 1.50 -42.21
N ILE H 37 -22.55 0.62 -43.17
CA ILE H 37 -21.59 -0.39 -43.62
C ILE H 37 -21.12 -0.08 -45.03
N MET H 38 -19.83 0.16 -45.20
CA MET H 38 -19.31 0.64 -46.48
C MET H 38 -18.46 -0.46 -47.11
N GLY H 39 -18.76 -0.85 -48.35
CA GLY H 39 -17.89 -1.84 -48.98
C GLY H 39 -18.43 -3.25 -49.21
N ILE H 40 -19.74 -3.46 -49.24
CA ILE H 40 -20.27 -4.70 -49.84
C ILE H 40 -20.18 -4.68 -51.39
N ALA H 41 -19.56 -5.72 -51.96
CA ALA H 41 -19.51 -5.95 -53.42
C ALA H 41 -20.40 -7.13 -53.79
N ASN H 42 -20.43 -8.16 -52.95
CA ASN H 42 -21.19 -9.38 -53.27
C ASN H 42 -21.32 -10.25 -52.02
N LYS H 43 -21.85 -11.46 -52.17
CA LYS H 43 -22.12 -12.30 -51.00
C LYS H 43 -20.88 -12.75 -50.26
N ARG H 44 -19.70 -12.58 -50.88
CA ARG H 44 -18.46 -12.97 -50.22
C ARG H 44 -17.74 -11.83 -49.50
N SER H 45 -18.25 -10.62 -49.63
CA SER H 45 -17.59 -9.47 -49.00
C SER H 45 -17.52 -9.65 -47.49
N ILE H 46 -16.41 -9.23 -46.92
CA ILE H 46 -16.31 -9.21 -45.47
C ILE H 46 -17.45 -8.38 -44.88
N ALA H 47 -17.75 -7.24 -45.51
CA ALA H 47 -18.80 -6.34 -45.00
C ALA H 47 -20.18 -6.99 -45.01
N PHE H 48 -20.43 -7.95 -45.92
CA PHE H 48 -21.68 -8.71 -45.87
C PHE H 48 -21.74 -9.70 -44.68
N GLY H 49 -20.59 -10.24 -44.25
CA GLY H 49 -20.58 -10.97 -42.98
C GLY H 49 -20.93 -10.06 -41.80
N VAL H 50 -20.36 -8.85 -41.83
CA VAL H 50 -20.66 -7.87 -40.79
C VAL H 50 -22.16 -7.57 -40.81
N ALA H 51 -22.72 -7.35 -42.00
CA ALA H 51 -24.11 -6.99 -42.09
C ALA H 51 -25.00 -8.10 -41.48
N LYS H 52 -24.69 -9.35 -41.78
CA LYS H 52 -25.47 -10.48 -41.32
C LYS H 52 -25.50 -10.51 -39.82
N VAL H 53 -24.34 -10.32 -39.22
CA VAL H 53 -24.27 -10.37 -37.79
C VAL H 53 -25.04 -9.19 -37.18
N LEU H 54 -24.82 -7.97 -37.69
CA LEU H 54 -25.45 -6.80 -37.06
C LEU H 54 -26.97 -6.87 -37.28
N ASP H 55 -27.37 -7.40 -38.44
CA ASP H 55 -28.80 -7.47 -38.76
C ASP H 55 -29.48 -8.41 -37.76
N GLN H 56 -28.78 -9.50 -37.43
CA GLN H 56 -29.36 -10.54 -36.61
C GLN H 56 -29.50 -10.05 -35.19
N LEU H 57 -28.59 -9.16 -34.80
CA LEU H 57 -28.61 -8.55 -33.48
C LEU H 57 -29.58 -7.37 -33.38
N GLY H 58 -30.33 -7.11 -34.45
CA GLY H 58 -31.41 -6.13 -34.41
C GLY H 58 -31.08 -4.71 -34.84
N ALA H 59 -29.87 -4.47 -35.36
CA ALA H 59 -29.42 -3.14 -35.83
C ALA H 59 -30.15 -2.70 -37.10
N LYS H 60 -30.42 -1.40 -37.23
CA LYS H 60 -30.82 -0.83 -38.52
C LYS H 60 -29.54 -0.53 -39.30
N LEU H 61 -29.50 -0.94 -40.56
CA LEU H 61 -28.28 -0.83 -41.37
C LEU H 61 -28.49 0.05 -42.60
N VAL H 62 -27.48 0.88 -42.88
CA VAL H 62 -27.42 1.69 -44.09
C VAL H 62 -26.21 1.21 -44.86
N PHE H 63 -26.25 1.17 -46.18
CA PHE H 63 -25.15 0.56 -46.94
C PHE H 63 -24.60 1.54 -47.97
N THR H 64 -23.29 1.59 -48.14
CA THR H 64 -22.76 2.41 -49.24
C THR H 64 -22.01 1.52 -50.23
N TYR H 65 -22.05 1.90 -51.50
CA TYR H 65 -21.38 1.13 -52.54
C TYR H 65 -20.73 2.08 -53.55
N ARG H 66 -19.77 1.56 -54.31
CA ARG H 66 -19.08 2.40 -55.27
C ARG H 66 -19.78 2.36 -56.63
N LYS H 67 -19.85 1.20 -57.24
CA LYS H 67 -20.27 1.14 -58.64
C LYS H 67 -21.67 0.51 -58.76
N GLU H 68 -22.21 0.47 -59.97
CA GLU H 68 -23.62 0.07 -60.13
C GLU H 68 -23.84 -1.39 -59.75
N ARG H 69 -23.03 -2.24 -60.37
CA ARG H 69 -22.89 -3.65 -60.02
C ARG H 69 -23.07 -3.89 -58.52
N SER H 70 -22.44 -3.07 -57.68
CA SER H 70 -22.60 -3.37 -56.26
C SER H 70 -24.01 -3.04 -55.75
N ARG H 71 -24.65 -2.02 -56.33
CA ARG H 71 -26.09 -1.74 -56.12
C ARG H 71 -27.01 -2.90 -56.40
N LYS H 72 -27.36 -3.11 -57.66
CA LYS H 72 -28.08 -4.29 -58.14
C LYS H 72 -27.91 -5.52 -57.23
N GLU H 73 -26.66 -5.89 -57.05
CA GLU H 73 -26.16 -6.89 -56.11
C GLU H 73 -26.60 -6.70 -54.65
N LEU H 74 -26.39 -5.49 -54.12
CA LEU H 74 -26.89 -5.15 -52.79
C LEU H 74 -28.39 -5.31 -52.71
N GLU H 75 -29.12 -4.85 -53.72
CA GLU H 75 -30.56 -4.92 -53.66
C GLU H 75 -31.01 -6.36 -53.42
N LYS H 76 -30.38 -7.27 -54.15
CA LYS H 76 -30.69 -8.69 -54.09
C LYS H 76 -30.26 -9.30 -52.78
N LEU H 77 -29.03 -9.02 -52.38
CA LEU H 77 -28.48 -9.56 -51.15
C LEU H 77 -29.29 -9.22 -49.91
N LEU H 78 -29.83 -8.00 -49.86
CA LEU H 78 -30.59 -7.54 -48.69
C LEU H 78 -31.94 -8.23 -48.43
N GLU H 79 -32.42 -9.01 -49.38
CA GLU H 79 -33.58 -9.85 -49.12
C GLU H 79 -33.26 -10.94 -48.12
N GLN H 80 -31.96 -11.26 -48.00
CA GLN H 80 -31.52 -12.23 -47.01
C GLN H 80 -31.52 -11.65 -45.59
N LEU H 81 -31.66 -10.32 -45.45
CA LEU H 81 -31.62 -9.68 -44.13
C LEU H 81 -33.03 -9.32 -43.64
N ASN H 82 -33.17 -8.95 -42.38
CA ASN H 82 -34.43 -8.43 -41.88
C ASN H 82 -34.43 -6.91 -41.89
N GLN H 83 -33.95 -6.27 -42.95
CA GLN H 83 -34.05 -4.82 -42.95
C GLN H 83 -35.41 -4.45 -43.54
N PRO H 84 -36.30 -3.82 -42.76
CA PRO H 84 -37.58 -3.44 -43.37
C PRO H 84 -37.36 -2.54 -44.58
N GLU H 85 -36.34 -1.69 -44.57
CA GLU H 85 -36.07 -0.93 -45.78
C GLU H 85 -34.63 -0.85 -46.22
N ALA H 86 -34.48 -0.66 -47.53
CA ALA H 86 -33.17 -0.69 -48.18
C ALA H 86 -32.60 0.73 -48.24
N HIS H 87 -31.59 0.98 -47.42
CA HIS H 87 -30.98 2.30 -47.33
C HIS H 87 -29.62 2.23 -48.01
N LEU H 88 -29.56 2.63 -49.28
CA LEU H 88 -28.36 2.40 -50.09
C LEU H 88 -27.91 3.73 -50.68
N TYR H 89 -26.61 4.04 -50.54
CA TYR H 89 -26.06 5.30 -51.05
C TYR H 89 -24.81 5.02 -51.84
N GLN H 90 -24.74 5.61 -53.02
CA GLN H 90 -23.51 5.50 -53.79
C GLN H 90 -22.46 6.44 -53.23
N ILE H 91 -21.33 5.91 -52.79
CA ILE H 91 -20.24 6.75 -52.33
C ILE H 91 -18.93 6.16 -52.84
N ASP H 92 -18.31 6.84 -53.80
CA ASP H 92 -16.94 6.53 -54.16
C ASP H 92 -16.02 7.39 -53.28
N VAL H 93 -15.22 6.74 -52.45
CA VAL H 93 -14.43 7.47 -51.47
C VAL H 93 -13.25 8.27 -52.03
N GLN H 94 -13.02 8.20 -53.34
CA GLN H 94 -12.07 9.12 -53.97
C GLN H 94 -12.59 10.53 -54.10
N SER H 95 -13.89 10.68 -53.87
CA SER H 95 -14.55 11.97 -54.08
C SER H 95 -15.00 12.54 -52.74
N ASP H 96 -14.41 13.68 -52.35
CA ASP H 96 -14.86 14.38 -51.17
C ASP H 96 -16.35 14.66 -51.23
N GLU H 97 -16.81 15.19 -52.37
CA GLU H 97 -18.22 15.54 -52.53
C GLU H 97 -19.14 14.36 -52.22
N GLU H 98 -18.82 13.19 -52.75
CA GLU H 98 -19.70 12.04 -52.58
C GLU H 98 -19.73 11.58 -51.11
N VAL H 99 -18.59 11.69 -50.43
CA VAL H 99 -18.54 11.29 -49.02
C VAL H 99 -19.33 12.31 -48.22
N ILE H 100 -19.05 13.58 -48.45
CA ILE H 100 -19.72 14.67 -47.72
C ILE H 100 -21.22 14.60 -47.99
N ASN H 101 -21.62 14.56 -49.26
CA ASN H 101 -23.05 14.57 -49.61
C ASN H 101 -23.77 13.29 -49.25
N GLY H 102 -23.06 12.16 -49.30
CA GLY H 102 -23.63 10.86 -48.95
C GLY H 102 -23.89 10.78 -47.45
N PHE H 103 -22.95 11.18 -46.62
CA PHE H 103 -23.25 11.17 -45.18
C PHE H 103 -24.32 12.20 -44.80
N GLU H 104 -24.28 13.37 -45.44
CA GLU H 104 -25.31 14.36 -45.22
C GLU H 104 -26.70 13.77 -45.47
N GLN H 105 -26.84 13.12 -46.61
CA GLN H 105 -28.13 12.51 -46.96
C GLN H 105 -28.55 11.36 -46.02
N ILE H 106 -27.57 10.57 -45.58
CA ILE H 106 -27.87 9.51 -44.61
C ILE H 106 -28.45 10.09 -43.32
N GLY H 107 -27.88 11.21 -42.90
CA GLY H 107 -28.36 11.94 -41.73
C GLY H 107 -29.77 12.48 -41.92
N LYS H 108 -30.05 13.07 -43.08
CA LYS H 108 -31.42 13.46 -43.37
C LYS H 108 -32.37 12.28 -43.47
N ASP H 109 -31.92 11.16 -44.01
CA ASP H 109 -32.85 10.06 -44.25
C ASP H 109 -33.13 9.24 -43.01
N VAL H 110 -32.13 9.15 -42.14
CA VAL H 110 -32.16 8.12 -41.12
C VAL H 110 -31.90 8.69 -39.72
N GLY H 111 -31.31 9.89 -39.65
CA GLY H 111 -30.93 10.50 -38.38
C GLY H 111 -29.52 10.14 -37.91
N ASN H 112 -29.29 10.25 -36.60
CA ASN H 112 -27.96 10.06 -36.03
C ASN H 112 -27.64 8.58 -36.08
N ILE H 113 -26.34 8.27 -36.18
CA ILE H 113 -25.89 6.90 -36.30
C ILE H 113 -25.03 6.55 -35.10
N ASP H 114 -24.77 5.25 -34.94
CA ASP H 114 -24.00 4.79 -33.79
C ASP H 114 -22.63 4.33 -34.21
N GLY H 115 -22.46 4.13 -35.52
CA GLY H 115 -21.11 3.75 -35.97
C GLY H 115 -21.03 3.48 -37.46
N VAL H 116 -19.81 3.16 -37.88
CA VAL H 116 -19.47 2.95 -39.28
C VAL H 116 -18.50 1.80 -39.38
N TYR H 117 -18.83 0.84 -40.22
CA TYR H 117 -17.88 -0.22 -40.58
C TYR H 117 -17.25 0.10 -41.96
N HIS H 118 -15.94 0.28 -41.99
CA HIS H 118 -15.22 0.60 -43.23
C HIS H 118 -14.53 -0.67 -43.74
N SER H 119 -14.98 -1.12 -44.91
CA SER H 119 -14.45 -2.32 -45.53
C SER H 119 -14.07 -2.00 -46.99
N ILE H 120 -13.13 -1.07 -47.17
CA ILE H 120 -12.87 -0.52 -48.50
C ILE H 120 -11.36 -0.50 -48.71
N ALA H 121 -10.90 -1.07 -49.81
CA ALA H 121 -9.50 -0.95 -50.20
C ALA H 121 -9.41 -1.19 -51.69
N PHE H 122 -8.36 -0.67 -52.26
CA PHE H 122 -8.16 -0.89 -53.70
C PHE H 122 -6.68 -0.74 -54.04
N ALA H 123 -6.17 -1.58 -54.93
CA ALA H 123 -4.87 -1.32 -55.57
C ALA H 123 -4.95 -1.84 -56.98
N ASN H 124 -4.12 -1.31 -57.89
CA ASN H 124 -3.99 -1.92 -59.22
C ASN H 124 -3.39 -3.32 -59.17
N MET H 125 -3.88 -4.21 -60.02
CA MET H 125 -3.52 -5.63 -59.96
C MET H 125 -2.02 -5.87 -60.03
N GLU H 126 -1.36 -5.08 -60.86
CA GLU H 126 0.07 -5.26 -61.10
C GLU H 126 0.90 -4.97 -59.85
N ASP H 127 0.29 -4.29 -58.88
CA ASP H 127 1.02 -3.84 -57.72
C ASP H 127 0.87 -4.86 -56.56
N LEU H 128 0.26 -6.02 -56.86
CA LEU H 128 -0.13 -6.97 -55.81
C LEU H 128 0.54 -8.29 -56.13
N ARG H 129 1.64 -8.17 -56.85
CA ARG H 129 2.44 -9.33 -57.22
C ARG H 129 3.77 -8.76 -57.65
N GLY H 130 4.77 -9.62 -57.81
CA GLY H 130 6.05 -9.21 -58.35
C GLY H 130 6.78 -8.36 -57.32
N ARG H 131 7.57 -7.42 -57.81
CA ARG H 131 8.53 -6.71 -56.99
C ARG H 131 7.98 -5.39 -56.50
N PHE H 132 7.90 -5.27 -55.17
CA PHE H 132 7.45 -4.02 -54.58
C PHE H 132 8.23 -2.77 -54.99
N SER H 133 9.55 -2.90 -55.15
CA SER H 133 10.41 -1.79 -55.58
C SER H 133 10.06 -1.20 -56.96
N GLU H 134 9.22 -1.91 -57.72
CA GLU H 134 8.77 -1.46 -59.05
C GLU H 134 7.44 -0.70 -59.02
N THR H 135 6.86 -0.53 -57.83
CA THR H 135 5.55 0.13 -57.73
C THR H 135 5.59 1.59 -58.29
N SER H 136 4.63 1.94 -59.14
CA SER H 136 4.55 3.32 -59.66
C SER H 136 4.07 4.29 -58.58
N ARG H 137 4.38 5.57 -58.76
CA ARG H 137 3.90 6.59 -57.85
C ARG H 137 2.36 6.64 -57.82
N GLU H 138 1.79 6.56 -59.03
CA GLU H 138 0.36 6.59 -59.21
CA GLU H 138 0.33 6.62 -59.20
C GLU H 138 -0.33 5.44 -58.48
N GLY H 139 0.20 4.22 -58.65
CA GLY H 139 -0.35 3.06 -57.96
C GLY H 139 -0.21 3.15 -56.44
N PHE H 140 0.93 3.66 -55.95
CA PHE H 140 1.15 3.75 -54.51
C PHE H 140 0.15 4.75 -53.92
N LEU H 141 0.02 5.92 -54.58
CA LEU H 141 -0.87 6.96 -54.05
C LEU H 141 -2.35 6.56 -54.17
N LEU H 142 -2.72 5.86 -55.23
CA LEU H 142 -4.10 5.35 -55.39
C LEU H 142 -4.49 4.45 -54.21
N ALA H 143 -3.60 3.52 -53.89
CA ALA H 143 -3.86 2.62 -52.76
C ALA H 143 -3.96 3.37 -51.44
N GLN H 144 -3.08 4.35 -51.21
CA GLN H 144 -3.19 5.22 -50.03
C GLN H 144 -4.51 5.99 -49.94
N ASP H 145 -4.97 6.50 -51.08
CA ASP H 145 -6.13 7.37 -51.14
C ASP H 145 -7.35 6.51 -50.75
N ILE H 146 -7.56 5.43 -51.48
CA ILE H 146 -8.76 4.62 -51.30
C ILE H 146 -8.71 3.84 -49.98
N SER H 147 -7.53 3.35 -49.61
CA SER H 147 -7.44 2.31 -48.57
C SER H 147 -7.11 2.89 -47.18
N SER H 148 -6.64 4.15 -47.15
CA SER H 148 -6.25 4.78 -45.88
C SER H 148 -6.92 6.13 -45.73
N TYR H 149 -6.72 7.05 -46.68
CA TYR H 149 -7.25 8.41 -46.46
C TYR H 149 -8.78 8.34 -46.34
N SER H 150 -9.41 7.43 -47.09
CA SER H 150 -10.87 7.35 -47.06
C SER H 150 -11.37 7.21 -45.63
N LEU H 151 -10.63 6.54 -44.76
CA LEU H 151 -11.12 6.44 -43.37
C LEU H 151 -11.17 7.82 -42.70
N THR H 152 -10.15 8.64 -42.92
CA THR H 152 -10.08 9.98 -42.31
C THR H 152 -11.28 10.86 -42.70
N ILE H 153 -11.61 10.89 -43.99
CA ILE H 153 -12.67 11.80 -44.40
C ILE H 153 -14.02 11.18 -44.00
N VAL H 154 -14.14 9.86 -44.11
CA VAL H 154 -15.33 9.19 -43.58
C VAL H 154 -15.56 9.51 -42.11
N ALA H 155 -14.48 9.48 -41.34
CA ALA H 155 -14.62 9.72 -39.90
C ALA H 155 -15.07 11.15 -39.68
N HIS H 156 -14.53 12.08 -40.47
CA HIS H 156 -14.87 13.50 -40.28
C HIS H 156 -16.35 13.72 -40.57
N GLU H 157 -16.87 13.08 -41.62
CA GLU H 157 -18.26 13.30 -42.02
C GLU H 157 -19.21 12.57 -41.09
N ALA H 158 -18.85 11.32 -40.75
CA ALA H 158 -19.66 10.48 -39.88
C ALA H 158 -19.77 11.06 -38.47
N LYS H 159 -18.74 11.74 -37.97
CA LYS H 159 -18.80 12.39 -36.66
C LYS H 159 -20.01 13.30 -36.59
N LYS H 160 -20.36 13.93 -37.70
CA LYS H 160 -21.47 14.89 -37.65
C LYS H 160 -22.80 14.25 -37.27
N LEU H 161 -22.91 12.94 -37.51
CA LEU H 161 -24.06 12.13 -37.15
C LEU H 161 -23.88 11.37 -35.83
N MET H 162 -22.81 11.65 -35.08
CA MET H 162 -22.63 10.98 -33.81
C MET H 162 -22.39 11.98 -32.67
N PRO H 163 -23.36 12.88 -32.42
CA PRO H 163 -23.10 13.89 -31.40
C PRO H 163 -22.97 13.31 -29.99
N GLU H 164 -23.54 12.15 -29.70
CA GLU H 164 -23.31 11.54 -28.41
C GLU H 164 -22.24 10.44 -28.42
N GLY H 165 -21.51 10.30 -29.50
CA GLY H 165 -20.40 9.31 -29.52
C GLY H 165 -20.77 8.15 -30.41
N GLY H 166 -19.83 7.24 -30.63
CA GLY H 166 -20.08 6.14 -31.55
C GLY H 166 -18.83 5.34 -31.75
N SER H 167 -18.81 4.49 -32.77
CA SER H 167 -17.67 3.60 -32.92
C SER H 167 -17.40 3.41 -34.40
N ILE H 168 -16.14 3.50 -34.81
CA ILE H 168 -15.78 3.37 -36.23
C ILE H 168 -14.79 2.22 -36.34
N VAL H 169 -15.03 1.24 -37.20
CA VAL H 169 -14.13 0.11 -37.35
C VAL H 169 -13.66 -0.02 -38.79
N ALA H 170 -12.37 -0.22 -39.01
CA ALA H 170 -11.86 -0.46 -40.38
C ALA H 170 -11.23 -1.85 -40.44
N THR H 171 -10.98 -2.34 -41.65
CA THR H 171 -10.62 -3.74 -41.84
C THR H 171 -9.20 -3.71 -42.36
N THR H 172 -8.30 -4.39 -41.65
CA THR H 172 -6.91 -4.38 -42.04
C THR H 172 -6.40 -5.80 -42.22
N TYR H 173 -5.11 -5.96 -42.50
CA TYR H 173 -4.55 -7.28 -42.74
C TYR H 173 -3.12 -7.22 -42.14
N LEU H 174 -2.64 -8.38 -41.69
CA LEU H 174 -1.32 -8.54 -41.05
C LEU H 174 -0.19 -8.02 -41.95
N GLY H 175 -0.41 -7.94 -43.26
CA GLY H 175 0.58 -7.36 -44.17
C GLY H 175 0.87 -5.90 -43.88
N GLY H 176 0.03 -5.24 -43.09
CA GLY H 176 0.38 -3.87 -42.63
C GLY H 176 1.38 -3.80 -41.47
N GLU H 177 1.65 -4.94 -40.83
CA GLU H 177 2.56 -5.05 -39.70
C GLU H 177 3.84 -5.76 -40.09
N PHE H 178 3.78 -6.63 -41.09
CA PHE H 178 4.93 -7.39 -41.56
C PHE H 178 4.91 -7.40 -43.07
N ALA H 179 6.09 -7.54 -43.65
CA ALA H 179 6.18 -7.66 -45.10
C ALA H 179 5.78 -9.07 -45.53
N VAL H 180 4.73 -9.17 -46.34
CA VAL H 180 4.17 -10.44 -46.79
C VAL H 180 4.43 -10.46 -48.29
N GLN H 181 4.80 -11.61 -48.86
CA GLN H 181 5.01 -11.72 -50.29
C GLN H 181 3.80 -11.18 -51.08
N ASN H 182 4.03 -10.47 -52.19
CA ASN H 182 2.95 -10.07 -53.10
C ASN H 182 2.04 -8.93 -52.65
N TYR H 183 1.73 -8.86 -51.37
CA TYR H 183 0.74 -7.90 -50.88
C TYR H 183 1.25 -6.47 -51.10
N ASN H 184 2.56 -6.26 -50.99
CA ASN H 184 3.25 -5.12 -51.62
C ASN H 184 2.56 -3.78 -51.33
N VAL H 185 2.11 -3.08 -52.37
CA VAL H 185 1.56 -1.74 -52.15
C VAL H 185 0.46 -1.70 -51.09
N MET H 186 -0.36 -2.75 -51.02
CA MET H 186 -1.41 -2.80 -50.01
C MET H 186 -0.87 -2.96 -48.55
N GLY H 187 0.30 -3.58 -48.39
CA GLY H 187 0.89 -3.71 -47.07
C GLY H 187 1.20 -2.29 -46.59
N VAL H 188 1.76 -1.46 -47.47
CA VAL H 188 2.12 -0.10 -47.06
C VAL H 188 0.84 0.72 -46.82
N ALA H 189 -0.18 0.54 -47.66
CA ALA H 189 -1.48 1.18 -47.40
C ALA H 189 -2.13 0.73 -46.10
N LYS H 190 -1.97 -0.54 -45.68
CA LYS H 190 -2.60 -0.97 -44.44
C LYS H 190 -1.78 -0.46 -43.24
N ALA H 191 -0.47 -0.35 -43.39
CA ALA H 191 0.29 0.26 -42.28
C ALA H 191 -0.20 1.70 -42.05
N SER H 192 -0.42 2.40 -43.15
CA SER H 192 -0.96 3.74 -43.14
C SER H 192 -2.34 3.74 -42.49
N LEU H 193 -3.17 2.78 -42.90
CA LEU H 193 -4.52 2.70 -42.33
C LEU H 193 -4.49 2.42 -40.82
N GLU H 194 -3.61 1.54 -40.37
CA GLU H 194 -3.52 1.22 -38.95
C GLU H 194 -3.04 2.45 -38.12
N ALA H 195 -2.12 3.26 -38.66
CA ALA H 195 -1.77 4.49 -37.96
C ALA H 195 -2.93 5.51 -38.01
N ASN H 196 -3.62 5.58 -39.13
CA ASN H 196 -4.83 6.41 -39.29
C ASN H 196 -5.84 6.11 -38.16
N VAL H 197 -6.10 4.82 -37.88
CA VAL H 197 -6.98 4.43 -36.78
C VAL H 197 -6.47 5.03 -35.45
N LYS H 198 -5.17 4.93 -35.19
CA LYS H 198 -4.70 5.44 -33.90
C LYS H 198 -4.82 6.96 -33.85
N TYR H 199 -4.39 7.67 -34.88
CA TYR H 199 -4.51 9.14 -34.85
C TYR H 199 -5.96 9.60 -34.78
N LEU H 200 -6.87 8.86 -35.41
CA LEU H 200 -8.31 9.22 -35.30
C LEU H 200 -8.80 8.89 -33.90
N ALA H 201 -8.37 7.75 -33.36
CA ALA H 201 -8.73 7.45 -31.96
C ALA H 201 -8.35 8.61 -31.01
N LEU H 202 -7.12 9.10 -31.14
CA LEU H 202 -6.65 10.17 -30.25
C LEU H 202 -7.51 11.41 -30.52
N ASP H 203 -7.78 11.72 -31.77
CA ASP H 203 -8.48 12.98 -32.10
C ASP H 203 -9.94 12.95 -31.62
N LEU H 204 -10.62 11.82 -31.83
CA LEU H 204 -12.08 11.76 -31.74
C LEU H 204 -12.49 11.17 -30.40
N GLY H 205 -11.52 10.70 -29.63
CA GLY H 205 -11.78 10.12 -28.28
C GLY H 205 -12.48 11.10 -27.32
N PRO H 206 -12.10 12.38 -27.37
CA PRO H 206 -12.84 13.31 -26.48
C PRO H 206 -14.28 13.58 -26.95
N ASP H 207 -14.62 13.19 -28.18
CA ASP H 207 -16.01 13.25 -28.63
C ASP H 207 -16.74 11.93 -28.36
N ASN H 208 -16.09 11.04 -27.60
CA ASN H 208 -16.63 9.71 -27.29
C ASN H 208 -16.86 8.90 -28.55
N ILE H 209 -15.99 9.09 -29.55
CA ILE H 209 -16.01 8.24 -30.74
C ILE H 209 -14.78 7.36 -30.69
N ARG H 210 -15.00 6.05 -30.65
CA ARG H 210 -13.88 5.11 -30.66
C ARG H 210 -13.55 4.69 -32.08
N VAL H 211 -12.28 4.37 -32.33
CA VAL H 211 -11.90 3.98 -33.69
C VAL H 211 -10.94 2.81 -33.51
N ASN H 212 -11.18 1.69 -34.19
CA ASN H 212 -10.41 0.47 -33.97
C ASN H 212 -10.32 -0.24 -35.33
N ALA H 213 -9.45 -1.24 -35.42
CA ALA H 213 -9.34 -2.05 -36.63
C ALA H 213 -9.58 -3.49 -36.29
N ILE H 214 -9.99 -4.25 -37.31
CA ILE H 214 -9.96 -5.72 -37.25
C ILE H 214 -8.98 -6.15 -38.30
N SER H 215 -8.01 -6.95 -37.90
CA SER H 215 -7.03 -7.51 -38.83
C SER H 215 -7.55 -8.90 -39.15
N ALA H 216 -8.20 -9.04 -40.31
CA ALA H 216 -8.82 -10.34 -40.66
C ALA H 216 -7.74 -11.25 -41.26
N GLY H 217 -7.81 -12.55 -40.95
CA GLY H 217 -7.07 -13.54 -41.72
C GLY H 217 -7.57 -13.61 -43.17
N PRO H 218 -6.82 -14.33 -44.02
CA PRO H 218 -7.20 -14.41 -45.43
C PRO H 218 -8.57 -15.09 -45.62
N ILE H 219 -9.37 -14.53 -46.54
CA ILE H 219 -10.72 -14.98 -46.78
C ILE H 219 -10.97 -14.84 -48.28
N ARG H 220 -11.58 -15.86 -48.92
CA ARG H 220 -11.82 -15.83 -50.38
C ARG H 220 -12.91 -14.83 -50.69
N THR H 221 -12.50 -13.70 -51.25
CA THR H 221 -13.45 -12.65 -51.63
C THR H 221 -13.11 -12.16 -53.03
N LEU H 222 -13.94 -11.28 -53.58
CA LEU H 222 -13.62 -10.68 -54.87
C LEU H 222 -12.25 -9.99 -54.90
N SER H 223 -11.88 -9.27 -53.84
CA SER H 223 -10.57 -8.61 -53.79
C SER H 223 -9.41 -9.56 -53.58
N ALA H 224 -9.64 -10.66 -52.86
CA ALA H 224 -8.60 -11.69 -52.76
C ALA H 224 -8.08 -12.22 -54.10
N LYS H 225 -8.90 -12.23 -55.14
CA LYS H 225 -8.45 -12.77 -56.43
C LYS H 225 -7.27 -11.96 -56.96
N GLY H 226 -7.21 -10.69 -56.58
CA GLY H 226 -6.13 -9.82 -57.03
C GLY H 226 -4.78 -10.03 -56.36
N VAL H 227 -4.76 -10.75 -55.23
CA VAL H 227 -3.55 -10.77 -54.44
C VAL H 227 -2.73 -11.94 -54.90
N GLY H 228 -1.52 -11.68 -55.36
CA GLY H 228 -0.65 -12.75 -55.81
C GLY H 228 -0.50 -13.82 -54.73
N GLY H 229 -0.61 -15.10 -55.11
CA GLY H 229 -0.32 -16.17 -54.15
C GLY H 229 -1.37 -16.38 -53.08
N PHE H 230 -2.57 -15.84 -53.29
CA PHE H 230 -3.57 -15.94 -52.23
C PHE H 230 -3.77 -17.39 -51.72
N ASN H 231 -3.87 -18.37 -52.61
CA ASN H 231 -4.11 -19.75 -52.18
C ASN H 231 -3.03 -20.32 -51.27
N THR H 232 -1.78 -19.93 -51.50
CA THR H 232 -0.67 -20.30 -50.61
C THR H 232 -0.80 -19.67 -49.22
N ILE H 233 -1.23 -18.42 -49.21
CA ILE H 233 -1.49 -17.73 -47.94
C ILE H 233 -2.55 -18.48 -47.15
N LEU H 234 -3.67 -18.81 -47.79
CA LEU H 234 -4.75 -19.53 -47.10
C LEU H 234 -4.26 -20.85 -46.50
N LYS H 235 -3.54 -21.66 -47.28
CA LYS H 235 -3.06 -22.96 -46.85
C LYS H 235 -2.10 -22.84 -45.66
N GLU H 236 -1.27 -21.80 -45.68
CA GLU H 236 -0.35 -21.62 -44.56
C GLU H 236 -1.12 -21.44 -43.25
N ILE H 237 -2.21 -20.67 -43.22
CA ILE H 237 -2.99 -20.55 -42.00
C ILE H 237 -3.44 -21.92 -41.46
N GLU H 238 -3.95 -22.80 -42.31
CA GLU H 238 -4.45 -24.08 -41.82
C GLU H 238 -3.35 -24.89 -41.24
N GLU H 239 -2.18 -24.82 -41.88
CA GLU H 239 -1.03 -25.61 -41.43
C GLU H 239 -0.37 -25.06 -40.16
N ARG H 240 -0.30 -23.72 -40.03
CA ARG H 240 0.55 -23.13 -39.00
C ARG H 240 -0.15 -22.30 -37.93
N ALA H 241 -1.34 -21.76 -38.21
CA ALA H 241 -1.99 -20.91 -37.18
C ALA H 241 -2.43 -21.78 -36.00
N PRO H 242 -2.46 -21.20 -34.78
CA PRO H 242 -2.85 -21.94 -33.58
C PRO H 242 -4.16 -22.73 -33.74
N LEU H 243 -5.19 -22.15 -34.37
CA LEU H 243 -6.45 -22.89 -34.52
C LEU H 243 -6.42 -23.86 -35.70
N LYS H 244 -5.38 -23.79 -36.52
CA LYS H 244 -5.27 -24.74 -37.65
C LYS H 244 -6.49 -24.76 -38.55
N ARG H 245 -7.09 -23.58 -38.76
CA ARG H 245 -8.17 -23.45 -39.71
C ARG H 245 -8.19 -22.00 -40.13
N ASN H 246 -8.92 -21.75 -41.21
CA ASN H 246 -9.14 -20.37 -41.67
C ASN H 246 -10.37 -19.78 -41.00
N VAL H 247 -10.47 -18.44 -41.04
CA VAL H 247 -11.63 -17.74 -40.49
C VAL H 247 -12.66 -17.41 -41.58
N ASP H 248 -13.84 -16.94 -41.19
CA ASP H 248 -14.75 -16.53 -42.26
C ASP H 248 -15.35 -15.16 -41.96
N GLN H 249 -16.19 -14.71 -42.89
CA GLN H 249 -16.63 -13.33 -42.89
C GLN H 249 -17.51 -13.11 -41.65
N VAL H 250 -18.24 -14.16 -41.26
CA VAL H 250 -19.12 -14.04 -40.10
C VAL H 250 -18.32 -13.91 -38.81
N GLU H 251 -17.16 -14.56 -38.74
CA GLU H 251 -16.32 -14.34 -37.58
C GLU H 251 -15.80 -12.91 -37.46
N VAL H 252 -15.42 -12.33 -38.60
CA VAL H 252 -15.11 -10.90 -38.62
C VAL H 252 -16.32 -10.11 -38.15
N GLY H 253 -17.51 -10.43 -38.64
CA GLY H 253 -18.72 -9.74 -38.22
C GLY H 253 -19.00 -9.85 -36.73
N LYS H 254 -18.71 -10.99 -36.10
CA LYS H 254 -18.97 -11.07 -34.67
C LYS H 254 -18.00 -10.16 -33.89
N THR H 255 -16.73 -10.12 -34.27
CA THR H 255 -15.83 -9.16 -33.61
C THR H 255 -16.21 -7.71 -33.92
N ALA H 256 -16.70 -7.46 -35.13
CA ALA H 256 -17.23 -6.14 -35.46
C ALA H 256 -18.40 -5.72 -34.53
N ALA H 257 -19.32 -6.64 -34.24
CA ALA H 257 -20.42 -6.38 -33.32
C ALA H 257 -19.85 -6.00 -31.95
N TYR H 258 -18.81 -6.71 -31.48
CA TYR H 258 -18.18 -6.34 -30.20
C TYR H 258 -17.67 -4.89 -30.25
N LEU H 259 -16.86 -4.61 -31.28
CA LEU H 259 -16.24 -3.29 -31.45
C LEU H 259 -17.25 -2.16 -31.63
N LEU H 260 -18.34 -2.46 -32.31
CA LEU H 260 -19.39 -1.45 -32.61
C LEU H 260 -20.36 -1.25 -31.45
N SER H 261 -20.34 -2.15 -30.46
CA SER H 261 -21.29 -2.03 -29.35
C SER H 261 -20.60 -1.50 -28.10
N ASP H 262 -21.43 -1.32 -27.07
CA ASP H 262 -21.00 -0.93 -25.74
C ASP H 262 -20.15 -2.03 -25.09
N LEU H 263 -20.11 -3.26 -25.60
CA LEU H 263 -19.25 -4.25 -24.96
C LEU H 263 -17.78 -3.83 -24.96
N SER H 264 -17.38 -3.06 -25.97
CA SER H 264 -16.00 -2.64 -26.08
C SER H 264 -15.78 -1.20 -25.60
N SER H 265 -16.66 -0.73 -24.70
N SER H 265 -16.59 -0.67 -24.67
CA SER H 265 -16.46 0.60 -24.14
CA SER H 265 -16.57 0.78 -24.41
C SER H 265 -15.08 0.54 -23.47
C SER H 265 -15.18 1.37 -24.01
N GLY H 266 -14.34 1.63 -23.60
N GLY H 266 -14.30 0.53 -23.46
CA GLY H 266 -12.96 1.63 -23.13
CA GLY H 266 -13.02 1.01 -22.94
C GLY H 266 -11.91 1.18 -24.13
C GLY H 266 -11.92 0.82 -23.98
N VAL H 267 -12.30 0.53 -25.24
CA VAL H 267 -11.33 -0.01 -26.22
C VAL H 267 -11.25 0.94 -27.38
N THR H 268 -10.11 1.58 -27.59
CA THR H 268 -9.99 2.44 -28.78
C THR H 268 -8.53 2.43 -29.24
N GLY H 269 -8.33 2.74 -30.52
CA GLY H 269 -6.98 2.68 -31.09
C GLY H 269 -6.43 1.25 -31.15
N GLU H 270 -7.31 0.27 -31.10
CA GLU H 270 -6.86 -1.12 -30.99
C GLU H 270 -6.99 -1.85 -32.33
N ASN H 271 -6.26 -2.95 -32.48
CA ASN H 271 -6.30 -3.73 -33.73
C ASN H 271 -6.53 -5.14 -33.29
N ILE H 272 -7.72 -5.69 -33.54
CA ILE H 272 -8.02 -7.06 -33.05
C ILE H 272 -7.83 -8.04 -34.19
N HIS H 273 -6.94 -9.03 -34.01
CA HIS H 273 -6.67 -9.98 -35.09
C HIS H 273 -7.71 -11.09 -35.01
N VAL H 274 -8.50 -11.24 -36.07
CA VAL H 274 -9.42 -12.36 -36.22
C VAL H 274 -8.80 -13.22 -37.32
N ASP H 275 -7.84 -14.04 -36.90
CA ASP H 275 -6.98 -14.69 -37.90
C ASP H 275 -6.51 -16.07 -37.42
N SER H 276 -7.21 -16.65 -36.46
CA SER H 276 -6.89 -18.01 -35.98
C SER H 276 -5.60 -18.04 -35.17
N GLY H 277 -5.22 -16.86 -34.69
CA GLY H 277 -3.96 -16.72 -33.95
C GLY H 277 -2.68 -16.58 -34.74
N PHE H 278 -2.77 -16.46 -36.06
CA PHE H 278 -1.56 -16.46 -36.88
C PHE H 278 -0.61 -15.32 -36.50
N HIS H 279 -1.17 -14.17 -36.15
CA HIS H 279 -0.36 -13.00 -35.79
C HIS H 279 0.62 -13.29 -34.64
N ALA H 280 0.28 -14.26 -33.77
CA ALA H 280 1.02 -14.45 -32.52
C ALA H 280 2.17 -15.44 -32.70
N ILE H 281 2.35 -16.00 -33.91
CA ILE H 281 3.33 -17.05 -34.10
C ILE H 281 4.36 -16.62 -35.15
N LYS H 282 5.48 -17.32 -35.14
CA LYS H 282 6.50 -17.16 -36.18
C LYS H 282 7.22 -18.51 -36.36
#